data_4MZO
#
_entry.id   4MZO
#
_cell.length_a   73.205
_cell.length_b   86.063
_cell.length_c   119.320
_cell.angle_alpha   90.00
_cell.angle_beta   90.46
_cell.angle_gamma   90.00
#
_symmetry.space_group_name_H-M   'P 1 21 1'
#
loop_
_entity.id
_entity.type
_entity.pdbx_description
1 polymer 'Cathepsin S'
2 non-polymer (3S,4S)-N-[(2E)-2-iminoethyl]-4-(morpholin-4-ylcarbonyl)-1-(phenylsulfonyl)pyrrolidine-3-carboxamide
3 water water
#
_entity_poly.entity_id   1
_entity_poly.type   'polypeptide(L)'
_entity_poly.pdbx_seq_one_letter_code
;RSYSNRTLPDTVDWREKGCVTEVKYQGSCGACWAFSAVGALEGQLKLKTGKLISLSAQNLVDCSNEEKYGNKGCGGGYMT
EAFQYIIDNGGIEADASYPYKAMDEKCHYNSKNRAATCSRYIQLPFGDEDALKEAVATKGPVSVGIDASHSSFFFYKSGV
YDDPSCTGNVNHGVLVVGYGTLDGKDYWLVKNSWGLNFGDQGYIRMARNNKNHCGIASYCSYPEI
;
_entity_poly.pdbx_strand_id   A,B,C,D,E,F,G,H
#
# COMPACT_ATOMS: atom_id res chain seq x y z
N LEU A 8 5.49 -11.36 57.41
CA LEU A 8 5.46 -12.01 56.03
C LEU A 8 5.16 -10.97 54.97
N PRO A 9 5.92 -11.01 53.85
CA PRO A 9 5.75 -10.08 52.71
C PRO A 9 4.31 -10.25 52.25
N ASP A 10 3.66 -9.14 51.87
CA ASP A 10 2.38 -9.17 51.15
C ASP A 10 2.37 -10.09 49.88
N THR A 11 3.46 -10.07 49.14
CA THR A 11 3.52 -10.63 47.83
C THR A 11 4.77 -11.47 47.82
N VAL A 12 4.59 -12.71 47.42
CA VAL A 12 5.71 -13.54 47.05
C VAL A 12 5.52 -14.02 45.58
N ASP A 13 6.64 -14.19 44.92
CA ASP A 13 6.68 -14.70 43.59
C ASP A 13 8.06 -15.32 43.30
N TRP A 14 8.15 -16.62 43.40
CA TRP A 14 9.45 -17.33 43.26
C TRP A 14 10.22 -17.24 41.93
N ARG A 15 9.56 -16.85 40.86
CA ARG A 15 10.22 -16.57 39.57
C ARG A 15 11.26 -15.44 39.74
N GLU A 16 11.02 -14.51 40.66
CA GLU A 16 11.88 -13.34 40.94
C GLU A 16 13.18 -13.71 41.61
N LYS A 17 13.19 -14.90 42.20
CA LYS A 17 14.39 -15.52 42.77
C LYS A 17 15.02 -16.56 41.83
N GLY A 18 14.48 -16.67 40.62
CA GLY A 18 14.91 -17.63 39.66
C GLY A 18 14.62 -19.06 40.11
N CYS A 19 13.56 -19.32 40.86
CA CYS A 19 13.46 -20.69 41.37
C CYS A 19 12.42 -21.53 40.67
N VAL A 20 11.85 -21.00 39.58
CA VAL A 20 10.75 -21.65 38.93
C VAL A 20 11.17 -21.87 37.48
N THR A 21 11.16 -23.12 36.99
CA THR A 21 11.48 -23.39 35.57
C THR A 21 10.32 -23.07 34.59
N GLU A 22 10.50 -23.44 33.32
CA GLU A 22 9.47 -23.07 32.34
C GLU A 22 8.17 -23.89 32.51
N VAL A 23 7.04 -23.28 32.17
CA VAL A 23 5.78 -24.04 32.13
C VAL A 23 5.90 -25.16 31.17
N LYS A 24 5.41 -26.33 31.65
CA LYS A 24 5.42 -27.64 30.92
C LYS A 24 3.97 -27.94 30.35
N TYR A 25 3.91 -28.82 29.35
CA TYR A 25 2.61 -29.12 28.81
C TYR A 25 2.48 -30.58 28.99
N GLN A 26 1.55 -31.02 29.82
CA GLN A 26 1.47 -32.43 30.05
C GLN A 26 0.77 -33.23 28.99
N GLY A 27 -0.09 -32.56 28.21
CA GLY A 27 -0.91 -33.27 27.25
C GLY A 27 -1.84 -34.35 27.83
N SER A 28 -1.99 -35.48 27.12
CA SER A 28 -3.09 -36.41 27.52
C SER A 28 -2.71 -37.31 28.68
N CYS A 29 -1.51 -37.23 29.09
CA CYS A 29 -0.95 -38.02 30.15
C CYS A 29 -1.24 -37.29 31.44
N GLY A 30 -1.97 -38.00 32.30
CA GLY A 30 -2.28 -37.48 33.61
C GLY A 30 -1.08 -37.45 34.60
N ALA A 31 -0.13 -36.62 34.18
CA ALA A 31 1.13 -36.46 34.88
C ALA A 31 1.15 -35.17 35.74
N CYS A 32 0.03 -34.46 35.94
CA CYS A 32 0.07 -33.22 36.76
C CYS A 32 0.89 -33.38 38.10
N TRP A 33 0.60 -34.49 38.76
CA TRP A 33 1.28 -34.85 40.03
C TRP A 33 2.76 -34.86 39.92
N ALA A 34 3.18 -35.50 38.87
CA ALA A 34 4.66 -35.47 38.53
C ALA A 34 5.26 -34.07 38.29
N PHE A 35 4.51 -33.32 37.47
CA PHE A 35 4.90 -31.92 37.28
C PHE A 35 4.93 -31.11 38.55
N SER A 36 3.93 -31.23 39.36
CA SER A 36 3.83 -30.47 40.56
C SER A 36 5.01 -30.84 41.47
N ALA A 37 5.38 -32.12 41.46
CA ALA A 37 6.42 -32.62 42.40
C ALA A 37 7.81 -32.14 41.93
N VAL A 38 8.13 -32.25 40.63
CA VAL A 38 9.43 -31.75 40.05
C VAL A 38 9.53 -30.24 40.28
N GLY A 39 8.40 -29.54 40.19
CA GLY A 39 8.34 -28.13 40.43
C GLY A 39 8.87 -27.81 41.78
N ALA A 40 8.22 -28.39 42.80
CA ALA A 40 8.67 -28.12 44.17
C ALA A 40 10.17 -28.51 44.34
N LEU A 41 10.64 -29.59 43.73
CA LEU A 41 12.05 -29.97 43.96
C LEU A 41 13.01 -29.10 43.12
N GLU A 42 12.58 -28.64 41.94
CA GLU A 42 13.36 -27.64 41.20
C GLU A 42 13.65 -26.45 42.11
N GLY A 43 12.69 -26.08 42.94
CA GLY A 43 12.79 -24.83 43.67
C GLY A 43 13.82 -24.96 44.77
N GLN A 44 13.71 -26.02 45.53
CA GLN A 44 14.73 -26.35 46.51
C GLN A 44 16.06 -26.54 45.84
N LEU A 45 16.07 -27.12 44.65
CA LEU A 45 17.36 -27.40 44.05
C LEU A 45 18.13 -26.13 43.65
N LYS A 46 17.48 -25.17 42.96
CA LYS A 46 17.94 -23.72 42.86
C LYS A 46 18.34 -23.23 44.23
N LEU A 47 17.46 -23.36 45.25
CA LEU A 47 17.64 -22.60 46.48
C LEU A 47 18.85 -23.07 47.26
N LYS A 48 19.18 -24.35 47.05
CA LYS A 48 20.35 -24.96 47.72
C LYS A 48 21.62 -24.89 46.87
N THR A 49 21.54 -25.19 45.58
CA THR A 49 22.77 -25.25 44.79
C THR A 49 23.02 -23.96 43.98
N GLY A 50 21.94 -23.21 43.78
CA GLY A 50 21.96 -22.11 42.85
C GLY A 50 21.68 -22.35 41.37
N LYS A 51 21.39 -23.59 40.95
CA LYS A 51 21.06 -23.91 39.58
C LYS A 51 19.60 -24.28 39.41
N LEU A 52 19.14 -23.94 38.21
CA LEU A 52 17.73 -24.14 37.83
C LEU A 52 17.71 -25.13 36.67
N ILE A 53 17.15 -26.32 36.91
CA ILE A 53 17.24 -27.42 35.98
C ILE A 53 15.89 -28.12 36.00
N SER A 54 15.16 -28.12 34.86
CA SER A 54 13.90 -28.90 34.73
CA SER A 54 13.90 -28.85 34.83
C SER A 54 14.20 -30.31 35.10
N LEU A 55 13.54 -30.79 36.16
CA LEU A 55 13.64 -32.16 36.56
C LEU A 55 12.71 -33.13 35.86
N SER A 56 13.11 -34.38 35.91
CA SER A 56 12.45 -35.40 35.09
C SER A 56 10.99 -35.84 35.57
N ALA A 57 9.96 -35.17 35.07
CA ALA A 57 8.63 -35.72 35.42
C ALA A 57 8.38 -37.08 34.78
N GLN A 58 8.97 -37.35 33.61
CA GLN A 58 8.93 -38.78 33.07
C GLN A 58 9.47 -39.82 34.02
N ASN A 59 10.59 -39.51 34.68
CA ASN A 59 11.21 -40.49 35.55
C ASN A 59 10.21 -40.92 36.64
N LEU A 60 9.43 -39.94 37.12
CA LEU A 60 8.43 -40.28 38.15
C LEU A 60 7.31 -41.18 37.58
N VAL A 61 6.78 -40.76 36.42
CA VAL A 61 5.82 -41.53 35.64
C VAL A 61 6.29 -42.94 35.54
N ASP A 62 7.39 -43.14 34.88
CA ASP A 62 7.85 -44.45 34.58
C ASP A 62 8.17 -45.40 35.74
N CYS A 63 8.73 -44.78 36.76
CA CYS A 63 9.34 -45.56 37.85
C CYS A 63 8.57 -45.70 39.19
N SER A 64 7.56 -44.82 39.42
CA SER A 64 6.80 -44.88 40.66
C SER A 64 5.45 -45.60 40.44
N ASN A 65 5.25 -46.22 39.28
CA ASN A 65 3.99 -46.99 38.96
C ASN A 65 4.05 -48.40 39.56
N GLU A 66 4.06 -48.49 40.91
CA GLU A 66 3.85 -49.78 41.63
C GLU A 66 3.12 -49.60 42.99
N GLU A 67 2.44 -50.63 43.53
CA GLU A 67 1.73 -50.53 44.80
C GLU A 67 2.56 -49.98 45.98
N LYS A 68 3.89 -50.18 45.93
CA LYS A 68 4.84 -49.53 46.86
C LYS A 68 4.44 -48.05 46.97
N TYR A 69 4.14 -47.38 45.87
CA TYR A 69 3.62 -45.99 45.97
C TYR A 69 2.19 -45.62 45.74
N GLY A 70 1.45 -46.35 44.93
CA GLY A 70 0.05 -45.95 44.67
C GLY A 70 -0.06 -44.95 43.54
N ASN A 71 1.10 -44.58 43.01
CA ASN A 71 1.10 -43.78 41.76
C ASN A 71 0.76 -44.71 40.57
N LYS A 72 0.23 -44.06 39.53
CA LYS A 72 -0.44 -44.69 38.40
C LYS A 72 0.09 -44.26 37.04
N GLY A 73 1.29 -43.70 37.09
CA GLY A 73 1.85 -43.08 35.87
C GLY A 73 0.90 -42.08 35.25
N CYS A 74 0.63 -42.23 33.96
CA CYS A 74 -0.32 -41.36 33.23
C CYS A 74 -1.75 -41.44 33.78
N GLY A 75 -2.00 -42.45 34.59
CA GLY A 75 -3.25 -42.66 35.32
C GLY A 75 -3.48 -41.76 36.55
N GLY A 76 -2.49 -40.91 36.86
CA GLY A 76 -2.50 -40.12 38.04
C GLY A 76 -1.72 -40.66 39.21
N GLY A 77 -1.62 -39.89 40.32
CA GLY A 77 -0.81 -40.23 41.50
C GLY A 77 -0.57 -38.99 42.41
N TYR A 78 0.46 -39.10 43.25
CA TYR A 78 0.51 -38.18 44.36
C TYR A 78 1.84 -37.48 44.53
N MET A 79 1.81 -36.20 44.78
CA MET A 79 3.10 -35.54 44.77
C MET A 79 3.95 -36.09 45.99
N THR A 80 3.29 -36.42 47.09
CA THR A 80 4.03 -36.93 48.32
C THR A 80 4.68 -38.29 47.99
N GLU A 81 3.96 -39.14 47.28
CA GLU A 81 4.57 -40.44 46.78
C GLU A 81 5.72 -40.28 45.68
N ALA A 82 5.59 -39.22 44.84
CA ALA A 82 6.65 -38.82 43.96
C ALA A 82 7.93 -38.53 44.84
N PHE A 83 7.79 -37.56 45.79
CA PHE A 83 8.87 -37.29 46.74
C PHE A 83 9.47 -38.51 47.42
N GLN A 84 8.59 -39.47 47.87
CA GLN A 84 9.01 -40.70 48.52
C GLN A 84 9.82 -41.59 47.55
N TYR A 85 9.42 -41.65 46.25
CA TYR A 85 10.12 -42.42 45.23
C TYR A 85 11.47 -41.78 45.13
N ILE A 86 11.62 -40.46 45.00
CA ILE A 86 13.00 -39.86 44.91
C ILE A 86 13.92 -40.25 46.10
N ILE A 87 13.35 -40.16 47.27
CA ILE A 87 14.02 -40.63 48.47
C ILE A 87 14.36 -42.08 48.33
N ASP A 88 13.37 -42.91 48.07
CA ASP A 88 13.70 -44.33 47.98
C ASP A 88 14.76 -44.63 46.90
N ASN A 89 14.69 -43.87 45.81
CA ASN A 89 15.46 -44.22 44.59
C ASN A 89 16.86 -43.60 44.55
N GLY A 90 17.02 -42.65 45.51
CA GLY A 90 18.33 -42.03 45.71
C GLY A 90 18.62 -40.91 44.77
N GLY A 91 17.63 -40.57 43.93
CA GLY A 91 17.79 -39.49 43.03
C GLY A 91 16.69 -39.51 42.02
N ILE A 92 16.78 -38.50 41.19
CA ILE A 92 15.94 -38.30 39.97
C ILE A 92 16.79 -37.57 38.94
N GLU A 93 16.55 -37.90 37.70
CA GLU A 93 17.27 -37.29 36.61
C GLU A 93 16.61 -35.98 36.21
N ALA A 94 17.32 -35.15 35.45
CA ALA A 94 16.80 -34.02 34.74
C ALA A 94 16.04 -34.46 33.59
N ASP A 95 15.19 -33.56 33.15
CA ASP A 95 14.39 -33.73 31.99
C ASP A 95 15.29 -33.85 30.77
N ALA A 96 16.39 -33.08 30.80
CA ALA A 96 17.17 -33.10 29.61
C ALA A 96 17.74 -34.50 29.27
N SER A 97 18.02 -35.30 30.31
CA SER A 97 18.43 -36.68 30.13
C SER A 97 17.30 -37.74 30.23
N TYR A 98 16.10 -37.37 30.68
CA TYR A 98 15.07 -38.39 30.89
C TYR A 98 13.78 -37.70 30.54
N PRO A 99 13.54 -37.64 29.24
CA PRO A 99 12.65 -36.56 28.82
C PRO A 99 11.23 -37.04 28.80
N TYR A 100 10.33 -36.05 28.85
CA TYR A 100 8.83 -36.21 28.92
C TYR A 100 8.29 -36.68 27.58
N LYS A 101 7.59 -37.83 27.64
CA LYS A 101 7.01 -38.42 26.48
C LYS A 101 5.48 -38.51 26.40
N ALA A 102 4.82 -38.28 27.52
CA ALA A 102 3.36 -38.18 27.57
C ALA A 102 2.82 -39.61 27.48
N MET A 103 3.59 -40.57 28.00
CA MET A 103 3.04 -41.96 28.01
C MET A 103 3.73 -42.76 29.09
N ASP A 104 3.20 -43.94 29.33
CA ASP A 104 3.86 -44.83 30.29
C ASP A 104 4.93 -45.68 29.58
N GLU A 105 6.10 -45.70 30.17
CA GLU A 105 7.22 -46.48 29.65
C GLU A 105 7.94 -47.22 30.79
N LYS A 106 8.75 -48.21 30.42
CA LYS A 106 9.58 -48.87 31.33
C LYS A 106 10.63 -47.92 31.95
N CYS A 107 10.72 -48.03 33.27
CA CYS A 107 11.70 -47.39 34.07
C CYS A 107 13.02 -47.56 33.43
N HIS A 108 13.60 -46.38 33.14
CA HIS A 108 15.02 -46.39 32.71
C HIS A 108 15.96 -45.38 33.31
N TYR A 109 15.68 -45.11 34.60
CA TYR A 109 16.47 -44.36 35.51
C TYR A 109 17.91 -44.87 35.62
N ASN A 110 18.81 -43.92 35.47
CA ASN A 110 20.23 -44.20 35.45
C ASN A 110 20.88 -43.31 36.50
N SER A 111 21.35 -43.84 37.65
CA SER A 111 21.99 -42.99 38.65
C SER A 111 23.20 -42.13 38.19
N LYS A 112 23.88 -42.52 37.10
CA LYS A 112 24.95 -41.65 36.57
C LYS A 112 24.39 -40.27 36.29
N ASN A 113 23.12 -40.25 35.94
CA ASN A 113 22.46 -39.02 35.52
C ASN A 113 21.64 -38.31 36.66
N ARG A 114 21.90 -38.68 37.92
CA ARG A 114 21.18 -38.04 39.08
C ARG A 114 21.37 -36.53 39.00
N ALA A 115 20.26 -35.77 39.10
CA ALA A 115 20.43 -34.31 39.11
C ALA A 115 19.93 -33.68 40.35
N ALA A 116 19.18 -34.46 41.15
CA ALA A 116 18.69 -34.00 42.41
C ALA A 116 18.33 -35.26 43.27
N THR A 117 18.18 -34.93 44.60
CA THR A 117 18.02 -35.94 45.65
C THR A 117 16.94 -35.46 46.53
N CYS A 118 16.32 -36.37 47.25
CA CYS A 118 15.41 -35.89 48.31
C CYS A 118 15.73 -36.63 49.57
N SER A 119 15.75 -35.97 50.78
CA SER A 119 15.93 -36.70 51.99
C SER A 119 14.68 -36.98 52.84
N ARG A 120 13.70 -36.11 52.73
CA ARG A 120 12.38 -36.20 53.41
C ARG A 120 11.38 -35.28 52.71
N TYR A 121 10.11 -35.30 53.10
CA TYR A 121 9.21 -34.27 52.62
C TYR A 121 8.35 -33.88 53.77
N ILE A 122 7.84 -32.68 53.66
CA ILE A 122 6.96 -32.10 54.64
C ILE A 122 5.50 -32.02 54.23
N GLN A 123 4.55 -32.35 55.10
CA GLN A 123 3.13 -32.03 54.76
C GLN A 123 2.55 -30.91 55.65
N LEU A 124 1.69 -30.05 55.14
CA LEU A 124 1.23 -28.96 55.90
C LEU A 124 -0.08 -29.43 56.51
N PRO A 125 -0.62 -28.67 57.47
CA PRO A 125 -1.86 -29.25 57.99
C PRO A 125 -3.04 -28.95 57.02
N PHE A 126 -4.02 -29.88 57.00
CA PHE A 126 -5.11 -29.86 56.02
C PHE A 126 -5.90 -28.54 56.11
N GLY A 127 -6.01 -27.81 55.01
CA GLY A 127 -6.88 -26.66 54.90
C GLY A 127 -6.27 -25.36 55.38
N ASP A 128 -5.20 -25.53 56.10
CA ASP A 128 -4.64 -24.40 56.73
C ASP A 128 -3.99 -23.41 55.77
N GLU A 129 -4.70 -22.37 55.36
CA GLU A 129 -4.15 -21.47 54.38
C GLU A 129 -3.00 -20.64 55.01
N ASP A 130 -3.15 -20.23 56.28
CA ASP A 130 -2.06 -19.58 57.01
C ASP A 130 -0.71 -20.43 56.94
N ALA A 131 -0.82 -21.74 57.11
CA ALA A 131 0.38 -22.60 57.07
C ALA A 131 1.01 -22.62 55.62
N LEU A 132 0.13 -22.61 54.62
CA LEU A 132 0.49 -22.51 53.22
C LEU A 132 1.23 -21.27 52.91
N LYS A 133 0.74 -20.15 53.43
CA LYS A 133 1.41 -18.90 53.22
C LYS A 133 2.83 -18.89 53.83
N GLU A 134 2.99 -19.45 55.02
CA GLU A 134 4.31 -19.46 55.68
C GLU A 134 5.37 -20.21 54.89
N ALA A 135 4.91 -21.35 54.48
CA ALA A 135 5.65 -22.28 53.69
C ALA A 135 6.13 -21.59 52.46
N VAL A 136 5.17 -21.05 51.70
CA VAL A 136 5.47 -20.41 50.44
C VAL A 136 6.48 -19.30 50.73
N ALA A 137 6.16 -18.49 51.71
CA ALA A 137 7.03 -17.36 52.05
C ALA A 137 8.47 -17.76 52.39
N THR A 138 8.66 -18.73 53.27
CA THR A 138 9.99 -19.01 53.84
C THR A 138 10.69 -20.25 53.29
N LYS A 139 9.89 -21.22 52.71
CA LYS A 139 10.44 -22.54 52.30
C LYS A 139 10.67 -22.60 50.77
N GLY A 140 9.59 -22.35 50.04
CA GLY A 140 9.55 -21.88 48.63
C GLY A 140 8.40 -22.52 47.91
N PRO A 141 8.50 -22.88 46.62
CA PRO A 141 7.24 -23.34 45.92
C PRO A 141 6.73 -24.57 46.65
N VAL A 142 5.41 -24.72 46.73
CA VAL A 142 4.83 -25.86 47.48
C VAL A 142 3.90 -26.60 46.55
N SER A 143 3.94 -27.93 46.56
CA SER A 143 3.03 -28.77 45.76
C SER A 143 1.61 -28.79 46.39
N VAL A 144 0.55 -28.55 45.61
CA VAL A 144 -0.78 -28.69 46.18
C VAL A 144 -1.80 -29.32 45.17
N GLY A 145 -2.91 -29.84 45.75
CA GLY A 145 -3.94 -30.40 44.94
C GLY A 145 -5.13 -29.41 44.86
N ILE A 146 -5.73 -29.34 43.63
CA ILE A 146 -6.85 -28.57 43.38
C ILE A 146 -7.97 -29.28 42.67
N ASP A 147 -9.19 -28.79 42.90
CA ASP A 147 -10.30 -29.09 42.04
C ASP A 147 -10.16 -28.21 40.82
N ALA A 148 -9.48 -28.77 39.82
CA ALA A 148 -9.44 -28.18 38.48
C ALA A 148 -10.58 -28.61 37.50
N SER A 149 -11.70 -29.12 38.02
CA SER A 149 -12.61 -29.76 37.10
C SER A 149 -13.72 -28.86 36.47
N HIS A 150 -13.56 -27.54 36.46
CA HIS A 150 -14.59 -26.65 35.97
C HIS A 150 -14.11 -25.85 34.81
N SER A 151 -15.06 -25.55 33.89
CA SER A 151 -14.66 -24.79 32.69
C SER A 151 -14.15 -23.41 33.16
N SER A 152 -14.65 -22.86 34.28
CA SER A 152 -14.10 -21.59 34.77
C SER A 152 -12.57 -21.54 35.05
N PHE A 153 -12.04 -22.70 35.45
CA PHE A 153 -10.60 -22.91 35.57
C PHE A 153 -9.96 -23.12 34.21
N PHE A 154 -10.50 -23.99 33.38
N PHE A 154 -10.53 -23.99 33.38
CA PHE A 154 -9.94 -24.23 32.06
CA PHE A 154 -9.91 -24.23 32.11
C PHE A 154 -9.76 -22.93 31.29
C PHE A 154 -9.92 -23.11 31.12
N PHE A 155 -10.83 -22.14 31.28
CA PHE A 155 -10.84 -21.01 30.41
C PHE A 155 -10.38 -19.77 31.19
N TYR A 156 -9.69 -19.97 32.34
CA TYR A 156 -9.15 -18.87 33.10
C TYR A 156 -8.31 -17.92 32.24
N LYS A 157 -8.67 -16.63 32.22
CA LYS A 157 -7.78 -15.59 31.63
C LYS A 157 -7.03 -14.62 32.59
N SER A 158 -7.74 -14.08 33.58
CA SER A 158 -7.16 -13.00 34.47
C SER A 158 -7.88 -12.75 35.79
N GLY A 159 -7.30 -11.91 36.63
CA GLY A 159 -7.96 -11.58 37.87
C GLY A 159 -7.83 -12.81 38.80
N VAL A 160 -8.57 -12.77 39.88
CA VAL A 160 -8.50 -13.82 40.89
C VAL A 160 -9.63 -14.80 40.66
N TYR A 161 -9.23 -16.04 40.36
CA TYR A 161 -10.18 -17.13 40.17
C TYR A 161 -11.02 -17.44 41.43
N ASP A 162 -12.34 -17.24 41.39
CA ASP A 162 -13.11 -17.33 42.65
C ASP A 162 -14.52 -17.87 42.51
N ASP A 163 -14.61 -18.91 41.72
CA ASP A 163 -15.86 -19.61 41.36
C ASP A 163 -16.44 -20.49 42.51
N PRO A 164 -17.58 -20.06 43.03
CA PRO A 164 -18.39 -20.70 44.08
C PRO A 164 -18.65 -22.18 43.83
N SER A 165 -18.76 -22.55 42.55
CA SER A 165 -18.95 -23.97 42.18
C SER A 165 -17.75 -24.87 42.52
N CYS A 166 -16.55 -24.30 42.71
CA CYS A 166 -15.39 -25.13 43.12
C CYS A 166 -15.71 -25.86 44.38
N THR A 167 -15.05 -27.02 44.55
CA THR A 167 -15.17 -27.85 45.73
C THR A 167 -13.79 -28.25 46.35
N GLY A 168 -13.76 -28.77 47.56
CA GLY A 168 -12.50 -29.36 48.03
C GLY A 168 -12.18 -30.76 47.55
N ASN A 169 -12.90 -31.20 46.54
CA ASN A 169 -12.63 -32.52 46.05
C ASN A 169 -11.56 -32.33 45.05
N VAL A 170 -10.34 -32.59 45.50
CA VAL A 170 -9.19 -32.27 44.64
C VAL A 170 -8.92 -33.32 43.58
N ASN A 171 -8.36 -32.94 42.40
CA ASN A 171 -8.12 -33.95 41.32
C ASN A 171 -6.94 -33.61 40.41
N HIS A 172 -6.26 -32.51 40.71
CA HIS A 172 -5.20 -32.02 39.85
C HIS A 172 -4.03 -31.44 40.75
N GLY A 173 -2.81 -31.86 40.37
CA GLY A 173 -1.62 -31.48 41.12
C GLY A 173 -1.02 -30.28 40.45
N VAL A 174 -0.84 -29.16 41.24
CA VAL A 174 -0.22 -27.89 40.73
C VAL A 174 0.84 -27.37 41.68
N LEU A 175 1.50 -26.26 41.31
CA LEU A 175 2.58 -25.81 42.19
C LEU A 175 2.27 -24.37 42.63
N VAL A 176 2.28 -24.11 43.92
CA VAL A 176 2.08 -22.73 44.44
C VAL A 176 3.47 -22.09 44.45
N VAL A 177 3.70 -21.13 43.56
CA VAL A 177 4.94 -20.39 43.47
C VAL A 177 4.91 -19.00 44.08
N GLY A 178 3.76 -18.61 44.66
CA GLY A 178 3.70 -17.29 45.21
C GLY A 178 2.34 -16.96 45.77
N TYR A 179 2.20 -15.67 46.03
CA TYR A 179 0.90 -15.16 46.54
C TYR A 179 0.90 -13.64 46.58
N GLY A 180 -0.27 -13.08 46.81
CA GLY A 180 -0.37 -11.61 46.83
C GLY A 180 -1.80 -11.14 46.94
N THR A 181 -1.99 -9.81 46.67
CA THR A 181 -3.37 -9.29 46.65
C THR A 181 -3.69 -8.50 45.37
N LEU A 182 -4.85 -8.79 44.81
CA LEU A 182 -5.20 -8.17 43.51
C LEU A 182 -6.57 -7.49 43.57
N ASP A 183 -6.51 -6.16 43.42
CA ASP A 183 -7.70 -5.31 43.37
C ASP A 183 -8.53 -5.73 44.54
N GLY A 184 -7.84 -5.92 45.67
CA GLY A 184 -8.45 -6.26 46.99
C GLY A 184 -8.85 -7.72 47.24
N LYS A 185 -8.46 -8.63 46.36
CA LYS A 185 -8.61 -10.05 46.55
C LYS A 185 -7.31 -10.79 46.71
N ASP A 186 -7.18 -11.50 47.83
CA ASP A 186 -6.01 -12.36 48.08
C ASP A 186 -6.04 -13.45 47.04
N TYR A 187 -4.85 -13.85 46.60
CA TYR A 187 -4.66 -14.94 45.66
C TYR A 187 -3.44 -15.77 45.97
N TRP A 188 -3.40 -17.03 45.52
CA TRP A 188 -2.22 -17.93 45.36
C TRP A 188 -1.85 -17.88 43.87
N LEU A 189 -0.53 -17.67 43.56
CA LEU A 189 -0.03 -17.76 42.20
C LEU A 189 0.29 -19.17 41.91
N VAL A 190 -0.49 -19.77 41.04
CA VAL A 190 -0.31 -21.18 40.72
C VAL A 190 0.31 -21.48 39.33
N LYS A 191 1.38 -22.28 39.31
CA LYS A 191 1.90 -22.74 38.05
C LYS A 191 1.21 -24.04 37.59
N ASN A 192 0.64 -24.05 36.35
CA ASN A 192 -0.02 -25.29 35.96
C ASN A 192 0.94 -25.97 35.05
N SER A 193 0.48 -27.10 34.47
CA SER A 193 1.26 -27.90 33.53
C SER A 193 0.44 -28.23 32.29
N TRP A 194 -0.18 -27.20 31.80
CA TRP A 194 -1.04 -27.15 30.62
C TRP A 194 -0.59 -26.21 29.49
N GLY A 195 0.72 -25.88 29.51
CA GLY A 195 1.38 -25.19 28.44
C GLY A 195 1.12 -23.68 28.60
N LEU A 196 1.70 -22.88 27.73
CA LEU A 196 1.72 -21.42 27.89
C LEU A 196 0.50 -20.78 27.32
N ASN A 197 -0.40 -21.59 26.72
CA ASN A 197 -1.76 -21.13 26.31
C ASN A 197 -2.85 -21.20 27.41
N PHE A 198 -2.53 -21.84 28.55
CA PHE A 198 -3.44 -21.79 29.69
C PHE A 198 -3.27 -20.49 30.49
N GLY A 199 -4.41 -20.03 31.05
CA GLY A 199 -4.59 -18.96 31.94
C GLY A 199 -3.64 -17.83 31.53
N ASP A 200 -2.84 -17.37 32.46
CA ASP A 200 -2.00 -16.21 32.23
C ASP A 200 -0.53 -16.60 32.08
N GLN A 201 -0.06 -16.80 30.86
CA GLN A 201 1.25 -17.38 30.68
C GLN A 201 1.53 -18.80 31.31
N GLY A 202 0.42 -19.52 31.42
CA GLY A 202 0.39 -20.85 31.91
C GLY A 202 0.24 -20.93 33.43
N TYR A 203 -0.01 -19.74 34.00
CA TYR A 203 -0.34 -19.54 35.41
C TYR A 203 -1.81 -19.22 35.66
N ILE A 204 -2.22 -19.39 36.90
CA ILE A 204 -3.51 -18.90 37.41
C ILE A 204 -3.36 -18.24 38.77
N ARG A 205 -4.13 -17.17 39.09
CA ARG A 205 -4.17 -16.60 40.46
C ARG A 205 -5.45 -17.18 41.05
N MET A 206 -5.36 -17.83 42.14
CA MET A 206 -6.54 -18.59 42.74
C MET A 206 -6.96 -18.01 44.07
N ALA A 207 -8.24 -17.87 44.34
CA ALA A 207 -8.65 -17.30 45.63
C ALA A 207 -7.90 -17.79 46.83
N ARG A 208 -7.38 -16.85 47.65
CA ARG A 208 -6.67 -17.15 48.86
C ARG A 208 -7.53 -16.66 50.06
N ASN A 209 -7.50 -17.37 51.18
CA ASN A 209 -8.34 -16.90 52.31
C ASN A 209 -9.84 -16.86 52.01
N ASN A 210 -10.26 -17.69 51.06
CA ASN A 210 -11.70 -17.80 50.81
C ASN A 210 -12.21 -19.22 51.02
N LYS A 211 -12.35 -19.62 52.29
CA LYS A 211 -12.73 -20.99 52.71
C LYS A 211 -11.99 -22.15 52.01
N ASN A 212 -10.66 -22.06 51.91
CA ASN A 212 -9.96 -23.18 51.24
C ASN A 212 -10.52 -23.62 49.80
N HIS A 213 -10.62 -22.56 48.98
CA HIS A 213 -11.22 -22.52 47.70
C HIS A 213 -10.54 -23.56 46.86
N CYS A 214 -11.37 -24.42 46.31
CA CYS A 214 -11.01 -25.51 45.45
C CYS A 214 -10.02 -26.53 46.10
N GLY A 215 -10.13 -26.66 47.42
CA GLY A 215 -9.19 -27.35 48.31
C GLY A 215 -7.70 -27.07 48.17
N ILE A 216 -7.37 -25.84 47.76
CA ILE A 216 -5.98 -25.55 47.61
C ILE A 216 -5.02 -25.84 48.79
N ALA A 217 -5.59 -25.81 50.00
CA ALA A 217 -4.71 -26.02 51.13
C ALA A 217 -4.91 -27.33 51.72
N SER A 218 -5.63 -28.24 51.02
CA SER A 218 -5.96 -29.53 51.58
C SER A 218 -4.83 -30.49 51.63
N TYR A 219 -3.98 -30.44 50.60
CA TYR A 219 -2.99 -31.50 50.35
C TYR A 219 -1.70 -30.80 49.91
N CYS A 220 -1.10 -30.06 50.84
CA CYS A 220 0.17 -29.31 50.64
C CYS A 220 1.44 -30.11 51.10
N SER A 221 2.49 -30.08 50.24
CA SER A 221 3.71 -30.78 50.55
C SER A 221 4.82 -30.15 49.73
N TYR A 222 6.00 -30.30 50.28
CA TYR A 222 7.23 -29.89 49.61
C TYR A 222 8.34 -30.71 50.10
N PRO A 223 9.39 -30.91 49.24
CA PRO A 223 10.51 -31.78 49.61
C PRO A 223 11.66 -31.03 50.33
N GLU A 224 12.42 -31.77 51.16
CA GLU A 224 13.77 -31.35 51.57
C GLU A 224 14.87 -32.10 50.83
N ILE A 225 15.88 -31.34 50.38
CA ILE A 225 17.11 -31.96 49.99
C ILE A 225 17.86 -32.37 51.26
N THR B 7 33.65 7.89 48.86
CA THR B 7 32.29 7.72 48.27
C THR B 7 32.50 7.20 46.87
N LEU B 8 31.56 6.48 46.25
CA LEU B 8 31.91 5.93 44.93
C LEU B 8 31.69 7.04 43.91
N PRO B 9 32.46 7.04 42.79
CA PRO B 9 32.21 8.12 41.82
C PRO B 9 30.85 8.04 41.10
N ASP B 10 30.31 9.15 40.68
CA ASP B 10 28.99 9.18 39.95
C ASP B 10 28.89 8.37 38.64
N THR B 11 30.00 8.36 37.90
CA THR B 11 30.02 7.72 36.61
C THR B 11 31.22 6.80 36.65
N VAL B 12 31.12 5.65 36.00
CA VAL B 12 32.37 4.95 35.71
C VAL B 12 32.35 4.49 34.25
N ASP B 13 33.49 4.57 33.61
CA ASP B 13 33.60 3.97 32.30
C ASP B 13 34.99 3.46 32.06
N TRP B 14 35.14 2.13 32.15
CA TRP B 14 36.43 1.54 32.06
C TRP B 14 37.05 1.65 30.68
N ARG B 15 36.29 1.96 29.64
CA ARG B 15 36.99 2.31 28.43
C ARG B 15 37.95 3.50 28.61
N GLU B 16 37.64 4.42 29.53
CA GLU B 16 38.49 5.62 29.60
C GLU B 16 39.85 5.30 30.25
N LYS B 17 39.93 4.21 31.02
CA LYS B 17 41.18 3.65 31.56
C LYS B 17 41.91 2.66 30.64
N GLY B 18 41.42 2.59 29.40
CA GLY B 18 41.82 1.67 28.39
C GLY B 18 41.74 0.21 28.79
N CYS B 19 40.75 -0.19 29.60
CA CYS B 19 40.75 -1.52 30.17
C CYS B 19 39.85 -2.49 29.44
N VAL B 20 39.29 -2.01 28.34
CA VAL B 20 38.15 -2.63 27.56
C VAL B 20 38.67 -2.82 26.08
N THR B 21 38.63 -4.06 25.53
CA THR B 21 39.15 -4.37 24.17
C THR B 21 38.02 -4.05 23.21
N GLU B 22 38.36 -3.99 21.94
CA GLU B 22 37.38 -3.73 20.90
C GLU B 22 36.13 -4.66 20.90
N VAL B 23 34.98 -4.16 20.49
CA VAL B 23 33.77 -4.99 20.58
C VAL B 23 33.95 -6.14 19.59
N LYS B 24 33.53 -7.33 19.97
CA LYS B 24 33.61 -8.57 19.19
C LYS B 24 32.27 -8.93 18.58
N TYR B 25 32.29 -9.84 17.63
CA TYR B 25 31.05 -10.24 16.97
C TYR B 25 31.04 -11.78 17.00
N GLN B 26 30.11 -12.35 17.78
CA GLN B 26 29.96 -13.74 17.96
C GLN B 26 29.38 -14.50 16.79
N GLY B 27 28.56 -13.84 15.99
CA GLY B 27 27.82 -14.55 15.03
C GLY B 27 26.82 -15.61 15.53
N SER B 28 26.66 -16.72 14.84
N SER B 28 26.89 -16.80 14.91
CA SER B 28 25.57 -17.66 15.22
CA SER B 28 25.81 -17.82 15.01
C SER B 28 25.96 -18.57 16.40
C SER B 28 26.11 -18.81 16.09
N CYS B 29 27.21 -18.58 16.79
CA CYS B 29 27.65 -19.39 17.91
C CYS B 29 27.38 -18.69 19.13
N GLY B 30 26.66 -19.42 19.94
CA GLY B 30 26.27 -18.94 21.24
C GLY B 30 27.36 -18.83 22.28
N ALA B 31 28.34 -17.95 21.96
CA ALA B 31 29.49 -17.82 22.79
C ALA B 31 29.47 -16.49 23.55
N CYS B 32 28.30 -15.84 23.75
CA CYS B 32 28.32 -14.55 24.52
C CYS B 32 29.12 -14.78 25.83
N TRP B 33 28.85 -15.93 26.47
CA TRP B 33 29.44 -16.23 27.73
C TRP B 33 30.94 -16.14 27.73
N ALA B 34 31.45 -16.72 26.69
CA ALA B 34 32.89 -16.75 26.46
C ALA B 34 33.40 -15.34 26.16
N PHE B 35 32.71 -14.56 25.34
CA PHE B 35 33.04 -13.11 25.32
C PHE B 35 33.02 -12.35 26.62
N SER B 36 31.97 -12.50 27.39
CA SER B 36 31.88 -11.86 28.70
C SER B 36 33.05 -12.33 29.61
N ALA B 37 33.42 -13.61 29.57
CA ALA B 37 34.42 -14.08 30.50
C ALA B 37 35.77 -13.50 30.13
N VAL B 38 36.14 -13.61 28.84
CA VAL B 38 37.40 -13.00 28.36
C VAL B 38 37.36 -11.51 28.56
N GLY B 39 36.25 -10.78 28.34
CA GLY B 39 36.21 -9.35 28.62
C GLY B 39 36.62 -9.09 30.06
N ALA B 40 35.95 -9.80 31.02
CA ALA B 40 36.26 -9.55 32.45
C ALA B 40 37.75 -9.74 32.75
N LEU B 41 38.30 -10.78 32.14
CA LEU B 41 39.68 -11.12 32.43
C LEU B 41 40.58 -10.15 31.71
N GLU B 42 40.16 -9.53 30.64
CA GLU B 42 40.98 -8.64 29.86
C GLU B 42 41.15 -7.32 30.64
N GLY B 43 40.16 -7.01 31.45
CA GLY B 43 40.26 -5.84 32.28
C GLY B 43 41.19 -6.07 33.45
N GLN B 44 41.07 -7.25 34.01
CA GLN B 44 41.94 -7.62 35.13
C GLN B 44 43.40 -7.64 34.78
N LEU B 45 43.66 -8.08 33.55
CA LEU B 45 44.97 -8.12 33.00
C LEU B 45 45.51 -6.79 32.43
N LYS B 46 44.65 -5.90 31.89
CA LYS B 46 45.15 -4.53 31.61
C LYS B 46 45.62 -3.77 32.91
N LEU B 47 44.84 -3.95 33.98
CA LEU B 47 45.08 -3.22 35.23
C LEU B 47 46.37 -3.80 35.85
N LYS B 48 46.82 -4.92 35.30
CA LYS B 48 47.89 -5.61 35.97
C LYS B 48 49.23 -5.42 35.30
N THR B 49 49.22 -5.28 33.97
CA THR B 49 50.41 -5.45 33.12
C THR B 49 50.47 -4.23 32.22
N GLY B 50 49.35 -3.50 32.24
CA GLY B 50 49.15 -2.43 31.30
C GLY B 50 49.21 -2.83 29.86
N LYS B 51 49.09 -4.13 29.58
CA LYS B 51 48.80 -4.54 28.25
C LYS B 51 47.37 -5.09 28.36
N LEU B 52 46.65 -4.59 27.42
CA LEU B 52 45.29 -4.88 27.16
C LEU B 52 45.44 -5.74 25.97
N ILE B 53 44.81 -6.91 26.03
CA ILE B 53 44.99 -7.92 24.97
C ILE B 53 43.70 -8.65 24.82
N SER B 54 43.17 -8.70 23.59
CA SER B 54 42.08 -9.61 23.39
C SER B 54 42.44 -11.06 23.81
N LEU B 55 41.62 -11.62 24.69
CA LEU B 55 41.80 -13.01 25.07
C LEU B 55 40.97 -13.98 24.25
N SER B 56 41.27 -15.27 24.38
CA SER B 56 40.72 -16.26 23.37
C SER B 56 39.28 -16.70 23.79
N ALA B 57 38.19 -16.05 23.26
CA ALA B 57 36.88 -16.70 23.46
C ALA B 57 36.85 -18.16 22.87
N GLN B 58 37.55 -18.37 21.76
CA GLN B 58 37.54 -19.67 21.12
C GLN B 58 38.16 -20.71 22.07
N ASN B 59 39.22 -20.28 22.77
CA ASN B 59 39.85 -21.25 23.70
C ASN B 59 38.74 -21.81 24.69
N LEU B 60 37.93 -20.90 25.14
CA LEU B 60 36.97 -21.34 26.18
C LEU B 60 35.97 -22.19 25.48
N VAL B 61 35.48 -21.68 24.30
CA VAL B 61 34.54 -22.53 23.60
C VAL B 61 34.98 -23.96 23.43
N ASP B 62 36.14 -24.17 22.83
CA ASP B 62 36.59 -25.52 22.46
C ASP B 62 36.96 -26.37 23.62
N CYS B 63 37.43 -25.74 24.73
CA CYS B 63 38.17 -26.45 25.80
C CYS B 63 37.36 -26.74 27.12
N SER B 64 36.31 -25.95 27.37
CA SER B 64 35.43 -26.11 28.56
C SER B 64 34.15 -26.94 28.32
N ASN B 65 34.10 -27.58 27.17
CA ASN B 65 32.86 -28.22 26.77
C ASN B 65 32.76 -29.64 27.30
N GLU B 66 32.70 -29.78 28.63
CA GLU B 66 32.44 -31.11 29.16
C GLU B 66 31.79 -31.00 30.52
N GLU B 67 31.22 -32.10 31.03
CA GLU B 67 30.44 -32.06 32.28
C GLU B 67 31.20 -31.39 33.44
N LYS B 68 32.50 -31.62 33.50
CA LYS B 68 33.39 -30.87 34.37
C LYS B 68 33.00 -29.41 34.68
N TYR B 69 32.78 -28.65 33.61
CA TYR B 69 32.33 -27.28 33.63
C TYR B 69 30.85 -27.06 33.34
N GLY B 70 30.24 -27.89 32.52
CA GLY B 70 28.82 -27.63 32.18
C GLY B 70 28.53 -26.60 31.09
N ASN B 71 29.63 -26.09 30.53
CA ASN B 71 29.60 -25.28 29.34
C ASN B 71 29.37 -26.19 28.15
N LYS B 72 28.87 -25.52 27.08
CA LYS B 72 28.37 -26.19 25.84
C LYS B 72 28.85 -25.58 24.51
N GLY B 73 29.96 -24.79 24.59
CA GLY B 73 30.61 -24.39 23.38
C GLY B 73 29.60 -23.49 22.74
N CYS B 74 29.25 -23.68 21.48
CA CYS B 74 28.36 -22.71 20.84
C CYS B 74 26.86 -22.83 21.30
N GLY B 75 26.69 -23.79 22.13
CA GLY B 75 25.47 -24.19 22.74
C GLY B 75 25.16 -23.30 23.90
N GLY B 76 26.06 -22.40 24.29
CA GLY B 76 25.90 -21.59 25.50
C GLY B 76 26.78 -22.11 26.69
N GLY B 77 26.85 -21.30 27.75
CA GLY B 77 27.68 -21.66 28.89
C GLY B 77 27.67 -20.55 29.97
N TYR B 78 28.59 -20.66 30.92
CA TYR B 78 28.58 -19.83 32.10
C TYR B 78 29.94 -19.16 32.31
N MET B 79 29.91 -17.88 32.66
CA MET B 79 31.13 -17.12 32.82
C MET B 79 31.97 -17.66 33.98
N THR B 80 31.30 -18.12 35.03
CA THR B 80 32.01 -18.54 36.26
C THR B 80 32.75 -19.76 35.81
N GLU B 81 32.11 -20.63 35.04
CA GLU B 81 32.79 -21.88 34.58
C GLU B 81 33.95 -21.62 33.58
N ALA B 82 33.75 -20.61 32.72
CA ALA B 82 34.91 -20.15 31.96
C ALA B 82 36.06 -19.87 32.88
N PHE B 83 35.76 -19.09 33.92
CA PHE B 83 36.87 -18.73 34.80
C PHE B 83 37.46 -20.00 35.39
N GLN B 84 36.66 -20.93 35.89
CA GLN B 84 37.12 -22.18 36.51
C GLN B 84 38.07 -22.99 35.56
N TYR B 85 37.75 -22.92 34.27
CA TYR B 85 38.48 -23.68 33.25
C TYR B 85 39.85 -23.02 33.22
N ILE B 86 39.84 -21.69 33.19
CA ILE B 86 41.08 -20.95 33.14
C ILE B 86 42.00 -21.31 34.34
N ILE B 87 41.40 -21.36 35.53
CA ILE B 87 42.11 -21.76 36.73
C ILE B 87 42.66 -23.20 36.51
N ASP B 88 41.77 -24.08 36.10
CA ASP B 88 42.11 -25.54 36.02
C ASP B 88 43.30 -25.69 35.06
N ASN B 89 43.21 -24.93 34.00
CA ASN B 89 44.09 -25.14 32.81
C ASN B 89 45.39 -24.47 32.93
N GLY B 90 45.45 -23.63 33.94
CA GLY B 90 46.59 -22.78 34.11
C GLY B 90 46.88 -21.70 33.10
N GLY B 91 45.94 -21.42 32.23
CA GLY B 91 46.15 -20.28 31.39
C GLY B 91 45.00 -20.23 30.42
N ILE B 92 45.10 -19.21 29.59
CA ILE B 92 44.31 -19.05 28.38
C ILE B 92 45.20 -18.31 27.39
N GLU B 93 44.95 -18.66 26.12
CA GLU B 93 45.55 -17.97 24.94
C GLU B 93 44.98 -16.61 24.60
N ALA B 94 45.78 -15.72 23.96
CA ALA B 94 45.32 -14.54 23.22
C ALA B 94 44.45 -14.97 22.05
N ASP B 95 43.50 -14.13 21.66
CA ASP B 95 42.74 -14.32 20.44
C ASP B 95 43.65 -14.44 19.22
N ALA B 96 44.78 -13.72 19.28
CA ALA B 96 45.59 -13.60 18.09
C ALA B 96 46.14 -14.96 17.74
N SER B 97 46.38 -15.74 18.74
CA SER B 97 46.99 -17.00 18.49
C SER B 97 45.99 -18.15 18.59
N TYR B 98 44.81 -17.89 19.16
CA TYR B 98 43.80 -19.00 19.18
C TYR B 98 42.49 -18.32 18.73
N PRO B 99 42.41 -17.97 17.46
CA PRO B 99 41.40 -17.00 16.92
C PRO B 99 40.03 -17.59 16.73
N TYR B 100 39.05 -16.67 16.66
CA TYR B 100 37.61 -17.03 16.92
C TYR B 100 37.11 -17.57 15.59
N LYS B 101 36.26 -18.60 15.65
CA LYS B 101 35.83 -19.39 14.45
C LYS B 101 34.31 -19.48 14.38
N ALA B 102 33.67 -19.22 15.52
CA ALA B 102 32.21 -19.30 15.53
C ALA B 102 31.76 -20.77 15.26
N MET B 103 32.53 -21.78 15.71
CA MET B 103 32.15 -23.18 15.59
C MET B 103 32.78 -23.96 16.75
N ASP B 104 32.21 -25.06 17.12
CA ASP B 104 32.83 -25.88 18.11
C ASP B 104 33.94 -26.74 17.44
N GLU B 105 35.10 -26.81 18.07
CA GLU B 105 36.30 -27.53 17.53
C GLU B 105 36.97 -28.27 18.70
N LYS B 106 37.69 -29.36 18.42
CA LYS B 106 38.53 -29.98 19.45
C LYS B 106 39.60 -28.95 20.01
N CYS B 107 39.75 -28.91 21.34
CA CYS B 107 40.73 -28.19 22.03
C CYS B 107 42.13 -28.39 21.48
N HIS B 108 42.69 -27.24 21.16
CA HIS B 108 44.12 -27.18 20.75
C HIS B 108 44.90 -26.11 21.50
N TYR B 109 44.54 -25.89 22.75
CA TYR B 109 45.29 -25.06 23.70
C TYR B 109 46.74 -25.48 23.74
N ASN B 110 47.59 -24.52 23.46
CA ASN B 110 49.03 -24.65 23.56
C ASN B 110 49.61 -23.75 24.64
N SER B 111 50.04 -24.38 25.74
CA SER B 111 50.57 -23.66 26.92
C SER B 111 51.72 -22.67 26.58
N LYS B 112 52.47 -22.94 25.50
CA LYS B 112 53.53 -21.99 25.01
C LYS B 112 53.01 -20.64 24.57
N ASN B 113 51.75 -20.67 24.12
CA ASN B 113 50.96 -19.51 23.81
C ASN B 113 50.19 -18.84 25.00
N ARG B 114 50.42 -19.33 26.23
CA ARG B 114 49.68 -18.73 27.39
C ARG B 114 49.78 -17.20 27.35
N ALA B 115 48.64 -16.47 27.40
CA ALA B 115 48.63 -15.01 27.50
C ALA B 115 48.13 -14.39 28.89
N ALA B 116 47.37 -15.14 29.68
CA ALA B 116 46.67 -14.71 30.92
C ALA B 116 46.49 -15.94 31.83
N THR B 117 46.37 -15.75 33.17
CA THR B 117 46.15 -16.87 34.04
C THR B 117 45.01 -16.43 34.98
N CYS B 118 44.30 -17.32 35.68
CA CYS B 118 43.42 -16.80 36.71
C CYS B 118 43.55 -17.66 37.94
N SER B 119 43.48 -17.04 39.12
CA SER B 119 43.70 -17.82 40.33
C SER B 119 42.45 -18.15 41.10
N ARG B 120 41.36 -17.45 40.82
CA ARG B 120 40.15 -17.46 41.68
C ARG B 120 39.09 -16.63 40.97
N TYR B 121 37.81 -16.85 41.26
CA TYR B 121 36.80 -15.89 40.78
C TYR B 121 35.80 -15.60 41.92
N ILE B 122 35.23 -14.36 41.82
CA ILE B 122 34.28 -13.81 42.84
C ILE B 122 32.91 -13.71 42.21
N GLN B 123 31.90 -13.94 43.03
CA GLN B 123 30.52 -13.81 42.67
C GLN B 123 29.87 -12.87 43.67
N LEU B 124 28.80 -12.27 43.20
CA LEU B 124 28.17 -11.15 43.85
C LEU B 124 26.80 -11.58 44.32
N PRO B 125 26.36 -11.03 45.45
CA PRO B 125 25.13 -11.65 45.89
C PRO B 125 23.98 -11.59 44.81
N PHE B 126 23.13 -12.64 44.70
CA PHE B 126 21.99 -12.55 43.73
C PHE B 126 21.30 -11.17 43.81
N GLY B 127 21.10 -10.52 42.67
CA GLY B 127 20.24 -9.32 42.70
C GLY B 127 20.67 -7.97 43.36
N ASP B 128 21.80 -7.99 44.10
CA ASP B 128 22.40 -6.83 44.75
C ASP B 128 23.12 -5.81 43.81
N GLU B 129 22.38 -4.86 43.29
CA GLU B 129 22.99 -3.96 42.32
C GLU B 129 23.96 -3.03 43.09
N ASP B 130 23.75 -2.82 44.42
CA ASP B 130 24.78 -2.04 45.17
C ASP B 130 26.10 -2.84 45.19
N ALA B 131 26.04 -4.16 45.29
CA ALA B 131 27.27 -4.96 45.19
C ALA B 131 27.90 -4.84 43.82
N LEU B 132 27.08 -4.79 42.76
CA LEU B 132 27.62 -4.69 41.40
C LEU B 132 28.31 -3.36 41.30
N LYS B 133 27.65 -2.33 41.84
CA LYS B 133 28.11 -0.98 41.72
C LYS B 133 29.50 -0.80 42.31
N GLU B 134 29.66 -1.09 43.61
CA GLU B 134 30.99 -1.26 44.27
C GLU B 134 32.02 -2.03 43.44
N ALA B 135 31.59 -3.16 42.90
CA ALA B 135 32.60 -3.94 42.27
C ALA B 135 33.02 -3.26 40.99
N VAL B 136 32.07 -2.75 40.20
CA VAL B 136 32.41 -2.15 38.95
C VAL B 136 33.32 -0.97 39.26
N ALA B 137 33.06 -0.25 40.32
CA ALA B 137 33.87 0.93 40.59
C ALA B 137 35.31 0.70 41.05
N THR B 138 35.50 -0.29 41.90
CA THR B 138 36.75 -0.55 42.62
C THR B 138 37.47 -1.88 42.14
N LYS B 139 36.86 -2.69 41.25
CA LYS B 139 37.58 -3.93 40.74
C LYS B 139 37.84 -3.96 39.26
N GLY B 140 36.76 -3.60 38.57
CA GLY B 140 36.74 -3.32 37.17
C GLY B 140 35.61 -4.04 36.47
N PRO B 141 35.71 -4.26 35.14
CA PRO B 141 34.49 -4.81 34.45
C PRO B 141 34.02 -6.08 35.07
N VAL B 142 32.70 -6.26 35.16
CA VAL B 142 32.13 -7.41 35.74
C VAL B 142 31.24 -8.12 34.73
N SER B 143 31.42 -9.43 34.67
CA SER B 143 30.57 -10.39 33.90
C SER B 143 29.10 -10.57 34.52
N VAL B 144 28.08 -10.31 33.71
CA VAL B 144 26.73 -10.51 34.17
C VAL B 144 25.84 -11.17 33.09
N GLY B 145 24.77 -11.82 33.52
CA GLY B 145 23.73 -12.30 32.63
C GLY B 145 22.47 -11.46 32.67
N ILE B 146 21.94 -11.19 31.45
CA ILE B 146 20.72 -10.50 31.16
C ILE B 146 19.71 -11.26 30.28
N ASP B 147 18.44 -10.91 30.40
CA ASP B 147 17.38 -11.27 29.47
C ASP B 147 17.58 -10.32 28.31
N ALA B 148 18.26 -10.85 27.27
CA ALA B 148 18.43 -10.03 26.08
C ALA B 148 17.44 -10.37 24.95
N SER B 149 16.29 -10.90 25.29
CA SER B 149 15.47 -11.58 24.28
C SER B 149 14.41 -10.73 23.56
N HIS B 150 14.34 -9.47 23.89
CA HIS B 150 13.18 -8.63 23.47
C HIS B 150 13.71 -7.75 22.30
N SER B 151 12.90 -7.44 21.27
CA SER B 151 13.44 -6.68 20.12
C SER B 151 13.86 -5.27 20.55
N SER B 152 13.20 -4.78 21.60
CA SER B 152 13.66 -3.49 22.17
C SER B 152 15.14 -3.46 22.59
N PHE B 153 15.60 -4.63 22.97
CA PHE B 153 17.01 -4.77 23.18
C PHE B 153 17.74 -4.95 21.88
N PHE B 154 17.30 -5.84 20.98
CA PHE B 154 18.10 -6.02 19.75
C PHE B 154 18.17 -4.71 19.02
N PHE B 155 17.11 -3.87 19.18
CA PHE B 155 16.93 -2.70 18.33
C PHE B 155 17.18 -1.39 19.11
N TYR B 156 17.69 -1.56 20.34
CA TYR B 156 18.28 -0.48 21.08
C TYR B 156 19.25 0.34 20.21
N LYS B 157 19.06 1.64 20.36
CA LYS B 157 19.96 2.69 19.79
C LYS B 157 20.50 3.73 20.79
N SER B 158 19.65 4.20 21.71
CA SER B 158 20.02 5.35 22.59
C SER B 158 19.26 5.46 23.90
N GLY B 159 19.78 6.29 24.79
CA GLY B 159 19.06 6.45 26.04
C GLY B 159 19.38 5.33 27.03
N VAL B 160 18.51 5.21 28.04
CA VAL B 160 18.59 4.13 29.04
C VAL B 160 17.52 3.06 28.73
N TYR B 161 17.92 1.85 28.36
CA TYR B 161 16.98 0.75 28.14
C TYR B 161 16.20 0.38 29.43
N ASP B 162 14.85 0.50 29.39
CA ASP B 162 14.02 0.20 30.52
C ASP B 162 12.66 -0.49 30.26
N ASP B 163 12.65 -1.39 29.28
CA ASP B 163 11.41 -1.91 28.81
C ASP B 163 10.81 -2.87 29.85
N PRO B 164 9.57 -2.61 30.30
CA PRO B 164 8.91 -3.44 31.31
C PRO B 164 8.60 -4.87 30.85
N SER B 165 8.87 -5.23 29.60
CA SER B 165 8.57 -6.62 29.26
C SER B 165 9.76 -7.56 29.59
N CYS B 166 10.90 -6.94 29.96
CA CYS B 166 12.11 -7.64 30.38
C CYS B 166 11.82 -8.51 31.59
N THR B 167 12.45 -9.70 31.74
CA THR B 167 12.14 -10.62 32.89
C THR B 167 13.46 -10.99 33.53
N GLY B 168 13.45 -11.58 34.70
CA GLY B 168 14.72 -12.04 35.30
C GLY B 168 15.20 -13.38 34.70
N ASN B 169 14.57 -13.88 33.61
CA ASN B 169 15.01 -15.13 33.01
C ASN B 169 16.21 -14.82 32.12
N VAL B 170 17.38 -14.74 32.74
CA VAL B 170 18.58 -14.39 31.99
C VAL B 170 18.88 -15.42 30.96
N ASN B 171 19.61 -14.98 29.95
CA ASN B 171 19.95 -15.83 28.86
C ASN B 171 21.10 -15.39 28.03
N HIS B 172 21.79 -14.31 28.41
CA HIS B 172 22.92 -13.81 27.49
C HIS B 172 24.00 -13.20 28.42
N GLY B 173 25.30 -13.58 28.22
CA GLY B 173 26.41 -13.06 29.04
C GLY B 173 26.88 -11.87 28.27
N VAL B 174 26.95 -10.75 29.02
CA VAL B 174 27.56 -9.49 28.63
C VAL B 174 28.50 -9.00 29.71
N LEU B 175 29.08 -7.84 29.41
CA LEU B 175 29.97 -7.27 30.40
C LEU B 175 29.72 -5.89 30.84
N VAL B 176 29.54 -5.66 32.13
CA VAL B 176 29.33 -4.32 32.60
C VAL B 176 30.68 -3.69 32.63
N VAL B 177 30.81 -2.56 31.87
CA VAL B 177 32.09 -1.80 31.83
C VAL B 177 31.97 -0.49 32.56
N GLY B 178 30.81 -0.22 33.17
CA GLY B 178 30.50 1.17 33.53
C GLY B 178 29.16 1.33 34.21
N TYR B 179 28.97 2.49 34.74
CA TYR B 179 27.63 2.89 35.28
C TYR B 179 27.56 4.47 35.31
N GLY B 180 26.36 4.99 35.57
CA GLY B 180 26.09 6.39 35.42
C GLY B 180 24.62 6.69 35.56
N THR B 181 24.29 7.97 35.38
CA THR B 181 22.90 8.42 35.37
C THR B 181 22.77 9.30 34.12
N LEU B 182 21.76 9.01 33.30
CA LEU B 182 21.63 9.72 32.01
C LEU B 182 20.25 10.34 31.79
N ASP B 183 20.19 11.68 31.91
CA ASP B 183 18.92 12.44 31.89
C ASP B 183 18.06 11.93 33.02
N GLY B 184 18.64 11.91 34.20
CA GLY B 184 17.93 11.48 35.40
C GLY B 184 17.59 10.01 35.57
N LYS B 185 17.98 9.13 34.63
CA LYS B 185 17.83 7.64 34.75
C LYS B 185 19.24 6.98 34.98
N ASP B 186 19.37 6.30 36.10
CA ASP B 186 20.58 5.50 36.43
C ASP B 186 20.72 4.34 35.47
N TYR B 187 21.94 4.12 34.97
CA TYR B 187 22.20 2.97 34.07
C TYR B 187 23.47 2.20 34.34
N TRP B 188 23.53 0.97 33.82
CA TRP B 188 24.72 0.13 33.67
C TRP B 188 25.20 0.27 32.22
N LEU B 189 26.55 0.39 32.08
CA LEU B 189 27.21 0.45 30.80
C LEU B 189 27.59 -1.01 30.48
N VAL B 190 26.91 -1.50 29.44
CA VAL B 190 27.09 -2.90 29.02
C VAL B 190 27.74 -3.04 27.57
N LYS B 191 28.80 -3.85 27.49
CA LYS B 191 29.51 -4.22 26.27
C LYS B 191 28.82 -5.53 25.78
N ASN B 192 28.23 -5.50 24.62
CA ASN B 192 27.69 -6.71 24.00
C ASN B 192 28.80 -7.26 23.11
N SER B 193 28.52 -8.45 22.55
CA SER B 193 29.45 -9.17 21.57
C SER B 193 28.66 -9.45 20.22
N TRP B 194 28.10 -8.36 19.71
CA TRP B 194 27.21 -8.43 18.53
C TRP B 194 27.74 -7.42 17.55
N GLY B 195 29.04 -7.16 17.65
CA GLY B 195 29.65 -6.32 16.63
C GLY B 195 29.29 -4.85 16.88
N LEU B 196 29.90 -3.95 16.11
CA LEU B 196 29.60 -2.53 16.24
C LEU B 196 28.24 -2.06 15.74
N ASN B 197 27.51 -2.86 14.95
CA ASN B 197 26.14 -2.49 14.45
C ASN B 197 25.10 -2.43 15.65
N PHE B 198 25.37 -3.14 16.75
CA PHE B 198 24.39 -3.33 17.80
C PHE B 198 24.47 -2.09 18.65
N GLY B 199 23.33 -1.58 19.13
CA GLY B 199 23.28 -0.51 20.11
C GLY B 199 24.11 0.69 19.76
N ASP B 200 24.80 1.21 20.77
CA ASP B 200 25.70 2.39 20.69
C ASP B 200 27.21 1.98 20.61
N GLN B 201 27.63 1.88 19.37
CA GLN B 201 28.82 1.19 19.03
C GLN B 201 29.12 -0.12 19.74
N GLY B 202 28.10 -0.98 19.75
CA GLY B 202 28.38 -2.24 20.43
C GLY B 202 27.93 -2.29 21.87
N TYR B 203 27.57 -1.12 22.42
CA TYR B 203 27.12 -0.99 23.81
C TYR B 203 25.60 -0.82 23.98
N ILE B 204 25.13 -1.04 25.20
CA ILE B 204 23.79 -0.59 25.53
C ILE B 204 23.76 -0.02 26.95
N ARG B 205 22.98 1.04 27.24
CA ARG B 205 22.89 1.59 28.62
C ARG B 205 21.61 1.04 29.25
N MET B 206 21.71 0.23 30.31
CA MET B 206 20.62 -0.67 30.85
C MET B 206 20.20 -0.13 32.17
N ALA B 207 18.90 -0.18 32.48
CA ALA B 207 18.33 0.31 33.74
C ALA B 207 18.95 -0.27 35.01
N ARG B 208 19.31 0.63 35.97
CA ARG B 208 20.02 0.40 37.19
C ARG B 208 19.05 0.92 38.24
N ASN B 209 19.04 0.18 39.34
CA ASN B 209 18.31 0.53 40.57
C ASN B 209 16.82 0.51 40.32
N ASN B 210 16.45 -0.29 39.33
CA ASN B 210 15.00 -0.46 39.05
C ASN B 210 14.68 -1.98 39.15
N LYS B 211 14.81 -2.57 40.35
CA LYS B 211 14.27 -3.88 40.59
C LYS B 211 15.00 -5.04 39.80
N ASN B 212 16.32 -4.93 39.59
CA ASN B 212 17.11 -6.08 38.99
C ASN B 212 16.66 -6.18 37.56
N HIS B 213 16.58 -5.00 36.91
CA HIS B 213 15.97 -4.95 35.59
C HIS B 213 16.73 -5.91 34.67
N CYS B 214 15.93 -6.76 34.02
CA CYS B 214 16.40 -7.82 33.12
C CYS B 214 17.38 -8.86 33.77
N GLY B 215 17.55 -8.80 35.09
CA GLY B 215 18.20 -9.84 35.78
C GLY B 215 19.64 -9.46 35.91
N ILE B 216 19.95 -8.17 35.61
CA ILE B 216 21.33 -7.74 35.33
C ILE B 216 22.25 -8.00 36.54
N ALA B 217 21.74 -8.01 37.77
CA ALA B 217 22.56 -8.38 38.96
C ALA B 217 22.34 -9.76 39.56
N SER B 218 21.54 -10.58 38.90
CA SER B 218 21.29 -12.00 39.28
C SER B 218 22.52 -12.88 39.37
N TYR B 219 23.36 -12.79 38.33
CA TYR B 219 24.56 -13.67 38.15
C TYR B 219 25.85 -12.87 37.83
N CYS B 220 26.37 -12.11 38.81
CA CYS B 220 27.55 -11.31 38.48
C CYS B 220 28.81 -11.98 38.99
N SER B 221 29.83 -11.99 38.17
CA SER B 221 31.09 -12.58 38.64
C SER B 221 32.20 -11.92 37.94
N TYR B 222 33.38 -11.97 38.55
CA TYR B 222 34.66 -11.44 37.94
C TYR B 222 35.84 -12.25 38.43
N PRO B 223 36.80 -12.49 37.55
CA PRO B 223 38.00 -13.27 37.85
C PRO B 223 38.89 -12.55 38.84
N GLU B 224 39.75 -13.37 39.50
CA GLU B 224 41.01 -12.78 40.02
C GLU B 224 42.36 -13.31 39.36
N ILE B 225 43.32 -12.43 39.02
CA ILE B 225 44.68 -12.82 38.55
C ILE B 225 45.70 -13.23 39.67
N LEU C 8 -0.08 -34.44 0.26
CA LEU C 8 0.10 -32.94 0.05
C LEU C 8 1.32 -32.74 -0.82
N PRO C 9 1.45 -31.56 -1.50
CA PRO C 9 2.66 -31.24 -2.30
C PRO C 9 3.88 -31.30 -1.43
N ASP C 10 5.04 -31.52 -2.05
CA ASP C 10 6.27 -31.65 -1.25
C ASP C 10 6.71 -30.23 -0.89
N THR C 11 6.27 -29.23 -1.68
CA THR C 11 6.70 -27.80 -1.49
C THR C 11 5.58 -26.80 -1.58
N VAL C 12 5.48 -25.97 -0.57
CA VAL C 12 4.54 -24.90 -0.60
C VAL C 12 5.24 -23.55 -0.34
N ASP C 13 4.72 -22.54 -1.03
CA ASP C 13 5.25 -21.20 -0.88
C ASP C 13 4.08 -20.27 -1.32
N TRP C 14 3.33 -19.73 -0.33
CA TRP C 14 2.23 -18.74 -0.53
C TRP C 14 2.58 -17.47 -1.24
N ARG C 15 3.88 -17.11 -1.28
CA ARG C 15 4.25 -15.92 -2.04
C ARG C 15 3.96 -16.09 -3.53
N GLU C 16 4.11 -17.37 -4.00
CA GLU C 16 3.91 -17.75 -5.44
C GLU C 16 2.47 -17.51 -5.88
N LYS C 17 1.54 -17.41 -4.91
CA LYS C 17 0.09 -17.35 -5.09
C LYS C 17 -0.42 -15.90 -4.76
N GLY C 18 0.53 -15.03 -4.44
CA GLY C 18 0.31 -13.64 -4.17
C GLY C 18 -0.52 -13.48 -2.90
N CYS C 19 -0.32 -14.38 -1.93
CA CYS C 19 -1.00 -14.32 -0.63
C CYS C 19 -0.22 -13.71 0.54
N VAL C 20 0.96 -13.13 0.26
CA VAL C 20 1.82 -12.72 1.35
C VAL C 20 2.33 -11.31 1.05
N THR C 21 2.05 -10.35 1.93
CA THR C 21 2.54 -8.96 1.88
C THR C 21 4.08 -8.80 2.08
N GLU C 22 4.62 -7.61 1.78
CA GLU C 22 6.05 -7.35 1.92
C GLU C 22 6.38 -7.52 3.43
N VAL C 23 7.59 -8.02 3.76
CA VAL C 23 8.10 -8.15 5.13
C VAL C 23 8.03 -6.82 5.82
N LYS C 24 7.54 -6.83 7.05
CA LYS C 24 7.54 -5.65 7.89
C LYS C 24 8.69 -5.59 8.91
N TYR C 25 8.92 -4.35 9.48
CA TYR C 25 9.98 -4.06 10.49
C TYR C 25 9.34 -3.58 11.80
N GLN C 26 9.41 -4.44 12.83
CA GLN C 26 8.67 -4.19 14.05
C GLN C 26 9.44 -3.13 14.89
N GLY C 27 10.78 -3.04 14.66
CA GLY C 27 11.69 -2.28 15.52
C GLY C 27 11.59 -2.57 17.05
N SER C 28 11.72 -1.56 17.90
CA SER C 28 11.75 -1.79 19.33
C SER C 28 10.51 -2.27 20.04
N CYS C 29 9.32 -2.12 19.38
CA CYS C 29 8.00 -2.55 19.91
C CYS C 29 7.87 -4.06 19.76
N GLY C 30 7.46 -4.81 20.78
CA GLY C 30 7.38 -6.27 20.69
C GLY C 30 6.00 -6.66 20.13
N ALA C 31 5.76 -6.16 18.93
CA ALA C 31 4.61 -6.34 18.10
C ALA C 31 4.54 -7.63 17.23
N CYS C 32 5.48 -8.56 17.38
CA CYS C 32 5.56 -9.71 16.44
C CYS C 32 4.27 -10.45 16.30
N TRP C 33 3.57 -10.55 17.43
CA TRP C 33 2.33 -11.32 17.52
C TRP C 33 1.29 -10.64 16.58
N ALA C 34 1.31 -9.31 16.61
CA ALA C 34 0.37 -8.55 15.70
C ALA C 34 0.76 -8.74 14.17
N PHE C 35 2.08 -8.64 13.85
CA PHE C 35 2.47 -8.86 12.46
C PHE C 35 2.04 -10.26 12.02
N SER C 36 2.29 -11.15 12.96
CA SER C 36 1.90 -12.53 12.66
C SER C 36 0.41 -12.80 12.31
N ALA C 37 -0.40 -12.30 13.25
CA ALA C 37 -1.81 -12.27 13.04
C ALA C 37 -2.17 -11.63 11.72
N VAL C 38 -1.76 -10.37 11.50
CA VAL C 38 -2.25 -9.73 10.27
C VAL C 38 -1.83 -10.54 9.09
N GLY C 39 -0.61 -11.01 9.23
CA GLY C 39 0.01 -11.82 8.24
C GLY C 39 -0.91 -12.94 7.76
N ALA C 40 -1.30 -13.72 8.75
CA ALA C 40 -2.27 -14.81 8.48
C ALA C 40 -3.62 -14.39 7.90
N LEU C 41 -4.14 -13.27 8.41
CA LEU C 41 -5.43 -12.73 7.88
C LEU C 41 -5.28 -12.18 6.49
N GLU C 42 -4.12 -11.62 6.17
CA GLU C 42 -3.85 -11.10 4.83
C GLU C 42 -3.90 -12.27 3.86
N GLY C 43 -3.25 -13.39 4.20
CA GLY C 43 -3.38 -14.61 3.36
C GLY C 43 -4.84 -14.93 3.00
N GLN C 44 -5.69 -15.02 4.04
CA GLN C 44 -7.17 -15.34 3.94
C GLN C 44 -7.93 -14.34 3.08
N LEU C 45 -7.61 -13.07 3.26
CA LEU C 45 -8.36 -12.03 2.55
C LEU C 45 -8.09 -12.04 1.12
N LYS C 46 -6.84 -12.44 0.77
CA LYS C 46 -6.40 -12.62 -0.58
C LYS C 46 -7.21 -13.75 -1.18
N LEU C 47 -7.03 -14.98 -0.71
CA LEU C 47 -7.90 -16.14 -1.12
C LEU C 47 -9.34 -15.77 -1.25
N LYS C 48 -9.85 -14.89 -0.36
CA LYS C 48 -11.31 -14.61 -0.37
C LYS C 48 -11.69 -13.58 -1.46
N THR C 49 -10.83 -12.58 -1.66
CA THR C 49 -11.17 -11.40 -2.45
C THR C 49 -10.34 -11.16 -3.73
N GLY C 50 -9.29 -11.96 -3.95
CA GLY C 50 -8.33 -11.75 -5.05
C GLY C 50 -7.51 -10.52 -4.82
N LYS C 51 -7.78 -9.81 -3.73
CA LYS C 51 -7.02 -8.59 -3.34
C LYS C 51 -5.96 -8.77 -2.19
N LEU C 52 -4.70 -8.40 -2.41
CA LEU C 52 -3.61 -8.59 -1.42
C LEU C 52 -3.29 -7.28 -0.70
N ILE C 53 -3.61 -7.21 0.57
CA ILE C 53 -3.74 -5.94 1.22
C ILE C 53 -3.00 -5.99 2.59
N SER C 54 -1.99 -5.13 2.87
CA SER C 54 -1.29 -5.19 4.15
C SER C 54 -2.24 -4.63 5.17
N LEU C 55 -2.52 -5.41 6.18
CA LEU C 55 -3.45 -4.99 7.25
C LEU C 55 -2.74 -4.46 8.49
N SER C 56 -3.53 -3.91 9.39
CA SER C 56 -3.08 -3.01 10.39
C SER C 56 -2.62 -3.71 11.66
N ALA C 57 -1.32 -4.06 11.70
CA ALA C 57 -0.69 -4.41 13.00
C ALA C 57 -0.89 -3.38 14.05
N GLN C 58 -0.75 -2.09 13.66
CA GLN C 58 -0.94 -1.12 14.69
C GLN C 58 -2.40 -1.16 15.28
N ASN C 59 -3.39 -1.42 14.43
CA ASN C 59 -4.77 -1.49 15.03
C ASN C 59 -4.78 -2.53 16.17
N LEU C 60 -4.02 -3.61 16.05
CA LEU C 60 -4.07 -4.64 17.09
C LEU C 60 -3.30 -4.24 18.30
N VAL C 61 -2.13 -3.60 18.07
CA VAL C 61 -1.32 -3.07 19.17
C VAL C 61 -2.02 -2.11 20.17
N ASP C 62 -2.73 -1.16 19.58
CA ASP C 62 -3.48 -0.12 20.29
C ASP C 62 -4.72 -0.71 20.96
N CYS C 63 -5.42 -1.60 20.30
CA CYS C 63 -6.86 -1.76 20.63
C CYS C 63 -7.18 -3.01 21.35
N SER C 64 -6.18 -3.89 21.57
CA SER C 64 -6.49 -5.19 22.11
C SER C 64 -5.71 -5.32 23.47
N ASN C 65 -5.33 -4.20 24.09
CA ASN C 65 -4.41 -4.17 25.26
C ASN C 65 -5.08 -3.96 26.63
N GLU C 66 -5.25 -5.08 27.34
CA GLU C 66 -6.06 -5.19 28.54
C GLU C 66 -6.26 -6.68 28.80
N GLU C 67 -6.27 -7.09 30.07
CA GLU C 67 -6.41 -8.50 30.49
C GLU C 67 -7.51 -9.30 29.80
N LYS C 68 -8.48 -8.59 29.22
CA LYS C 68 -9.59 -9.21 28.49
C LYS C 68 -9.06 -10.01 27.30
N TYR C 69 -8.02 -9.49 26.66
CA TYR C 69 -7.29 -10.28 25.67
C TYR C 69 -5.95 -10.88 26.16
N GLY C 70 -5.30 -10.24 27.08
CA GLY C 70 -3.99 -10.72 27.44
C GLY C 70 -2.88 -10.13 26.63
N ASN C 71 -3.17 -9.45 25.52
CA ASN C 71 -2.17 -8.75 24.72
C ASN C 71 -1.79 -7.55 25.57
N LYS C 72 -0.59 -7.03 25.30
CA LYS C 72 0.14 -6.01 26.03
C LYS C 72 0.78 -4.99 25.07
N GLY C 73 0.26 -4.88 23.84
CA GLY C 73 0.66 -3.76 23.01
C GLY C 73 2.09 -4.11 22.71
N CYS C 74 3.00 -3.15 22.87
CA CYS C 74 4.39 -3.46 22.53
C CYS C 74 5.17 -4.32 23.54
N GLY C 75 4.60 -4.72 24.67
CA GLY C 75 5.23 -5.68 25.50
C GLY C 75 4.82 -7.11 25.19
N GLY C 76 4.08 -7.34 24.13
CA GLY C 76 3.83 -8.74 23.67
C GLY C 76 2.34 -9.09 23.60
N GLY C 77 1.96 -10.27 23.10
CA GLY C 77 0.57 -10.60 22.85
C GLY C 77 0.50 -11.92 22.14
N TYR C 78 -0.75 -12.24 21.74
CA TYR C 78 -1.01 -13.51 21.12
C TYR C 78 -1.74 -13.46 19.84
N MET C 79 -1.39 -14.35 18.91
CA MET C 79 -1.99 -14.15 17.66
C MET C 79 -3.48 -14.58 17.74
N THR C 80 -3.83 -15.54 18.57
CA THR C 80 -5.27 -15.94 18.78
C THR C 80 -6.10 -14.85 19.42
N GLU C 81 -5.53 -14.10 20.33
CA GLU C 81 -6.27 -13.00 20.93
C GLU C 81 -6.45 -11.83 19.94
N ALA C 82 -5.41 -11.45 19.18
CA ALA C 82 -5.55 -10.63 18.00
C ALA C 82 -6.81 -11.07 17.20
N PHE C 83 -6.85 -12.37 16.80
CA PHE C 83 -7.98 -12.80 15.99
C PHE C 83 -9.25 -12.52 16.80
N GLN C 84 -9.21 -12.83 18.12
CA GLN C 84 -10.48 -12.66 18.96
C GLN C 84 -10.94 -11.20 19.01
N TYR C 85 -10.05 -10.25 18.90
CA TYR C 85 -10.33 -8.85 19.02
C TYR C 85 -10.96 -8.52 17.67
N ILE C 86 -10.34 -9.04 16.59
CA ILE C 86 -10.90 -8.75 15.27
C ILE C 86 -12.34 -9.29 15.17
N ILE C 87 -12.65 -10.46 15.70
CA ILE C 87 -14.02 -10.89 15.80
C ILE C 87 -14.87 -9.89 16.61
N ASP C 88 -14.41 -9.57 17.82
CA ASP C 88 -15.25 -8.81 18.77
C ASP C 88 -15.50 -7.45 18.17
N ASN C 89 -14.44 -6.88 17.58
CA ASN C 89 -14.48 -5.50 17.10
C ASN C 89 -15.24 -5.42 15.76
N GLY C 90 -15.41 -6.58 15.13
CA GLY C 90 -16.06 -6.75 13.84
C GLY C 90 -15.32 -6.26 12.63
N GLY C 91 -14.00 -6.06 12.79
CA GLY C 91 -13.10 -5.82 11.68
C GLY C 91 -11.78 -5.24 12.09
N ILE C 92 -10.94 -5.10 11.05
CA ILE C 92 -9.66 -4.40 11.22
C ILE C 92 -9.38 -3.51 10.04
N GLU C 93 -8.68 -2.40 10.32
CA GLU C 93 -8.27 -1.51 9.26
C GLU C 93 -7.13 -2.05 8.37
N ALA C 94 -6.96 -1.53 7.13
CA ALA C 94 -5.74 -1.62 6.27
C ALA C 94 -4.57 -0.93 6.96
N ASP C 95 -3.36 -1.41 6.62
CA ASP C 95 -2.15 -0.73 7.16
C ASP C 95 -2.13 0.73 6.67
N ALA C 96 -2.48 0.94 5.37
CA ALA C 96 -2.48 2.27 4.69
C ALA C 96 -3.22 3.29 5.52
N SER C 97 -4.40 2.88 6.02
CA SER C 97 -5.24 3.77 6.78
C SER C 97 -4.87 3.92 8.25
N TYR C 98 -4.23 2.91 8.83
CA TYR C 98 -3.85 2.93 10.28
C TYR C 98 -2.43 2.38 10.35
N PRO C 99 -1.42 3.22 10.00
CA PRO C 99 -0.09 2.62 9.91
C PRO C 99 0.74 2.45 11.20
N TYR C 100 1.87 1.76 11.02
CA TYR C 100 2.67 1.15 12.08
C TYR C 100 3.60 2.20 12.70
N LYS C 101 3.47 2.35 14.04
CA LYS C 101 4.11 3.40 14.89
C LYS C 101 5.24 2.93 15.81
N ALA C 102 5.38 1.60 15.89
CA ALA C 102 6.38 0.96 16.74
C ALA C 102 6.20 1.50 18.18
N MET C 103 4.95 1.85 18.52
CA MET C 103 4.61 2.14 19.90
C MET C 103 3.14 2.15 20.30
N ASP C 104 2.91 2.11 21.61
CA ASP C 104 1.56 1.94 22.19
C ASP C 104 0.84 3.27 22.07
N GLU C 105 -0.19 3.31 21.21
CA GLU C 105 -1.05 4.53 21.05
C GLU C 105 -2.47 4.23 21.38
N LYS C 106 -3.26 5.26 21.57
CA LYS C 106 -4.60 5.12 22.06
C LYS C 106 -5.41 4.77 20.82
N CYS C 107 -6.23 3.70 20.95
CA CYS C 107 -6.96 3.06 19.85
C CYS C 107 -7.67 4.07 19.01
N HIS C 108 -7.52 3.99 17.68
CA HIS C 108 -8.43 4.84 16.86
C HIS C 108 -9.15 4.16 15.70
N TYR C 109 -9.58 2.94 15.98
CA TYR C 109 -10.28 2.18 15.04
C TYR C 109 -11.50 2.98 14.57
N ASN C 110 -11.69 3.02 13.26
CA ASN C 110 -12.90 3.62 12.64
C ASN C 110 -13.50 2.60 11.73
N SER C 111 -14.61 2.02 12.15
CA SER C 111 -15.33 1.02 11.35
CA SER C 111 -15.26 0.99 11.35
C SER C 111 -15.51 1.45 9.90
N LYS C 112 -15.57 2.78 9.65
CA LYS C 112 -15.57 3.30 8.26
C LYS C 112 -14.36 2.86 7.41
N ASN C 113 -13.23 2.57 8.05
CA ASN C 113 -12.01 2.17 7.35
C ASN C 113 -11.71 0.65 7.33
N ARG C 114 -12.69 -0.15 7.76
CA ARG C 114 -12.56 -1.60 7.82
C ARG C 114 -12.13 -2.24 6.49
N ALA C 115 -11.04 -2.99 6.54
CA ALA C 115 -10.34 -3.55 5.40
C ALA C 115 -10.48 -5.08 5.34
N ALA C 116 -10.75 -5.65 6.52
CA ALA C 116 -10.93 -7.12 6.65
C ALA C 116 -11.79 -7.50 7.87
N THR C 117 -12.46 -8.66 7.82
CA THR C 117 -13.15 -9.16 9.05
C THR C 117 -12.48 -10.49 9.58
N CYS C 118 -12.85 -10.99 10.76
CA CYS C 118 -12.52 -12.39 11.13
C CYS C 118 -13.81 -13.06 11.63
N SER C 119 -14.12 -14.27 11.23
CA SER C 119 -15.23 -14.93 11.84
C SER C 119 -14.85 -15.84 13.01
N ARG C 120 -13.72 -16.53 12.87
CA ARG C 120 -13.23 -17.50 13.89
C ARG C 120 -11.81 -17.78 13.66
N TYR C 121 -11.17 -18.43 14.62
CA TYR C 121 -9.86 -18.90 14.30
C TYR C 121 -9.75 -20.34 14.70
N ILE C 122 -8.85 -21.09 14.06
CA ILE C 122 -8.64 -22.48 14.28
C ILE C 122 -7.28 -22.71 14.93
N GLN C 123 -7.28 -23.40 16.03
CA GLN C 123 -6.03 -23.85 16.70
C GLN C 123 -5.54 -25.23 16.29
N LEU C 124 -4.30 -25.39 15.87
CA LEU C 124 -3.88 -26.79 15.58
C LEU C 124 -3.35 -27.54 16.84
N PRO C 125 -3.27 -28.90 16.75
CA PRO C 125 -2.80 -29.58 17.93
C PRO C 125 -1.35 -29.30 18.22
N PHE C 126 -1.14 -29.12 19.48
CA PHE C 126 0.21 -28.91 20.04
C PHE C 126 1.17 -29.97 19.58
N GLY C 127 2.23 -29.49 18.98
CA GLY C 127 3.36 -30.30 18.64
C GLY C 127 3.21 -31.03 17.29
N ASP C 128 2.04 -30.88 16.57
CA ASP C 128 1.79 -31.84 15.48
C ASP C 128 2.23 -31.24 14.14
N GLU C 129 3.43 -31.64 13.70
CA GLU C 129 3.99 -30.98 12.56
C GLU C 129 3.27 -31.43 11.23
N ASP C 130 2.59 -32.58 11.28
CA ASP C 130 1.74 -33.03 10.18
C ASP C 130 0.46 -32.21 10.00
N ALA C 131 -0.11 -31.85 11.15
CA ALA C 131 -1.24 -31.05 11.15
C ALA C 131 -0.83 -29.64 10.63
N LEU C 132 0.28 -29.12 11.13
CA LEU C 132 0.75 -27.79 10.67
C LEU C 132 1.00 -27.88 9.14
N LYS C 133 1.53 -29.04 8.66
CA LYS C 133 1.81 -29.19 7.27
C LYS C 133 0.55 -29.16 6.42
N GLU C 134 -0.53 -29.85 6.89
CA GLU C 134 -1.88 -29.95 6.30
CA GLU C 134 -1.82 -29.94 6.24
C GLU C 134 -2.52 -28.60 6.23
N ALA C 135 -2.44 -27.87 7.32
CA ALA C 135 -2.95 -26.50 7.25
C ALA C 135 -2.30 -25.47 6.28
N VAL C 136 -1.00 -25.38 6.32
CA VAL C 136 -0.32 -24.52 5.38
C VAL C 136 -0.66 -25.02 3.92
N ALA C 137 -0.81 -26.36 3.75
CA ALA C 137 -0.95 -26.74 2.32
C ALA C 137 -2.32 -26.37 1.74
N THR C 138 -3.32 -26.55 2.62
CA THR C 138 -4.74 -26.40 2.25
C THR C 138 -5.54 -25.16 2.74
N LYS C 139 -5.03 -24.44 3.74
CA LYS C 139 -5.68 -23.25 4.28
C LYS C 139 -4.96 -21.91 3.92
N GLY C 140 -3.70 -21.79 4.33
CA GLY C 140 -2.91 -20.62 3.92
C GLY C 140 -1.85 -20.40 4.94
N PRO C 141 -1.20 -19.20 4.91
CA PRO C 141 -0.16 -18.98 5.85
C PRO C 141 -0.78 -19.20 7.31
N VAL C 142 0.05 -19.66 8.23
CA VAL C 142 -0.40 -19.99 9.61
C VAL C 142 0.50 -19.29 10.64
N SER C 143 -0.07 -18.62 11.64
CA SER C 143 0.64 -18.05 12.71
C SER C 143 1.20 -19.07 13.64
N VAL C 144 2.44 -18.97 13.96
CA VAL C 144 3.06 -19.82 14.97
C VAL C 144 4.06 -19.11 15.89
N GLY C 145 4.32 -19.73 17.06
CA GLY C 145 5.28 -19.20 18.06
C GLY C 145 6.50 -20.06 18.01
N ILE C 146 7.64 -19.40 18.20
CA ILE C 146 8.87 -20.07 18.22
C ILE C 146 9.80 -19.56 19.27
N ASP C 147 10.82 -20.41 19.60
CA ASP C 147 11.89 -19.85 20.37
C ASP C 147 12.89 -19.06 19.47
N ALA C 148 12.82 -17.69 19.53
CA ALA C 148 13.72 -16.73 18.70
C ALA C 148 14.86 -16.03 19.50
N SER C 149 15.33 -16.70 20.52
CA SER C 149 16.02 -16.07 21.56
C SER C 149 17.48 -16.39 21.46
N HIS C 150 17.90 -17.16 20.45
CA HIS C 150 19.30 -17.47 20.30
C HIS C 150 19.98 -16.72 19.21
N SER C 151 21.28 -16.53 19.42
CA SER C 151 21.96 -15.65 18.48
C SER C 151 22.00 -16.23 17.10
N SER C 152 22.08 -17.55 17.05
CA SER C 152 22.02 -18.26 15.80
C SER C 152 20.68 -17.95 15.00
N PHE C 153 19.59 -17.64 15.71
CA PHE C 153 18.32 -17.22 15.04
C PHE C 153 18.56 -15.78 14.51
N PHE C 154 19.02 -14.93 15.43
CA PHE C 154 19.18 -13.52 15.11
C PHE C 154 20.11 -13.29 13.90
N PHE C 155 21.18 -14.10 13.76
CA PHE C 155 22.13 -13.93 12.64
C PHE C 155 22.06 -14.97 11.56
N TYR C 156 21.00 -15.76 11.49
CA TYR C 156 20.74 -16.67 10.43
C TYR C 156 20.88 -16.00 9.08
N LYS C 157 21.61 -16.63 8.15
CA LYS C 157 21.59 -16.10 6.75
C LYS C 157 21.13 -17.13 5.70
N SER C 158 21.28 -18.41 6.03
CA SER C 158 21.10 -19.41 4.98
C SER C 158 21.02 -20.80 5.51
N GLY C 159 20.60 -21.71 4.63
CA GLY C 159 20.40 -23.10 5.07
C GLY C 159 19.10 -23.23 5.83
N VAL C 160 19.03 -24.36 6.49
CA VAL C 160 17.91 -24.65 7.33
C VAL C 160 18.33 -24.53 8.80
N TYR C 161 17.62 -23.71 9.56
CA TYR C 161 17.99 -23.40 10.89
C TYR C 161 17.64 -24.53 11.78
N ASP C 162 18.61 -24.98 12.56
CA ASP C 162 18.42 -26.16 13.31
C ASP C 162 19.22 -26.23 14.61
N ASP C 163 19.70 -25.07 15.05
CA ASP C 163 20.51 -25.06 16.24
C ASP C 163 19.89 -25.88 17.35
N PRO C 164 20.62 -26.91 17.78
CA PRO C 164 20.34 -27.74 18.84
C PRO C 164 19.98 -26.98 20.12
N SER C 165 20.48 -25.78 20.31
CA SER C 165 20.22 -25.05 21.56
C SER C 165 18.83 -24.53 21.65
N CYS C 166 18.14 -24.47 20.50
CA CYS C 166 16.74 -24.00 20.53
C CYS C 166 15.93 -24.89 21.45
N THR C 167 14.92 -24.30 22.09
CA THR C 167 14.13 -24.96 23.11
C THR C 167 12.64 -24.83 22.64
N GLY C 168 11.75 -25.50 23.45
CA GLY C 168 10.35 -25.39 23.17
C GLY C 168 9.67 -24.21 23.79
N ASN C 169 10.49 -23.38 24.39
CA ASN C 169 9.99 -22.33 25.16
C ASN C 169 9.78 -21.12 24.24
N VAL C 170 8.62 -21.03 23.60
CA VAL C 170 8.54 -20.02 22.59
C VAL C 170 8.32 -18.62 23.12
N ASN C 171 8.77 -17.61 22.37
CA ASN C 171 8.82 -16.17 22.73
C ASN C 171 8.58 -15.17 21.67
N HIS C 172 8.25 -15.69 20.47
CA HIS C 172 8.12 -14.85 19.25
C HIS C 172 7.11 -15.32 18.25
N GLY C 173 6.16 -14.46 17.98
CA GLY C 173 5.20 -14.74 16.92
C GLY C 173 5.75 -14.60 15.51
N VAL C 174 5.56 -15.54 14.64
CA VAL C 174 5.85 -15.30 13.23
C VAL C 174 4.84 -16.04 12.34
N LEU C 175 5.13 -16.12 11.04
CA LEU C 175 4.14 -16.53 10.01
C LEU C 175 4.80 -17.64 9.17
N VAL C 176 4.23 -18.83 9.20
CA VAL C 176 4.66 -19.83 8.31
C VAL C 176 3.92 -19.71 6.99
N VAL C 177 4.68 -19.48 5.89
CA VAL C 177 4.04 -19.26 4.59
C VAL C 177 4.37 -20.35 3.60
N GLY C 178 5.23 -21.31 4.00
CA GLY C 178 5.42 -22.52 3.20
C GLY C 178 6.22 -23.63 3.84
N TYR C 179 6.75 -24.53 3.00
CA TYR C 179 7.61 -25.60 3.50
C TYR C 179 8.22 -26.26 2.26
N GLY C 180 9.26 -27.04 2.53
CA GLY C 180 9.90 -27.91 1.58
C GLY C 180 11.05 -28.64 2.25
N THR C 181 12.01 -28.92 1.39
CA THR C 181 13.14 -29.66 1.74
C THR C 181 14.32 -29.05 0.97
N LEU C 182 15.33 -28.64 1.73
CA LEU C 182 16.62 -28.16 1.25
C LEU C 182 17.83 -28.99 1.63
N ASP C 183 18.57 -29.39 0.61
CA ASP C 183 19.56 -30.41 0.73
C ASP C 183 19.14 -31.57 1.65
N GLY C 184 17.91 -32.11 1.37
CA GLY C 184 17.45 -33.24 2.22
C GLY C 184 17.00 -32.91 3.61
N LYS C 185 17.08 -31.67 4.05
CA LYS C 185 16.56 -31.37 5.35
C LYS C 185 15.22 -30.64 5.21
N ASP C 186 14.09 -31.25 5.66
CA ASP C 186 12.77 -30.52 5.72
C ASP C 186 12.79 -29.19 6.45
N TYR C 187 12.04 -28.23 5.94
CA TYR C 187 12.01 -26.92 6.55
C TYR C 187 10.64 -26.32 6.48
N TRP C 188 10.36 -25.35 7.37
CA TRP C 188 9.22 -24.37 7.33
C TRP C 188 9.73 -23.05 6.86
N LEU C 189 9.00 -22.47 5.93
CA LEU C 189 9.35 -21.19 5.42
C LEU C 189 8.79 -20.11 6.29
N VAL C 190 9.58 -19.27 6.97
CA VAL C 190 9.02 -18.43 7.98
C VAL C 190 9.18 -16.93 7.74
N LYS C 191 8.08 -16.15 7.58
CA LYS C 191 8.22 -14.70 7.49
C LYS C 191 8.32 -14.15 8.88
N ASN C 192 9.33 -13.26 9.03
CA ASN C 192 9.62 -12.74 10.34
C ASN C 192 9.12 -11.29 10.14
N SER C 193 9.13 -10.47 11.22
CA SER C 193 8.78 -9.00 11.21
C SER C 193 9.94 -8.12 11.83
N TRP C 194 11.15 -8.52 11.36
CA TRP C 194 12.37 -7.81 11.69
C TRP C 194 12.95 -7.13 10.40
N GLY C 195 12.12 -6.78 9.43
CA GLY C 195 12.56 -6.11 8.23
C GLY C 195 13.34 -7.04 7.36
N LEU C 196 13.77 -6.47 6.21
CA LEU C 196 14.49 -7.18 5.18
C LEU C 196 15.93 -7.63 5.47
N ASN C 197 16.59 -6.97 6.43
CA ASN C 197 17.98 -7.25 6.73
C ASN C 197 18.06 -8.45 7.62
N PHE C 198 16.92 -8.91 8.09
CA PHE C 198 16.93 -10.18 8.77
C PHE C 198 16.98 -11.38 7.86
N GLY C 199 17.89 -12.32 8.19
CA GLY C 199 17.96 -13.60 7.50
C GLY C 199 18.02 -13.45 6.00
N ASP C 200 17.13 -14.13 5.26
CA ASP C 200 17.12 -14.17 3.81
C ASP C 200 15.94 -13.29 3.35
N GLN C 201 16.25 -12.02 3.10
CA GLN C 201 15.28 -10.98 2.75
C GLN C 201 14.00 -11.05 3.70
N GLY C 202 14.26 -11.33 4.97
CA GLY C 202 13.33 -11.24 6.10
C GLY C 202 12.60 -12.50 6.45
N TYR C 203 13.05 -13.52 5.80
CA TYR C 203 12.50 -14.93 5.89
C TYR C 203 13.57 -15.80 6.50
N ILE C 204 13.15 -16.87 7.19
CA ILE C 204 14.14 -17.92 7.68
C ILE C 204 13.59 -19.30 7.39
N ARG C 205 14.37 -20.30 6.97
CA ARG C 205 13.93 -21.71 6.76
C ARG C 205 14.30 -22.36 8.05
N MET C 206 13.26 -22.82 8.75
CA MET C 206 13.46 -23.51 10.02
C MET C 206 13.17 -25.00 9.93
N ALA C 207 13.95 -25.78 10.68
CA ALA C 207 13.83 -27.17 10.69
C ALA C 207 12.47 -27.72 10.84
N ARG C 208 12.09 -28.67 9.92
CA ARG C 208 10.69 -29.25 9.94
C ARG C 208 10.90 -30.76 10.24
N ASN C 209 9.95 -31.44 10.88
CA ASN C 209 10.14 -32.88 11.15
C ASN C 209 11.36 -33.21 11.94
N ASN C 210 11.71 -32.25 12.82
CA ASN C 210 12.90 -32.39 13.71
C ASN C 210 12.44 -32.17 15.14
N LYS C 211 11.53 -33.09 15.53
CA LYS C 211 10.95 -33.13 16.90
C LYS C 211 10.42 -31.78 17.49
N ASN C 212 9.70 -31.04 16.65
CA ASN C 212 9.10 -29.76 17.01
C ASN C 212 10.09 -28.71 17.33
N HIS C 213 11.05 -28.53 16.44
CA HIS C 213 12.21 -27.78 16.82
C HIS C 213 11.83 -26.30 17.02
N CYS C 214 12.57 -25.64 17.89
CA CYS C 214 12.15 -24.35 18.34
C CYS C 214 10.68 -24.18 18.76
N GLY C 215 9.94 -25.30 19.01
CA GLY C 215 8.52 -25.14 19.55
C GLY C 215 7.54 -24.80 18.39
N ILE C 216 8.05 -24.91 17.16
CA ILE C 216 7.31 -24.31 16.00
C ILE C 216 5.89 -24.75 15.77
N ALA C 217 5.68 -25.97 16.19
CA ALA C 217 4.32 -26.55 16.07
C ALA C 217 3.53 -26.50 17.40
N SER C 218 3.99 -25.91 18.47
CA SER C 218 3.42 -25.92 19.80
C SER C 218 2.11 -25.06 19.84
N TYR C 219 2.18 -23.87 19.21
CA TYR C 219 1.12 -22.91 19.26
C TYR C 219 0.74 -22.32 17.94
N CYS C 220 0.09 -23.11 17.11
CA CYS C 220 -0.26 -22.73 15.70
C CYS C 220 -1.74 -22.36 15.58
N SER C 221 -2.05 -21.28 14.84
CA SER C 221 -3.40 -20.90 14.59
C SER C 221 -3.63 -20.17 13.30
N TYR C 222 -4.85 -20.15 12.75
CA TYR C 222 -5.09 -19.37 11.61
C TYR C 222 -6.53 -18.92 11.66
N PRO C 223 -6.84 -17.76 11.09
CA PRO C 223 -8.16 -17.15 11.07
C PRO C 223 -8.88 -17.53 9.89
N GLU C 224 -10.22 -17.56 10.02
CA GLU C 224 -11.13 -17.43 8.85
C GLU C 224 -11.70 -16.01 8.69
N ILE C 225 -11.93 -15.69 7.42
CA ILE C 225 -12.81 -14.63 7.05
C ILE C 225 -14.21 -15.40 7.16
N LEU D 8 27.86 -14.93 -10.70
CA LEU D 8 27.97 -13.43 -10.91
C LEU D 8 29.13 -13.07 -11.89
N PRO D 9 29.24 -11.80 -12.40
CA PRO D 9 30.42 -11.70 -13.29
C PRO D 9 31.68 -11.98 -12.46
N ASP D 10 32.74 -12.34 -13.15
CA ASP D 10 34.07 -12.43 -12.52
C ASP D 10 34.63 -11.00 -12.27
N THR D 11 34.21 -10.02 -13.08
CA THR D 11 34.74 -8.63 -12.96
C THR D 11 33.60 -7.66 -13.06
N VAL D 12 33.58 -6.70 -12.11
CA VAL D 12 32.63 -5.58 -12.15
C VAL D 12 33.43 -4.32 -11.93
N ASP D 13 33.13 -3.34 -12.76
CA ASP D 13 33.48 -1.96 -12.50
C ASP D 13 32.27 -1.00 -12.81
N TRP D 14 31.71 -0.45 -11.73
CA TRP D 14 30.56 0.42 -11.91
C TRP D 14 30.97 1.71 -12.63
N ARG D 15 32.23 2.07 -12.48
CA ARG D 15 32.62 3.19 -13.38
C ARG D 15 32.12 3.08 -14.85
N GLU D 16 32.31 1.87 -15.39
CA GLU D 16 31.92 1.41 -16.76
C GLU D 16 30.37 1.60 -17.03
N LYS D 17 29.54 1.70 -16.00
CA LYS D 17 28.08 1.87 -16.24
C LYS D 17 27.70 3.34 -15.95
N GLY D 18 28.69 4.23 -16.03
CA GLY D 18 28.47 5.57 -15.54
C GLY D 18 27.83 5.79 -14.18
N CYS D 19 28.18 4.99 -13.17
CA CYS D 19 27.42 5.12 -11.94
C CYS D 19 28.28 5.69 -10.80
N VAL D 20 29.40 6.36 -11.14
CA VAL D 20 30.35 6.68 -10.10
C VAL D 20 30.87 8.11 -10.38
N THR D 21 30.54 9.04 -9.54
CA THR D 21 31.11 10.38 -9.64
C THR D 21 32.64 10.50 -9.49
N GLU D 22 33.14 11.71 -9.83
CA GLU D 22 34.58 12.05 -9.62
C GLU D 22 34.99 11.80 -8.16
N VAL D 23 36.26 11.43 -8.06
CA VAL D 23 36.86 11.21 -6.74
C VAL D 23 36.90 12.52 -5.98
N LYS D 24 36.47 12.50 -4.72
CA LYS D 24 36.60 13.67 -3.91
C LYS D 24 37.72 13.71 -2.88
N TYR D 25 37.99 14.96 -2.36
CA TYR D 25 39.10 15.18 -1.47
C TYR D 25 38.56 15.65 -0.12
N GLN D 26 38.64 14.82 0.95
CA GLN D 26 37.94 15.19 2.17
C GLN D 26 38.78 16.28 2.92
N GLY D 27 40.06 16.39 2.58
CA GLY D 27 40.90 17.26 3.37
C GLY D 27 40.95 16.86 4.85
N SER D 28 41.16 17.84 5.73
CA SER D 28 41.28 17.66 7.18
C SER D 28 40.03 17.21 7.96
N CYS D 29 38.86 17.35 7.37
CA CYS D 29 37.60 16.92 7.85
C CYS D 29 37.41 15.43 7.75
N GLY D 30 37.04 14.83 8.86
CA GLY D 30 36.94 13.40 8.87
C GLY D 30 35.62 12.97 8.38
N ALA D 31 35.38 13.33 7.16
CA ALA D 31 34.08 13.13 6.49
C ALA D 31 33.99 11.78 5.67
N CYS D 32 34.89 10.78 5.81
CA CYS D 32 34.90 9.62 4.90
C CYS D 32 33.54 9.01 4.87
N TRP D 33 32.94 8.85 6.04
CA TRP D 33 31.65 8.27 6.23
C TRP D 33 30.60 8.99 5.34
N ALA D 34 30.72 10.33 5.22
CA ALA D 34 29.75 11.06 4.46
C ALA D 34 30.10 10.80 2.92
N PHE D 35 31.39 10.78 2.58
CA PHE D 35 31.72 10.47 1.17
C PHE D 35 31.14 9.11 0.75
N SER D 36 31.37 8.14 1.59
CA SER D 36 31.04 6.77 1.36
C SER D 36 29.56 6.74 1.21
N ALA D 37 28.85 7.37 2.17
CA ALA D 37 27.43 7.22 1.96
C ALA D 37 26.94 7.91 0.72
N VAL D 38 27.38 9.16 0.51
CA VAL D 38 26.89 9.86 -0.75
C VAL D 38 27.19 8.98 -1.98
N GLY D 39 28.39 8.46 -2.00
CA GLY D 39 28.81 7.59 -3.09
C GLY D 39 27.85 6.47 -3.39
N ALA D 40 27.37 5.88 -2.29
CA ALA D 40 26.54 4.74 -2.54
C ALA D 40 25.23 5.30 -3.13
N LEU D 41 24.89 6.47 -2.56
CA LEU D 41 23.53 6.84 -2.96
C LEU D 41 23.52 7.37 -4.36
N GLU D 42 24.63 8.02 -4.76
CA GLU D 42 24.85 8.44 -6.16
C GLU D 42 24.76 7.32 -7.20
N GLY D 43 25.29 6.16 -6.78
CA GLY D 43 25.16 4.99 -7.57
C GLY D 43 23.69 4.56 -7.78
N GLN D 44 22.98 4.52 -6.64
CA GLN D 44 21.49 4.21 -6.73
C GLN D 44 20.71 5.22 -7.55
N LEU D 45 21.05 6.52 -7.42
CA LEU D 45 20.26 7.56 -8.11
C LEU D 45 20.52 7.37 -9.56
N LYS D 46 21.76 7.02 -9.96
CA LYS D 46 21.98 6.90 -11.38
C LYS D 46 21.19 5.67 -11.89
N LEU D 47 21.23 4.61 -11.12
CA LEU D 47 20.69 3.36 -11.62
C LEU D 47 19.16 3.57 -11.74
N LYS D 48 18.53 4.20 -10.73
CA LYS D 48 17.06 4.45 -10.71
C LYS D 48 16.50 5.56 -11.60
N THR D 49 17.37 6.52 -11.93
CA THR D 49 16.81 7.79 -12.46
C THR D 49 17.51 8.26 -13.70
N GLY D 50 18.66 7.67 -13.98
CA GLY D 50 19.47 8.05 -15.12
C GLY D 50 20.45 9.21 -14.92
N LYS D 51 20.40 9.88 -13.76
CA LYS D 51 21.24 11.05 -13.52
C LYS D 51 22.44 10.68 -12.56
N LEU D 52 23.63 11.21 -12.88
CA LEU D 52 24.85 11.00 -12.10
C LEU D 52 25.18 12.37 -11.62
N ILE D 53 25.00 12.57 -10.32
CA ILE D 53 25.17 13.87 -9.72
C ILE D 53 25.78 13.75 -8.33
N SER D 54 26.87 14.47 -8.06
CA SER D 54 27.53 14.24 -6.78
C SER D 54 26.59 14.85 -5.76
N LEU D 55 26.49 14.11 -4.68
CA LEU D 55 25.63 14.43 -3.62
C LEU D 55 26.42 15.12 -2.47
N SER D 56 25.66 15.74 -1.55
CA SER D 56 26.29 16.72 -0.62
C SER D 56 26.82 16.04 0.67
N ALA D 57 28.10 15.58 0.67
CA ALA D 57 28.78 15.23 1.93
C ALA D 57 28.58 16.32 3.05
N GLN D 58 28.66 17.58 2.66
CA GLN D 58 28.59 18.66 3.68
C GLN D 58 27.23 18.63 4.39
N ASN D 59 26.23 18.41 3.57
CA ASN D 59 24.84 18.15 4.02
C ASN D 59 24.78 17.16 5.14
N LEU D 60 25.35 15.99 4.95
CA LEU D 60 25.56 14.99 5.99
C LEU D 60 26.40 15.52 7.13
N VAL D 61 27.47 16.25 6.79
CA VAL D 61 28.41 16.63 7.85
C VAL D 61 27.67 17.61 8.83
N ASP D 62 27.07 18.65 8.25
CA ASP D 62 26.48 19.69 9.07
C ASP D 62 25.22 19.26 9.82
N CYS D 63 24.41 18.35 9.23
CA CYS D 63 23.02 18.10 9.64
C CYS D 63 22.66 16.83 10.47
N SER D 64 23.57 15.89 10.51
CA SER D 64 23.34 14.63 11.22
C SER D 64 24.22 14.63 12.52
N ASN D 65 24.79 15.80 12.87
CA ASN D 65 25.71 15.96 14.03
C ASN D 65 24.91 16.30 15.30
N GLU D 66 24.16 15.30 15.72
CA GLU D 66 23.43 15.32 16.98
C GLU D 66 23.39 13.90 17.49
N GLU D 67 22.98 13.75 18.77
CA GLU D 67 22.97 12.41 19.38
C GLU D 67 21.84 11.53 18.81
N LYS D 68 20.92 12.18 18.10
CA LYS D 68 19.92 11.51 17.24
C LYS D 68 20.61 10.44 16.33
N TYR D 69 21.73 10.81 15.69
CA TYR D 69 22.51 9.87 14.83
C TYR D 69 23.87 9.38 15.31
N GLY D 70 24.54 10.12 16.16
CA GLY D 70 25.74 9.55 16.73
C GLY D 70 26.87 9.81 15.75
N ASN D 71 26.53 10.50 14.65
CA ASN D 71 27.50 11.09 13.67
C ASN D 71 28.05 12.35 14.37
N LYS D 72 29.26 12.77 13.94
CA LYS D 72 30.06 13.79 14.61
C LYS D 72 30.74 14.70 13.64
N GLY D 73 30.09 14.83 12.47
CA GLY D 73 30.55 15.68 11.42
C GLY D 73 31.95 15.32 10.97
N CYS D 74 32.84 16.30 11.10
CA CYS D 74 34.28 16.14 10.77
C CYS D 74 35.01 15.25 11.74
N GLY D 75 34.38 15.00 12.87
CA GLY D 75 34.94 14.07 13.79
C GLY D 75 34.52 12.61 13.59
N GLY D 76 33.93 12.28 12.47
CA GLY D 76 33.76 10.84 12.13
C GLY D 76 32.27 10.55 12.20
N GLY D 77 31.80 9.39 11.70
CA GLY D 77 30.38 9.14 11.50
C GLY D 77 30.15 7.79 10.88
N TYR D 78 28.91 7.49 10.60
CA TYR D 78 28.56 6.15 10.19
C TYR D 78 27.76 6.21 8.90
N MET D 79 28.04 5.29 7.96
CA MET D 79 27.30 5.39 6.75
C MET D 79 25.80 5.17 6.94
N THR D 80 25.50 4.16 7.72
CA THR D 80 24.07 3.71 8.00
C THR D 80 23.30 4.85 8.66
N GLU D 81 23.90 5.56 9.63
CA GLU D 81 23.33 6.82 10.21
C GLU D 81 23.15 7.96 9.21
N ALA D 82 24.06 8.04 8.25
CA ALA D 82 23.88 8.96 7.13
C ALA D 82 22.68 8.59 6.28
N PHE D 83 22.53 7.28 5.90
CA PHE D 83 21.24 6.92 5.24
C PHE D 83 19.96 7.12 6.14
N GLN D 84 20.03 6.88 7.47
CA GLN D 84 18.86 7.21 8.39
C GLN D 84 18.54 8.67 8.35
N TYR D 85 19.57 9.53 8.29
CA TYR D 85 19.32 10.97 8.28
C TYR D 85 18.57 11.31 6.99
N ILE D 86 18.94 10.66 5.88
CA ILE D 86 18.46 11.13 4.58
C ILE D 86 16.98 10.65 4.66
N ILE D 87 16.76 9.44 5.17
CA ILE D 87 15.37 8.95 5.35
C ILE D 87 14.51 9.84 6.20
N ASP D 88 15.01 10.30 7.34
CA ASP D 88 14.13 11.05 8.27
C ASP D 88 13.89 12.42 7.68
N ASN D 89 14.94 12.96 7.04
CA ASN D 89 14.93 14.30 6.49
C ASN D 89 14.12 14.41 5.23
N GLY D 90 13.82 13.26 4.60
CA GLY D 90 13.07 13.38 3.34
C GLY D 90 13.93 13.93 2.19
N GLY D 91 15.25 14.04 2.37
CA GLY D 91 16.04 14.65 1.29
C GLY D 91 17.49 14.70 1.54
N ILE D 92 18.21 14.86 0.43
CA ILE D 92 19.60 15.36 0.50
C ILE D 92 19.80 16.22 -0.68
N GLU D 93 20.59 17.30 -0.51
CA GLU D 93 20.82 18.18 -1.65
C GLU D 93 22.02 17.65 -2.46
N ALA D 94 22.22 18.19 -3.67
CA ALA D 94 23.45 17.90 -4.42
C ALA D 94 24.63 18.64 -3.84
N ASP D 95 25.81 18.15 -4.11
CA ASP D 95 27.02 18.91 -3.83
C ASP D 95 27.00 20.32 -4.51
N ALA D 96 26.53 20.33 -5.76
CA ALA D 96 26.55 21.55 -6.57
C ALA D 96 25.88 22.70 -5.77
N SER D 97 24.83 22.35 -5.01
CA SER D 97 24.03 23.34 -4.19
C SER D 97 24.36 23.47 -2.70
N TYR D 98 25.08 22.49 -2.15
CA TYR D 98 25.38 22.47 -0.71
C TYR D 98 26.82 21.94 -0.74
N PRO D 99 27.73 22.84 -1.09
CA PRO D 99 29.13 22.57 -1.39
C PRO D 99 29.99 22.16 -0.16
N TYR D 100 30.99 21.31 -0.42
CA TYR D 100 31.87 20.75 0.62
C TYR D 100 32.86 21.85 1.09
N LYS D 101 32.84 22.00 2.46
CA LYS D 101 33.61 23.09 3.13
C LYS D 101 34.74 22.45 3.95
N ALA D 102 34.80 21.15 4.07
CA ALA D 102 35.72 20.57 5.07
C ALA D 102 35.72 21.14 6.44
N MET D 103 34.56 21.63 6.86
CA MET D 103 34.41 22.20 8.19
C MET D 103 33.03 21.86 8.75
N ASP D 104 32.91 21.81 10.05
CA ASP D 104 31.59 21.60 10.65
C ASP D 104 30.92 22.96 10.61
N GLU D 105 29.69 22.99 10.06
CA GLU D 105 28.87 24.25 10.05
C GLU D 105 27.39 24.00 10.44
N LYS D 106 26.67 25.06 10.88
CA LYS D 106 25.24 24.89 11.14
C LYS D 106 24.51 24.39 9.87
N CYS D 107 23.61 23.45 10.09
CA CYS D 107 22.78 22.90 9.05
C CYS D 107 22.05 23.98 8.29
N HIS D 108 22.01 23.81 6.99
CA HIS D 108 21.36 24.75 6.14
C HIS D 108 20.71 24.08 4.92
N TYR D 109 20.13 22.90 5.15
CA TYR D 109 19.42 22.22 4.09
C TYR D 109 18.10 22.91 3.73
N ASN D 110 17.83 22.94 2.42
CA ASN D 110 16.60 23.48 1.83
C ASN D 110 15.95 22.34 1.07
N SER D 111 14.70 21.99 1.39
CA SER D 111 14.12 20.83 0.74
C SER D 111 13.67 21.05 -0.70
N LYS D 112 13.62 22.32 -1.14
CA LYS D 112 13.42 22.63 -2.56
C LYS D 112 14.65 22.33 -3.45
N ASN D 113 15.81 22.12 -2.83
CA ASN D 113 17.00 21.71 -3.54
C ASN D 113 17.26 20.20 -3.32
N ARG D 114 16.25 19.50 -2.79
CA ARG D 114 16.38 18.06 -2.59
C ARG D 114 16.87 17.47 -3.91
N ALA D 115 17.94 16.71 -3.86
CA ALA D 115 18.39 16.10 -5.10
C ALA D 115 18.26 14.55 -5.20
N ALA D 116 18.09 13.96 -4.02
CA ALA D 116 18.06 12.53 -3.87
C ALA D 116 17.25 12.26 -2.61
N THR D 117 16.60 11.09 -2.63
CA THR D 117 15.84 10.62 -1.43
C THR D 117 16.43 9.25 -1.11
N CYS D 118 16.08 8.74 0.08
CA CYS D 118 16.31 7.32 0.56
C CYS D 118 15.06 6.78 1.38
N SER D 119 14.55 5.56 1.05
CA SER D 119 13.48 4.87 1.82
C SER D 119 13.99 3.86 2.85
N ARG D 120 15.11 3.17 2.52
CA ARG D 120 15.60 2.10 3.36
C ARG D 120 17.04 2.06 3.15
N TYR D 121 17.75 1.48 4.13
CA TYR D 121 19.03 0.97 3.81
C TYR D 121 19.27 -0.48 4.28
N ILE D 122 20.20 -1.13 3.58
CA ILE D 122 20.50 -2.57 3.72
C ILE D 122 21.87 -2.76 4.38
N GLN D 123 21.88 -3.59 5.41
CA GLN D 123 23.09 -3.96 6.08
C GLN D 123 23.43 -5.41 5.72
N LEU D 124 24.62 -5.65 5.18
CA LEU D 124 24.91 -7.02 4.76
C LEU D 124 25.57 -7.87 5.88
N PRO D 125 25.57 -9.19 5.74
CA PRO D 125 26.04 -9.95 6.92
C PRO D 125 27.48 -9.61 7.29
N PHE D 126 27.87 -9.86 8.55
CA PHE D 126 29.23 -9.54 8.99
C PHE D 126 30.25 -10.51 8.40
N GLY D 127 31.30 -9.86 7.90
CA GLY D 127 32.32 -10.52 7.16
C GLY D 127 32.09 -11.45 5.96
N ASP D 128 30.88 -11.43 5.41
CA ASP D 128 30.57 -12.30 4.30
C ASP D 128 30.88 -11.65 2.96
N GLU D 129 32.05 -11.98 2.43
CA GLU D 129 32.52 -11.46 1.16
C GLU D 129 31.81 -12.06 -0.10
N ASP D 130 30.98 -13.10 0.08
CA ASP D 130 30.24 -13.56 -1.03
C ASP D 130 28.94 -12.70 -1.23
N ALA D 131 28.34 -12.31 -0.10
CA ALA D 131 27.25 -11.42 -0.04
C ALA D 131 27.69 -10.02 -0.56
N LEU D 132 28.87 -9.58 -0.12
CA LEU D 132 29.30 -8.25 -0.55
C LEU D 132 29.53 -8.36 -2.10
N LYS D 133 30.15 -9.44 -2.55
CA LYS D 133 30.19 -9.70 -4.01
C LYS D 133 28.82 -9.57 -4.69
N GLU D 134 27.83 -10.36 -4.22
CA GLU D 134 26.54 -10.32 -4.88
C GLU D 134 25.93 -8.95 -4.95
N ALA D 135 26.01 -8.25 -3.84
CA ALA D 135 25.48 -6.93 -3.66
C ALA D 135 26.18 -6.01 -4.66
N VAL D 136 27.49 -6.12 -4.79
CA VAL D 136 28.19 -5.26 -5.72
C VAL D 136 27.80 -5.60 -7.13
N ALA D 137 27.73 -6.91 -7.41
CA ALA D 137 27.38 -7.31 -8.75
C ALA D 137 26.00 -6.76 -9.15
N THR D 138 25.06 -6.92 -8.25
CA THR D 138 23.65 -6.91 -8.69
C THR D 138 22.88 -5.71 -8.15
N LYS D 139 23.49 -4.94 -7.27
CA LYS D 139 22.78 -3.86 -6.63
C LYS D 139 23.45 -2.57 -7.00
N GLY D 140 24.69 -2.46 -6.64
CA GLY D 140 25.40 -1.25 -7.02
C GLY D 140 26.60 -1.03 -6.08
N PRO D 141 27.27 0.18 -6.20
CA PRO D 141 28.39 0.39 -5.27
C PRO D 141 27.92 0.23 -3.80
N VAL D 142 28.77 -0.37 -3.05
CA VAL D 142 28.43 -0.45 -1.64
C VAL D 142 29.26 0.27 -0.57
N SER D 143 28.66 0.80 0.50
CA SER D 143 29.46 1.45 1.50
C SER D 143 30.04 0.42 2.41
N VAL D 144 31.35 0.63 2.72
CA VAL D 144 32.12 -0.28 3.59
C VAL D 144 33.04 0.37 4.55
N GLY D 145 33.41 -0.34 5.60
CA GLY D 145 34.38 0.18 6.51
C GLY D 145 35.57 -0.75 6.39
N ILE D 146 36.75 -0.16 6.65
CA ILE D 146 38.04 -0.81 6.55
C ILE D 146 39.02 -0.14 7.50
N ASP D 147 40.01 -0.97 7.83
CA ASP D 147 41.09 -0.53 8.61
C ASP D 147 42.04 0.16 7.57
N ALA D 148 42.13 1.50 7.69
CA ALA D 148 42.94 2.23 6.76
C ALA D 148 44.05 2.92 7.52
N SER D 149 44.40 2.39 8.69
CA SER D 149 45.34 3.00 9.62
C SER D 149 46.84 2.77 9.38
N HIS D 150 47.22 2.10 8.31
CA HIS D 150 48.63 1.70 8.06
C HIS D 150 49.24 2.41 6.88
N SER D 151 50.49 2.80 7.02
CA SER D 151 51.13 3.57 5.94
C SER D 151 51.14 2.87 4.58
N SER D 152 51.06 1.52 4.59
CA SER D 152 50.95 0.74 3.36
C SER D 152 49.66 1.17 2.67
N PHE D 153 48.64 1.44 3.50
CA PHE D 153 47.37 1.97 2.92
C PHE D 153 47.60 3.36 2.32
N PHE D 154 48.05 4.33 3.14
N PHE D 154 48.03 4.30 3.17
CA PHE D 154 48.24 5.75 2.68
CA PHE D 154 48.10 5.69 2.74
C PHE D 154 48.98 5.84 1.39
C PHE D 154 49.01 5.89 1.54
N PHE D 155 49.92 4.91 1.32
CA PHE D 155 50.98 4.99 0.31
C PHE D 155 50.86 3.98 -0.80
N TYR D 156 49.74 3.24 -0.85
CA TYR D 156 49.51 2.27 -1.87
C TYR D 156 49.62 2.98 -3.20
N LYS D 157 50.12 2.28 -4.20
CA LYS D 157 50.20 2.90 -5.52
C LYS D 157 49.64 2.01 -6.64
N SER D 158 49.81 0.73 -6.42
CA SER D 158 49.65 -0.32 -7.44
C SER D 158 49.50 -1.71 -6.89
N GLY D 159 48.91 -2.61 -7.70
CA GLY D 159 48.69 -4.01 -7.27
C GLY D 159 47.50 -4.31 -6.32
N VAL D 160 47.50 -5.49 -5.69
CA VAL D 160 46.39 -5.82 -4.80
C VAL D 160 46.83 -5.60 -3.35
N TYR D 161 46.24 -4.62 -2.72
CA TYR D 161 46.55 -4.38 -1.31
C TYR D 161 46.20 -5.53 -0.36
N ASP D 162 47.20 -6.05 0.37
CA ASP D 162 46.96 -7.20 1.26
C ASP D 162 47.81 -7.26 2.51
N ASP D 163 48.32 -6.10 2.95
CA ASP D 163 49.13 -6.07 4.14
C ASP D 163 48.62 -7.02 5.27
N PRO D 164 49.42 -8.02 5.65
CA PRO D 164 49.05 -8.95 6.69
C PRO D 164 48.88 -8.22 8.04
N SER D 165 49.45 -7.03 8.12
CA SER D 165 49.33 -6.18 9.35
C SER D 165 47.98 -5.40 9.48
N CYS D 166 47.16 -5.42 8.44
CA CYS D 166 45.80 -4.94 8.59
C CYS D 166 44.98 -5.79 9.56
N THR D 167 43.97 -5.18 10.16
CA THR D 167 43.09 -5.84 11.09
C THR D 167 41.63 -5.62 10.72
N GLY D 168 40.75 -6.26 11.50
CA GLY D 168 39.34 -6.15 11.33
C GLY D 168 38.81 -4.99 12.15
N ASN D 169 39.73 -4.14 12.62
CA ASN D 169 39.33 -3.02 13.43
C ASN D 169 39.00 -1.80 12.58
N VAL D 170 37.88 -1.83 11.88
CA VAL D 170 37.57 -0.72 11.03
C VAL D 170 37.55 0.71 11.59
N ASN D 171 37.93 1.66 10.70
CA ASN D 171 37.95 3.17 11.10
C ASN D 171 37.78 4.18 9.99
N HIS D 172 37.50 3.63 8.83
CA HIS D 172 37.43 4.45 7.67
C HIS D 172 36.35 3.92 6.69
N GLY D 173 35.41 4.83 6.33
CA GLY D 173 34.37 4.58 5.36
C GLY D 173 34.88 4.82 3.93
N VAL D 174 34.52 3.93 3.04
CA VAL D 174 34.91 4.06 1.66
C VAL D 174 33.85 3.32 0.79
N LEU D 175 34.07 3.14 -0.50
CA LEU D 175 33.05 2.69 -1.39
C LEU D 175 33.59 1.63 -2.32
N VAL D 176 32.90 0.48 -2.39
CA VAL D 176 33.33 -0.50 -3.28
C VAL D 176 32.51 -0.44 -4.52
N VAL D 177 33.17 -0.18 -5.66
CA VAL D 177 32.50 0.08 -6.90
C VAL D 177 32.80 -1.08 -7.85
N GLY D 178 33.57 -2.06 -7.44
CA GLY D 178 33.85 -3.25 -8.23
C GLY D 178 34.69 -4.26 -7.47
N TYR D 179 35.16 -5.15 -8.30
CA TYR D 179 35.92 -6.31 -7.93
C TYR D 179 36.52 -6.91 -9.20
N GLY D 180 37.62 -7.60 -8.96
CA GLY D 180 38.20 -8.52 -9.97
C GLY D 180 39.31 -9.45 -9.49
N THR D 181 40.08 -9.89 -10.48
CA THR D 181 41.33 -10.58 -10.24
C THR D 181 42.48 -9.91 -10.98
N LEU D 182 43.49 -9.58 -10.23
CA LEU D 182 44.66 -9.03 -10.85
C LEU D 182 45.85 -9.86 -10.48
N ASP D 183 46.53 -10.36 -11.51
CA ASP D 183 47.73 -11.16 -11.34
C ASP D 183 47.48 -12.30 -10.36
N GLY D 184 46.33 -12.97 -10.51
CA GLY D 184 46.08 -14.18 -9.78
C GLY D 184 45.35 -14.00 -8.47
N LYS D 185 45.33 -12.75 -7.98
CA LYS D 185 44.76 -12.37 -6.68
C LYS D 185 43.46 -11.56 -6.82
N ASP D 186 42.44 -11.98 -6.06
CA ASP D 186 41.17 -11.33 -5.98
C ASP D 186 41.27 -9.97 -5.29
N TYR D 187 40.61 -8.97 -5.83
CA TYR D 187 40.61 -7.63 -5.21
C TYR D 187 39.16 -7.08 -5.19
N TRP D 188 38.84 -6.17 -4.23
CA TRP D 188 37.77 -5.17 -4.30
C TRP D 188 38.28 -3.90 -4.87
N LEU D 189 37.49 -3.28 -5.75
CA LEU D 189 37.78 -1.93 -6.29
C LEU D 189 37.24 -0.92 -5.31
N VAL D 190 38.13 -0.14 -4.65
CA VAL D 190 37.67 0.80 -3.63
C VAL D 190 37.90 2.24 -4.05
N LYS D 191 36.78 2.98 -4.02
CA LYS D 191 36.87 4.43 -4.13
C LYS D 191 37.13 5.06 -2.79
N ASN D 192 38.18 5.89 -2.71
CA ASN D 192 38.53 6.57 -1.48
C ASN D 192 38.13 8.01 -1.62
N SER D 193 38.21 8.85 -0.56
CA SER D 193 37.87 10.26 -0.67
C SER D 193 39.06 11.07 -0.15
N TRP D 194 40.26 10.61 -0.61
CA TRP D 194 41.51 11.32 -0.36
C TRP D 194 42.01 12.04 -1.64
N GLY D 195 41.15 12.31 -2.61
CA GLY D 195 41.66 13.09 -3.75
C GLY D 195 42.27 12.18 -4.72
N LEU D 196 42.47 12.74 -5.90
CA LEU D 196 43.08 12.04 -7.07
C LEU D 196 44.52 11.46 -6.91
N ASN D 197 45.21 12.13 -5.99
CA ASN D 197 46.62 11.84 -5.80
C ASN D 197 46.81 10.74 -4.76
N PHE D 198 45.71 10.17 -4.26
CA PHE D 198 45.87 9.05 -3.35
C PHE D 198 45.86 7.82 -4.28
N GLY D 199 46.69 6.79 -3.96
CA GLY D 199 46.44 5.55 -4.65
C GLY D 199 46.53 5.67 -6.21
N ASP D 200 45.73 4.92 -6.96
CA ASP D 200 45.74 4.91 -8.41
C ASP D 200 44.54 5.81 -8.79
N GLN D 201 44.80 7.10 -9.01
CA GLN D 201 43.72 8.02 -9.40
C GLN D 201 42.56 8.02 -8.38
N GLY D 202 42.92 7.78 -7.12
CA GLY D 202 41.94 7.91 -6.05
C GLY D 202 41.29 6.61 -5.58
N TYR D 203 41.75 5.52 -6.17
CA TYR D 203 41.29 4.14 -6.07
C TYR D 203 42.33 3.23 -5.52
N ILE D 204 41.86 2.18 -4.81
CA ILE D 204 42.82 1.14 -4.37
C ILE D 204 42.17 -0.18 -4.61
N ARG D 205 42.87 -1.10 -5.23
CA ARG D 205 42.36 -2.50 -5.16
C ARG D 205 42.80 -3.22 -3.88
N MET D 206 41.84 -3.73 -3.09
CA MET D 206 42.16 -4.37 -1.78
C MET D 206 41.90 -5.84 -1.84
N ALA D 207 42.59 -6.62 -1.02
CA ALA D 207 42.48 -8.08 -1.13
C ALA D 207 41.13 -8.56 -0.91
N ARG D 208 40.68 -9.45 -1.82
CA ARG D 208 39.35 -10.04 -1.80
C ARG D 208 39.49 -11.54 -1.65
N ASN D 209 38.70 -12.14 -0.76
CA ASN D 209 38.73 -13.60 -0.54
C ASN D 209 39.99 -14.03 0.23
N ASN D 210 40.26 -13.18 1.21
CA ASN D 210 41.48 -13.24 1.96
C ASN D 210 41.09 -13.05 3.38
N LYS D 211 40.13 -13.87 3.82
CA LYS D 211 39.53 -13.86 5.16
C LYS D 211 39.14 -12.46 5.65
N ASN D 212 38.27 -11.76 4.93
CA ASN D 212 37.84 -10.49 5.51
C ASN D 212 38.99 -9.39 5.75
N HIS D 213 39.84 -9.25 4.72
CA HIS D 213 41.08 -8.44 4.88
C HIS D 213 40.72 -7.00 5.17
N CYS D 214 41.47 -6.38 6.07
CA CYS D 214 41.07 -5.07 6.57
C CYS D 214 39.63 -4.87 7.06
N GLY D 215 38.90 -5.97 7.35
CA GLY D 215 37.52 -5.68 7.84
C GLY D 215 36.54 -5.41 6.66
N ILE D 216 36.97 -5.48 5.42
CA ILE D 216 36.18 -4.88 4.31
C ILE D 216 34.78 -5.30 4.09
N ALA D 217 34.56 -6.56 4.51
CA ALA D 217 33.23 -7.01 4.52
C ALA D 217 32.57 -7.07 5.90
N SER D 218 33.13 -6.45 6.94
CA SER D 218 32.58 -6.49 8.31
C SER D 218 31.20 -5.76 8.39
N TYR D 219 31.23 -4.53 7.83
CA TYR D 219 30.19 -3.57 7.96
C TYR D 219 29.75 -2.90 6.64
N CYS D 220 29.09 -3.70 5.81
CA CYS D 220 28.69 -3.27 4.47
C CYS D 220 27.23 -2.80 4.41
N SER D 221 26.94 -1.66 3.75
CA SER D 221 25.55 -1.19 3.62
CA SER D 221 25.59 -1.07 3.74
C SER D 221 25.36 -0.44 2.37
N TYR D 222 24.09 -0.37 1.90
CA TYR D 222 23.75 0.35 0.62
C TYR D 222 22.32 0.83 0.76
N PRO D 223 22.03 2.07 0.33
CA PRO D 223 20.64 2.63 0.38
C PRO D 223 19.77 2.12 -0.76
N GLU D 224 18.47 2.27 -0.43
CA GLU D 224 17.37 2.06 -1.36
C GLU D 224 16.64 3.37 -1.52
N ILE D 225 16.66 3.90 -2.74
CA ILE D 225 15.85 5.05 -3.03
C ILE D 225 14.44 4.41 -2.96
N LEU E 8 6.79 -10.04 -18.43
CA LEU E 8 5.69 -9.07 -18.26
C LEU E 8 4.57 -9.46 -19.25
N PRO E 9 3.27 -9.38 -18.86
CA PRO E 9 2.19 -9.48 -19.82
C PRO E 9 2.46 -8.65 -21.07
N ASP E 10 2.03 -9.13 -22.25
CA ASP E 10 1.90 -8.30 -23.49
C ASP E 10 0.90 -7.13 -23.41
N THR E 11 -0.19 -7.28 -22.66
CA THR E 11 -1.21 -6.23 -22.55
C THR E 11 -1.45 -5.89 -21.07
N VAL E 12 -1.48 -4.61 -20.70
CA VAL E 12 -2.07 -4.22 -19.41
C VAL E 12 -3.14 -3.16 -19.62
N ASP E 13 -4.15 -3.21 -18.76
CA ASP E 13 -5.21 -2.15 -18.67
C ASP E 13 -5.84 -2.11 -17.27
N TRP E 14 -5.37 -1.23 -16.40
CA TRP E 14 -5.84 -1.23 -15.02
C TRP E 14 -7.33 -1.00 -14.82
N ARG E 15 -8.09 -0.63 -15.88
CA ARG E 15 -9.52 -0.47 -15.74
C ARG E 15 -10.18 -1.74 -15.30
N GLU E 16 -9.81 -2.79 -16.00
CA GLU E 16 -10.21 -4.15 -15.69
C GLU E 16 -10.05 -4.61 -14.23
N LYS E 17 -9.10 -4.05 -13.50
CA LYS E 17 -8.80 -4.38 -12.10
C LYS E 17 -9.48 -3.35 -11.18
N GLY E 18 -10.31 -2.51 -11.84
CA GLY E 18 -10.99 -1.40 -11.21
C GLY E 18 -10.12 -0.44 -10.44
N CYS E 19 -9.06 -0.03 -11.12
CA CYS E 19 -8.10 0.83 -10.45
C CYS E 19 -8.12 2.27 -10.93
N VAL E 20 -9.12 2.54 -11.78
CA VAL E 20 -9.26 3.77 -12.62
C VAL E 20 -10.66 4.43 -12.46
N THR E 21 -10.68 5.72 -12.04
CA THR E 21 -11.94 6.40 -11.74
C THR E 21 -12.39 6.92 -13.07
N GLU E 22 -13.56 7.53 -13.02
CA GLU E 22 -14.12 7.98 -14.25
C GLU E 22 -13.26 9.12 -14.84
N VAL E 23 -13.37 9.28 -16.15
CA VAL E 23 -12.61 10.37 -16.86
C VAL E 23 -13.16 11.66 -16.39
N LYS E 24 -12.22 12.53 -16.17
CA LYS E 24 -12.49 13.89 -15.75
C LYS E 24 -12.34 14.99 -16.90
N TYR E 25 -12.90 16.13 -16.52
CA TYR E 25 -13.00 17.34 -17.33
C TYR E 25 -12.37 18.58 -16.65
N GLN E 26 -11.14 18.95 -17.11
CA GLN E 26 -10.41 19.96 -16.52
C GLN E 26 -10.78 21.34 -16.93
N GLY E 27 -11.34 21.47 -18.12
CA GLY E 27 -11.71 22.73 -18.66
C GLY E 27 -10.55 23.71 -18.76
N SER E 28 -10.80 25.00 -18.55
CA SER E 28 -9.78 26.00 -18.85
C SER E 28 -8.66 26.02 -17.81
N CYS E 29 -8.86 25.39 -16.68
CA CYS E 29 -7.80 25.27 -15.65
C CYS E 29 -6.63 24.32 -16.02
N GLY E 30 -5.37 24.87 -16.11
CA GLY E 30 -4.19 24.02 -16.34
C GLY E 30 -3.88 22.99 -15.23
N ALA E 31 -4.85 22.16 -14.90
CA ALA E 31 -4.79 21.27 -13.72
C ALA E 31 -4.40 19.79 -14.18
N CYS E 32 -3.96 19.59 -15.47
CA CYS E 32 -3.74 18.24 -15.85
C CYS E 32 -2.83 17.50 -14.82
N TRP E 33 -1.78 18.21 -14.38
CA TRP E 33 -0.83 17.72 -13.38
C TRP E 33 -1.48 17.14 -12.16
N ALA E 34 -2.56 17.85 -11.79
CA ALA E 34 -3.39 17.47 -10.64
C ALA E 34 -4.17 16.21 -10.93
N PHE E 35 -4.93 16.19 -12.03
CA PHE E 35 -5.54 14.91 -12.48
C PHE E 35 -4.62 13.75 -12.55
N SER E 36 -3.47 13.96 -13.21
CA SER E 36 -2.57 12.87 -13.50
C SER E 36 -2.11 12.33 -12.11
N ALA E 37 -1.75 13.33 -11.23
CA ALA E 37 -1.22 12.92 -9.90
C ALA E 37 -2.35 12.12 -9.13
N VAL E 38 -3.56 12.68 -9.01
CA VAL E 38 -4.60 12.00 -8.23
CA VAL E 38 -4.62 12.05 -8.23
C VAL E 38 -4.99 10.70 -8.88
N GLY E 39 -4.83 10.61 -10.20
CA GLY E 39 -5.16 9.31 -10.80
C GLY E 39 -4.19 8.21 -10.39
N ALA E 40 -2.88 8.54 -10.58
CA ALA E 40 -1.79 7.67 -9.98
C ALA E 40 -1.99 7.28 -8.51
N LEU E 41 -2.46 8.21 -7.70
CA LEU E 41 -2.62 7.85 -6.29
C LEU E 41 -3.91 7.09 -6.12
N GLU E 42 -4.97 7.40 -6.86
CA GLU E 42 -6.21 6.58 -6.84
C GLU E 42 -5.91 5.11 -7.09
N GLY E 43 -4.95 4.86 -7.95
CA GLY E 43 -4.74 3.46 -8.38
C GLY E 43 -4.18 2.78 -7.13
N GLN E 44 -3.14 3.40 -6.58
CA GLN E 44 -2.47 2.87 -5.39
C GLN E 44 -3.45 2.75 -4.20
N LEU E 45 -4.40 3.71 -4.10
CA LEU E 45 -5.43 3.60 -3.01
C LEU E 45 -6.31 2.41 -3.29
N LYS E 46 -6.82 2.32 -4.50
CA LYS E 46 -7.47 1.04 -4.84
C LYS E 46 -6.53 -0.07 -4.37
N LEU E 47 -5.23 -0.02 -4.77
CA LEU E 47 -4.43 -1.28 -4.54
C LEU E 47 -4.18 -1.67 -3.10
N LYS E 48 -4.14 -0.64 -2.25
CA LYS E 48 -3.74 -0.71 -0.85
C LYS E 48 -4.85 -0.74 0.19
N THR E 49 -6.09 -0.45 -0.23
CA THR E 49 -7.22 -0.25 0.68
C THR E 49 -8.37 -1.08 0.18
N GLY E 50 -8.31 -1.40 -1.13
CA GLY E 50 -9.40 -2.06 -1.84
C GLY E 50 -10.47 -1.07 -2.25
N LYS E 51 -10.27 0.20 -1.85
CA LYS E 51 -11.16 1.31 -2.08
C LYS E 51 -10.82 2.09 -3.36
N LEU E 52 -11.84 2.35 -4.20
CA LEU E 52 -11.68 3.15 -5.43
C LEU E 52 -12.50 4.42 -5.36
N ILE E 53 -11.75 5.51 -5.22
CA ILE E 53 -12.28 6.82 -4.80
C ILE E 53 -11.61 7.94 -5.60
N SER E 54 -12.43 8.69 -6.34
CA SER E 54 -12.03 9.94 -6.99
C SER E 54 -11.45 10.88 -5.98
N LEU E 55 -10.15 11.10 -6.09
CA LEU E 55 -9.44 11.94 -5.18
C LEU E 55 -9.49 13.37 -5.66
N SER E 56 -9.37 14.28 -4.71
CA SER E 56 -9.54 15.69 -5.01
C SER E 56 -8.43 16.42 -5.84
N ALA E 57 -8.60 16.60 -7.17
CA ALA E 57 -7.61 17.47 -7.89
C ALA E 57 -7.59 18.87 -7.38
N GLN E 58 -8.80 19.34 -6.96
CA GLN E 58 -8.94 20.70 -6.57
C GLN E 58 -8.01 20.97 -5.34
N ASN E 59 -7.95 19.98 -4.43
CA ASN E 59 -7.19 19.93 -3.18
C ASN E 59 -5.78 20.28 -3.56
N LEU E 60 -5.27 19.64 -4.60
CA LEU E 60 -3.92 19.97 -5.09
C LEU E 60 -3.72 21.36 -5.69
N VAL E 61 -4.67 21.76 -6.54
CA VAL E 61 -4.63 23.02 -7.16
C VAL E 61 -4.52 24.15 -6.11
N ASP E 62 -5.34 24.07 -5.05
CA ASP E 62 -5.56 25.14 -4.06
C ASP E 62 -4.41 25.23 -3.04
N CYS E 63 -3.88 24.05 -2.68
CA CYS E 63 -3.04 23.83 -1.46
C CYS E 63 -1.52 23.73 -1.76
N SER E 64 -1.15 23.71 -3.05
CA SER E 64 0.27 23.62 -3.43
C SER E 64 0.81 24.77 -4.33
N ASN E 65 0.09 25.87 -4.41
CA ASN E 65 0.49 27.04 -5.21
C ASN E 65 1.40 27.98 -4.42
N GLU E 66 2.64 27.53 -4.33
CA GLU E 66 3.72 28.31 -3.65
C GLU E 66 5.12 27.92 -4.13
N GLU E 67 6.07 28.86 -4.05
CA GLU E 67 7.45 28.59 -4.49
C GLU E 67 8.01 27.31 -3.81
N LYS E 68 7.38 26.87 -2.69
CA LYS E 68 7.83 25.65 -2.01
C LYS E 68 7.80 24.48 -2.98
N TYR E 69 6.65 24.35 -3.69
CA TYR E 69 6.41 23.31 -4.70
C TYR E 69 6.65 23.68 -6.15
N GLY E 70 6.36 24.91 -6.54
CA GLY E 70 6.53 25.29 -7.96
C GLY E 70 5.26 25.04 -8.79
N ASN E 71 4.18 24.66 -8.10
CA ASN E 71 2.89 24.46 -8.74
C ASN E 71 2.24 25.74 -8.82
N LYS E 72 1.54 25.99 -9.93
CA LYS E 72 0.90 27.26 -10.08
C LYS E 72 -0.63 27.13 -10.15
N GLY E 73 -1.10 26.00 -9.58
CA GLY E 73 -2.55 25.79 -9.46
C GLY E 73 -3.05 25.69 -10.89
N CYS E 74 -4.04 26.46 -11.33
CA CYS E 74 -4.43 26.49 -12.72
C CYS E 74 -3.39 26.93 -13.73
N GLY E 75 -2.32 27.57 -13.26
CA GLY E 75 -1.24 27.94 -14.05
C GLY E 75 -0.36 26.78 -14.47
N GLY E 76 -0.67 25.52 -14.08
CA GLY E 76 0.17 24.34 -14.43
C GLY E 76 0.92 23.83 -13.15
N GLY E 77 1.50 22.65 -13.18
CA GLY E 77 2.26 22.12 -12.03
C GLY E 77 2.84 20.77 -12.35
N TYR E 78 3.44 20.17 -11.36
CA TYR E 78 4.25 18.93 -11.54
C TYR E 78 3.64 17.82 -10.73
N MET E 79 3.50 16.62 -11.30
CA MET E 79 2.94 15.46 -10.62
C MET E 79 3.77 15.09 -9.37
N THR E 80 5.10 15.23 -9.56
CA THR E 80 5.99 14.92 -8.48
C THR E 80 5.77 15.94 -7.37
N GLU E 81 5.62 17.21 -7.72
CA GLU E 81 5.31 18.17 -6.69
C GLU E 81 3.98 17.98 -5.95
N ALA E 82 2.97 17.40 -6.66
CA ALA E 82 1.61 17.17 -6.12
C ALA E 82 1.83 16.05 -5.14
N PHE E 83 2.68 15.11 -5.51
CA PHE E 83 2.99 13.95 -4.64
C PHE E 83 3.64 14.45 -3.38
N GLN E 84 4.61 15.38 -3.59
CA GLN E 84 5.36 15.95 -2.45
C GLN E 84 4.46 16.74 -1.47
N TYR E 85 3.61 17.58 -2.04
CA TYR E 85 2.59 18.25 -1.24
C TYR E 85 1.81 17.25 -0.34
N ILE E 86 1.22 16.21 -0.93
CA ILE E 86 0.49 15.14 -0.19
C ILE E 86 1.26 14.44 0.95
N ILE E 87 2.55 14.41 0.84
CA ILE E 87 3.41 13.75 1.80
C ILE E 87 3.56 14.74 2.92
N ASP E 88 3.93 15.95 2.52
CA ASP E 88 4.18 17.07 3.41
C ASP E 88 2.98 17.51 4.26
N ASN E 89 1.80 17.44 3.66
CA ASN E 89 0.51 17.78 4.28
C ASN E 89 -0.07 16.58 5.01
N GLY E 90 0.50 15.41 4.81
CA GLY E 90 -0.04 14.17 5.37
C GLY E 90 -1.37 13.63 4.91
N GLY E 91 -1.77 14.01 3.70
CA GLY E 91 -3.00 13.55 3.14
C GLY E 91 -3.52 14.45 2.04
N ILE E 92 -4.70 14.09 1.55
CA ILE E 92 -5.43 14.74 0.42
C ILE E 92 -6.86 14.25 0.57
N GLU E 93 -7.81 15.14 0.30
CA GLU E 93 -9.22 14.83 0.38
C GLU E 93 -9.72 14.06 -0.84
N ALA E 94 -10.90 13.45 -0.74
CA ALA E 94 -11.68 12.95 -1.87
C ALA E 94 -12.36 14.07 -2.68
N ASP E 95 -12.56 13.85 -3.98
CA ASP E 95 -13.36 14.75 -4.82
C ASP E 95 -14.68 15.12 -4.18
N ALA E 96 -15.47 14.14 -3.77
CA ALA E 96 -16.76 14.43 -3.14
C ALA E 96 -16.72 15.53 -2.06
N SER E 97 -15.79 15.48 -1.12
CA SER E 97 -15.69 16.62 -0.14
C SER E 97 -14.94 17.91 -0.52
N TYR E 98 -14.09 17.81 -1.55
CA TYR E 98 -13.24 18.93 -2.05
C TYR E 98 -13.41 18.96 -3.58
N PRO E 99 -14.64 19.34 -4.11
CA PRO E 99 -14.90 19.22 -5.58
C PRO E 99 -14.06 20.17 -6.47
N TYR E 100 -14.04 19.77 -7.73
CA TYR E 100 -13.28 20.48 -8.71
C TYR E 100 -14.07 21.69 -9.24
N LYS E 101 -13.38 22.85 -9.28
CA LYS E 101 -13.93 24.13 -9.59
C LYS E 101 -13.33 24.72 -10.85
N ALA E 102 -12.22 24.16 -11.34
CA ALA E 102 -11.59 24.66 -12.56
C ALA E 102 -11.09 26.13 -12.28
N MET E 103 -10.74 26.47 -11.01
CA MET E 103 -10.35 27.81 -10.71
C MET E 103 -9.41 27.64 -9.51
N ASP E 104 -8.51 28.60 -9.30
CA ASP E 104 -7.69 28.67 -8.11
C ASP E 104 -8.48 29.23 -6.92
N GLU E 105 -8.22 28.68 -5.77
CA GLU E 105 -9.09 28.99 -4.67
C GLU E 105 -8.27 28.79 -3.39
N LYS E 106 -8.61 29.52 -2.32
CA LYS E 106 -7.80 29.37 -1.08
C LYS E 106 -8.08 27.97 -0.54
N CYS E 107 -6.98 27.33 -0.16
CA CYS E 107 -6.90 26.03 0.40
C CYS E 107 -7.75 25.92 1.61
N HIS E 108 -8.60 24.90 1.61
CA HIS E 108 -9.46 24.54 2.74
C HIS E 108 -9.42 23.04 2.94
N TYR E 109 -8.19 22.52 2.89
CA TYR E 109 -7.93 21.13 3.29
C TYR E 109 -8.39 20.97 4.75
N ASN E 110 -8.90 19.80 5.02
CA ASN E 110 -9.38 19.51 6.32
C ASN E 110 -9.06 18.04 6.56
N SER E 111 -8.14 17.80 7.50
CA SER E 111 -7.57 16.50 7.76
C SER E 111 -8.60 15.47 8.13
N LYS E 112 -9.71 15.96 8.70
CA LYS E 112 -10.77 15.06 9.23
C LYS E 112 -11.40 14.42 8.00
N ASN E 113 -10.99 14.90 6.86
CA ASN E 113 -11.70 14.60 5.65
C ASN E 113 -10.74 13.87 4.71
N ARG E 114 -9.59 13.49 5.28
CA ARG E 114 -8.60 12.81 4.44
C ARG E 114 -9.21 11.49 3.92
N ALA E 115 -8.95 11.20 2.63
CA ALA E 115 -9.30 9.90 2.00
C ALA E 115 -8.01 9.24 1.43
N ALA E 116 -6.93 9.99 1.36
CA ALA E 116 -5.66 9.36 0.95
C ALA E 116 -4.43 9.91 1.61
N THR E 117 -3.34 9.10 1.63
CA THR E 117 -2.02 9.55 2.14
C THR E 117 -0.89 9.19 1.14
N CYS E 118 0.27 9.80 1.19
CA CYS E 118 1.44 9.35 0.40
CA CYS E 118 1.41 9.19 0.53
C CYS E 118 2.68 9.41 1.33
N SER E 119 3.61 8.45 1.24
CA SER E 119 4.88 8.33 2.03
C SER E 119 6.08 8.74 1.18
N ARG E 120 6.10 8.27 -0.08
CA ARG E 120 7.19 8.50 -1.04
C ARG E 120 6.68 8.47 -2.48
N TYR E 121 7.46 8.99 -3.42
CA TYR E 121 7.15 8.64 -4.81
C TYR E 121 8.43 8.37 -5.58
N ILE E 122 8.21 7.74 -6.72
CA ILE E 122 9.26 7.13 -7.51
C ILE E 122 9.31 7.83 -8.85
N GLN E 123 10.49 8.39 -9.19
CA GLN E 123 10.81 8.87 -10.52
C GLN E 123 11.45 7.73 -11.33
N LEU E 124 11.02 7.55 -12.59
CA LEU E 124 11.67 6.58 -13.48
C LEU E 124 12.73 7.25 -14.36
N PRO E 125 13.75 6.48 -14.82
CA PRO E 125 14.78 7.00 -15.69
C PRO E 125 14.16 7.69 -16.93
N PHE E 126 14.74 8.82 -17.32
CA PHE E 126 14.25 9.65 -18.41
C PHE E 126 14.34 8.84 -19.75
N GLY E 127 13.18 8.78 -20.42
CA GLY E 127 13.06 8.19 -21.73
C GLY E 127 13.07 6.66 -21.74
N ASP E 128 13.04 6.03 -20.56
CA ASP E 128 13.24 4.56 -20.50
C ASP E 128 11.88 3.85 -20.57
N GLU E 129 11.49 3.51 -21.81
CA GLU E 129 10.21 2.77 -22.01
C GLU E 129 10.19 1.37 -21.45
N ASP E 130 11.36 0.73 -21.26
CA ASP E 130 11.41 -0.53 -20.52
C ASP E 130 11.01 -0.41 -19.02
N ALA E 131 11.61 0.56 -18.31
CA ALA E 131 11.20 0.81 -16.92
C ALA E 131 9.72 1.20 -16.74
N LEU E 132 9.20 1.96 -17.70
CA LEU E 132 7.83 2.44 -17.60
C LEU E 132 6.92 1.28 -17.89
N LYS E 133 7.35 0.42 -18.82
CA LYS E 133 6.56 -0.79 -19.05
C LYS E 133 6.57 -1.62 -17.79
N GLU E 134 7.77 -1.69 -17.15
CA GLU E 134 7.86 -2.42 -15.87
C GLU E 134 6.86 -1.87 -14.87
N ALA E 135 6.85 -0.54 -14.69
CA ALA E 135 6.11 0.08 -13.53
C ALA E 135 4.62 -0.20 -13.72
N VAL E 136 4.23 -0.02 -14.99
CA VAL E 136 2.83 -0.17 -15.41
C VAL E 136 2.34 -1.60 -15.19
N ALA E 137 3.18 -2.57 -15.50
CA ALA E 137 2.75 -3.94 -15.44
C ALA E 137 2.73 -4.36 -13.96
N THR E 138 3.63 -3.78 -13.14
CA THR E 138 3.86 -4.29 -11.73
C THR E 138 3.61 -3.37 -10.54
N LYS E 139 3.39 -2.08 -10.80
CA LYS E 139 3.02 -1.13 -9.73
C LYS E 139 1.61 -0.59 -9.87
N GLY E 140 1.20 -0.29 -11.12
CA GLY E 140 -0.11 0.31 -11.46
C GLY E 140 0.03 1.58 -12.31
N PRO E 141 -1.05 2.40 -12.39
CA PRO E 141 -0.95 3.59 -13.25
C PRO E 141 0.19 4.48 -12.84
N VAL E 142 0.87 4.96 -13.88
CA VAL E 142 1.99 5.86 -13.81
C VAL E 142 1.62 7.23 -14.38
N SER E 143 2.07 8.28 -13.68
CA SER E 143 1.81 9.65 -14.10
C SER E 143 2.88 9.96 -15.08
N VAL E 144 2.52 10.42 -16.28
CA VAL E 144 3.60 10.91 -17.16
C VAL E 144 3.28 12.23 -17.77
N GLY E 145 4.35 12.80 -18.36
CA GLY E 145 4.27 14.05 -19.12
C GLY E 145 4.45 13.77 -20.62
N ILE E 146 3.58 14.37 -21.47
CA ILE E 146 3.64 14.34 -22.91
C ILE E 146 3.47 15.74 -23.52
N ASP E 147 3.87 15.74 -24.79
CA ASP E 147 3.63 16.82 -25.67
C ASP E 147 2.30 16.49 -26.30
N ALA E 148 1.30 17.27 -25.86
CA ALA E 148 -0.08 17.10 -26.31
C ALA E 148 -0.46 18.36 -27.08
N SER E 149 0.53 19.06 -27.67
CA SER E 149 0.18 20.32 -28.33
C SER E 149 -0.33 20.26 -29.76
N HIS E 150 -0.25 19.10 -30.36
CA HIS E 150 -0.64 18.99 -31.74
C HIS E 150 -2.08 18.58 -32.04
N SER E 151 -2.65 19.09 -33.14
CA SER E 151 -4.07 18.83 -33.41
C SER E 151 -4.39 17.34 -33.67
N SER E 152 -3.37 16.62 -34.16
CA SER E 152 -3.55 15.15 -34.27
C SER E 152 -3.70 14.41 -32.92
N PHE E 153 -3.16 15.00 -31.83
CA PHE E 153 -3.44 14.53 -30.49
C PHE E 153 -4.85 14.93 -30.23
N PHE E 154 -5.16 16.24 -30.40
CA PHE E 154 -6.50 16.73 -29.92
C PHE E 154 -7.68 16.02 -30.53
N PHE E 155 -7.56 15.83 -31.87
CA PHE E 155 -8.54 15.17 -32.75
C PHE E 155 -8.39 13.63 -33.02
N TYR E 156 -7.51 12.97 -32.27
CA TYR E 156 -7.42 11.56 -32.22
C TYR E 156 -8.78 10.91 -31.95
N LYS E 157 -9.07 9.83 -32.69
CA LYS E 157 -10.39 9.08 -32.63
C LYS E 157 -10.16 7.60 -32.22
N SER E 158 -9.15 6.97 -32.84
CA SER E 158 -8.93 5.52 -32.76
C SER E 158 -7.51 5.20 -33.23
N GLY E 159 -7.09 3.96 -32.90
CA GLY E 159 -5.83 3.40 -33.46
C GLY E 159 -4.71 3.84 -32.52
N VAL E 160 -3.47 3.80 -33.06
CA VAL E 160 -2.27 4.09 -32.28
C VAL E 160 -1.68 5.43 -32.75
N TYR E 161 -1.63 6.43 -31.88
CA TYR E 161 -1.17 7.75 -32.31
C TYR E 161 0.32 7.85 -32.42
N ASP E 162 0.82 8.18 -33.61
CA ASP E 162 2.21 8.17 -33.91
C ASP E 162 2.14 9.29 -34.89
N ASP E 163 2.20 10.52 -34.39
CA ASP E 163 2.50 11.61 -35.27
C ASP E 163 4.03 11.95 -35.24
N PRO E 164 4.74 11.88 -36.41
CA PRO E 164 6.20 12.26 -36.38
C PRO E 164 6.57 13.68 -35.97
N SER E 165 5.56 14.51 -35.82
CA SER E 165 5.73 15.95 -35.57
C SER E 165 5.64 16.19 -34.04
N CYS E 166 5.35 15.11 -33.32
CA CYS E 166 5.28 15.19 -31.88
C CYS E 166 6.73 15.35 -31.39
N THR E 167 6.92 16.12 -30.33
CA THR E 167 8.32 16.33 -29.88
C THR E 167 8.50 15.90 -28.42
N GLY E 168 9.74 15.89 -27.91
CA GLY E 168 10.01 15.55 -26.49
C GLY E 168 9.72 16.70 -25.50
N ASN E 169 9.36 17.87 -26.01
CA ASN E 169 9.07 19.05 -25.21
C ASN E 169 7.71 18.77 -24.45
N VAL E 170 7.73 18.20 -23.25
CA VAL E 170 6.35 17.91 -22.70
C VAL E 170 5.67 19.09 -22.03
N ASN E 171 4.37 18.97 -21.81
CA ASN E 171 3.68 20.05 -21.28
C ASN E 171 2.29 19.65 -20.87
N HIS E 172 2.07 18.34 -20.70
CA HIS E 172 0.69 17.86 -20.37
C HIS E 172 0.90 16.61 -19.55
N GLY E 173 0.40 16.64 -18.30
CA GLY E 173 0.42 15.49 -17.50
C GLY E 173 -0.84 14.67 -17.74
N VAL E 174 -0.57 13.36 -17.92
CA VAL E 174 -1.55 12.33 -18.22
CA VAL E 174 -1.60 12.34 -18.12
C VAL E 174 -1.20 11.10 -17.35
N LEU E 175 -1.98 10.01 -17.50
CA LEU E 175 -1.99 8.88 -16.63
C LEU E 175 -1.90 7.62 -17.61
N VAL E 176 -0.83 6.84 -17.53
CA VAL E 176 -0.69 5.66 -18.38
C VAL E 176 -1.33 4.55 -17.59
N VAL E 177 -2.42 3.97 -18.10
CA VAL E 177 -3.14 2.95 -17.33
C VAL E 177 -2.98 1.56 -17.97
N GLY E 178 -2.19 1.41 -19.06
CA GLY E 178 -2.01 0.15 -19.71
C GLY E 178 -1.09 0.31 -20.92
N TYR E 179 -0.90 -0.79 -21.62
CA TYR E 179 -0.05 -0.85 -22.78
C TYR E 179 -0.50 -2.10 -23.52
N GLY E 180 -0.03 -2.24 -24.73
CA GLY E 180 -0.27 -3.42 -25.50
C GLY E 180 0.24 -3.26 -26.90
N THR E 181 -0.44 -3.94 -27.84
CA THR E 181 -0.11 -3.91 -29.27
C THR E 181 -1.40 -3.91 -30.09
N LEU E 182 -1.50 -2.95 -31.01
CA LEU E 182 -2.67 -2.85 -31.92
C LEU E 182 -2.16 -2.89 -33.33
N ASP E 183 -2.76 -3.83 -34.04
CA ASP E 183 -2.49 -4.05 -35.46
C ASP E 183 -1.01 -3.92 -35.77
N GLY E 184 -0.17 -4.54 -34.93
CA GLY E 184 1.28 -4.64 -35.17
C GLY E 184 2.06 -3.52 -34.50
N LYS E 185 1.36 -2.61 -33.82
CA LYS E 185 2.03 -1.40 -33.30
C LYS E 185 1.88 -1.35 -31.81
N ASP E 186 3.00 -1.42 -31.08
CA ASP E 186 2.94 -1.27 -29.59
C ASP E 186 2.40 0.11 -29.24
N TYR E 187 1.41 0.12 -28.34
CA TYR E 187 1.01 1.41 -27.70
C TYR E 187 1.06 1.45 -26.12
N TRP E 188 1.04 2.68 -25.58
CA TRP E 188 0.66 3.00 -24.16
C TRP E 188 -0.83 3.40 -24.18
N LEU E 189 -1.61 2.90 -23.20
CA LEU E 189 -2.96 3.34 -23.06
C LEU E 189 -2.95 4.52 -22.02
N VAL E 190 -3.48 5.66 -22.45
CA VAL E 190 -3.41 6.89 -21.72
C VAL E 190 -4.83 7.42 -21.36
N LYS E 191 -5.04 7.72 -20.06
CA LYS E 191 -6.25 8.44 -19.54
C LYS E 191 -5.92 9.96 -19.56
N ASN E 192 -6.62 10.76 -20.40
CA ASN E 192 -6.64 12.22 -20.39
C ASN E 192 -7.66 12.74 -19.43
N SER E 193 -7.60 14.06 -19.23
CA SER E 193 -8.49 14.87 -18.34
C SER E 193 -9.27 16.01 -19.14
N TRP E 194 -9.76 15.53 -20.34
CA TRP E 194 -10.46 16.39 -21.36
C TRP E 194 -11.91 15.99 -21.57
N GLY E 195 -12.39 15.27 -20.57
CA GLY E 195 -13.75 14.77 -20.63
C GLY E 195 -13.83 13.57 -21.52
N LEU E 196 -15.08 13.11 -21.65
CA LEU E 196 -15.45 11.98 -22.48
C LEU E 196 -15.53 12.24 -23.99
N ASN E 197 -15.52 13.54 -24.39
CA ASN E 197 -15.57 13.95 -25.80
C ASN E 197 -14.20 13.86 -26.44
N PHE E 198 -13.16 13.63 -25.65
CA PHE E 198 -11.84 13.51 -26.19
C PHE E 198 -11.50 12.06 -26.55
N GLY E 199 -10.92 11.86 -27.72
CA GLY E 199 -10.35 10.55 -28.00
C GLY E 199 -11.32 9.36 -28.02
N ASP E 200 -10.91 8.27 -27.38
CA ASP E 200 -11.74 7.08 -27.25
C ASP E 200 -12.27 6.95 -25.82
N GLN E 201 -13.47 7.56 -25.67
CA GLN E 201 -14.09 7.73 -24.39
C GLN E 201 -13.13 8.32 -23.35
N GLY E 202 -12.36 9.32 -23.77
CA GLY E 202 -11.44 10.01 -22.88
C GLY E 202 -10.08 9.40 -22.80
N TYR E 203 -9.79 8.39 -23.65
CA TYR E 203 -8.46 7.74 -23.68
C TYR E 203 -7.88 7.91 -25.00
N ILE E 204 -6.51 7.75 -25.05
CA ILE E 204 -5.76 7.69 -26.31
C ILE E 204 -4.69 6.65 -26.15
N ARG E 205 -4.43 6.02 -27.28
CA ARG E 205 -3.44 4.95 -27.40
C ARG E 205 -2.23 5.60 -28.08
N MET E 206 -1.14 5.61 -27.35
CA MET E 206 0.06 6.32 -27.82
C MET E 206 1.23 5.42 -28.19
N ALA E 207 1.95 5.81 -29.25
CA ALA E 207 3.18 5.10 -29.72
C ALA E 207 4.19 4.73 -28.58
N ARG E 208 4.43 3.42 -28.44
CA ARG E 208 5.33 2.77 -27.48
C ARG E 208 6.45 2.09 -28.25
N ASN E 209 7.64 2.17 -27.67
CA ASN E 209 8.85 1.74 -28.35
C ASN E 209 9.21 2.33 -29.72
N ASN E 210 8.94 3.65 -29.89
CA ASN E 210 9.25 4.48 -31.02
C ASN E 210 10.06 5.67 -30.47
N LYS E 211 11.14 5.38 -29.71
CA LYS E 211 12.09 6.43 -29.26
C LYS E 211 11.38 7.53 -28.44
N ASN E 212 10.74 7.05 -27.37
CA ASN E 212 10.23 7.99 -26.35
C ASN E 212 9.36 8.98 -27.10
N HIS E 213 8.51 8.50 -28.00
CA HIS E 213 7.65 9.35 -28.74
C HIS E 213 6.76 10.28 -27.84
N CYS E 214 6.79 11.55 -28.24
CA CYS E 214 6.03 12.67 -27.55
C CYS E 214 6.54 12.76 -26.09
N GLY E 215 7.71 12.11 -25.89
CA GLY E 215 8.41 11.99 -24.61
C GLY E 215 7.57 11.39 -23.45
N ILE E 216 6.66 10.51 -23.83
CA ILE E 216 5.85 9.84 -22.84
C ILE E 216 6.71 9.20 -21.71
N ALA E 217 7.97 8.87 -22.02
CA ALA E 217 8.86 8.26 -21.03
C ALA E 217 9.81 9.16 -20.28
N SER E 218 9.78 10.48 -20.55
CA SER E 218 10.75 11.46 -20.03
C SER E 218 10.58 11.85 -18.59
N TYR E 219 9.33 11.97 -18.18
CA TYR E 219 9.00 12.39 -16.79
C TYR E 219 7.89 11.41 -16.15
N CYS E 220 8.28 10.14 -15.87
CA CYS E 220 7.31 9.23 -15.29
C CYS E 220 7.53 9.25 -13.75
N SER E 221 6.42 9.28 -12.97
CA SER E 221 6.49 8.92 -11.56
C SER E 221 5.22 8.28 -11.14
N TYR E 222 5.29 7.84 -9.90
CA TYR E 222 4.12 7.26 -9.31
C TYR E 222 4.29 7.27 -7.78
N PRO E 223 3.16 7.37 -7.06
CA PRO E 223 3.27 7.47 -5.61
C PRO E 223 3.20 6.12 -4.91
N GLU E 224 3.74 6.12 -3.68
CA GLU E 224 3.59 5.02 -2.73
C GLU E 224 2.85 5.37 -1.44
N ILE E 225 1.75 4.67 -1.19
CA ILE E 225 0.85 4.99 -0.08
C ILE E 225 1.55 5.22 1.24
N THR F 7 -24.73 -33.97 -5.23
CA THR F 7 -24.14 -32.68 -4.82
C THR F 7 -25.27 -31.67 -4.72
N LEU F 8 -25.32 -30.80 -5.73
CA LEU F 8 -26.25 -29.69 -5.80
C LEU F 8 -27.32 -30.05 -6.79
N PRO F 9 -28.59 -29.67 -6.48
CA PRO F 9 -29.70 -29.77 -7.41
C PRO F 9 -29.37 -28.95 -8.64
N ASP F 10 -29.89 -29.44 -9.76
CA ASP F 10 -29.90 -28.73 -11.00
C ASP F 10 -30.70 -27.46 -10.80
N THR F 11 -31.81 -27.51 -10.02
CA THR F 11 -32.73 -26.36 -9.89
C THR F 11 -33.06 -26.04 -8.43
N VAL F 12 -32.95 -24.78 -8.04
CA VAL F 12 -33.43 -24.32 -6.74
C VAL F 12 -34.32 -23.09 -6.98
N ASP F 13 -35.31 -22.97 -6.09
CA ASP F 13 -36.22 -21.86 -6.03
C ASP F 13 -36.81 -21.74 -4.64
N TRP F 14 -36.26 -20.84 -3.85
CA TRP F 14 -36.68 -20.73 -2.46
C TRP F 14 -38.13 -20.25 -2.23
N ARG F 15 -38.76 -19.80 -3.33
CA ARG F 15 -40.22 -19.61 -3.32
C ARG F 15 -40.93 -20.94 -2.99
N GLU F 16 -40.35 -22.06 -3.49
CA GLU F 16 -40.99 -23.40 -3.35
C GLU F 16 -40.93 -23.83 -1.87
N LYS F 17 -40.06 -23.22 -1.08
CA LYS F 17 -40.06 -23.50 0.35
C LYS F 17 -40.76 -22.49 1.24
N GLY F 18 -41.57 -21.59 0.67
CA GLY F 18 -42.20 -20.54 1.44
C GLY F 18 -41.25 -19.56 2.11
N CYS F 19 -40.06 -19.42 1.52
CA CYS F 19 -39.03 -18.62 2.16
CA CYS F 19 -38.95 -18.67 1.97
C CYS F 19 -38.83 -17.18 1.61
N VAL F 20 -39.75 -16.75 0.75
CA VAL F 20 -39.67 -15.52 -0.02
C VAL F 20 -40.95 -14.76 0.03
N THR F 21 -40.88 -13.57 0.60
CA THR F 21 -42.03 -12.68 0.78
C THR F 21 -42.46 -12.15 -0.58
N GLU F 22 -43.64 -11.57 -0.69
CA GLU F 22 -44.04 -10.82 -1.88
C GLU F 22 -43.05 -9.73 -2.38
N VAL F 23 -43.07 -9.47 -3.70
CA VAL F 23 -42.18 -8.44 -4.38
C VAL F 23 -42.60 -7.08 -3.83
N LYS F 24 -41.58 -6.26 -3.54
CA LYS F 24 -41.76 -4.86 -3.11
C LYS F 24 -41.50 -3.83 -4.19
N TYR F 25 -42.10 -2.67 -3.91
CA TYR F 25 -41.96 -1.44 -4.66
C TYR F 25 -41.28 -0.31 -3.92
N GLN F 26 -40.04 -0.10 -4.36
CA GLN F 26 -39.21 0.92 -3.78
C GLN F 26 -39.45 2.40 -4.18
N GLY F 27 -39.94 2.59 -5.42
CA GLY F 27 -40.25 3.88 -5.98
C GLY F 27 -39.04 4.75 -5.96
N SER F 28 -39.25 6.03 -5.75
CA SER F 28 -38.14 6.96 -5.84
C SER F 28 -36.93 6.74 -4.91
N CYS F 29 -37.16 6.09 -3.81
CA CYS F 29 -36.13 6.04 -2.81
C CYS F 29 -35.10 4.96 -3.24
N GLY F 30 -33.79 5.30 -3.20
CA GLY F 30 -32.65 4.36 -3.49
C GLY F 30 -32.46 3.33 -2.44
N ALA F 31 -33.49 2.51 -2.18
CA ALA F 31 -33.47 1.55 -1.12
C ALA F 31 -33.29 0.06 -1.56
N CYS F 32 -32.94 -0.22 -2.85
CA CYS F 32 -32.62 -1.56 -3.23
C CYS F 32 -31.89 -2.34 -2.18
N TRP F 33 -30.81 -1.68 -1.68
CA TRP F 33 -29.98 -2.36 -0.76
C TRP F 33 -30.64 -2.90 0.46
N ALA F 34 -31.52 -2.04 0.97
CA ALA F 34 -32.33 -2.41 2.17
C ALA F 34 -33.26 -3.56 1.79
N PHE F 35 -33.92 -3.52 0.62
CA PHE F 35 -34.78 -4.64 0.26
C PHE F 35 -33.98 -5.86 0.10
N SER F 36 -32.75 -5.73 -0.49
CA SER F 36 -31.98 -6.91 -0.72
C SER F 36 -31.68 -7.63 0.65
N ALA F 37 -31.28 -6.80 1.64
CA ALA F 37 -30.87 -7.25 2.95
C ALA F 37 -32.09 -7.82 3.66
N VAL F 38 -33.24 -7.07 3.68
CA VAL F 38 -34.40 -7.71 4.43
C VAL F 38 -34.81 -9.02 3.76
N GLY F 39 -34.70 -9.12 2.41
CA GLY F 39 -35.05 -10.38 1.78
C GLY F 39 -34.25 -11.55 2.21
N ALA F 40 -32.95 -11.24 2.28
CA ALA F 40 -32.05 -12.28 2.74
C ALA F 40 -32.40 -12.70 4.19
N LEU F 41 -32.74 -11.76 5.04
CA LEU F 41 -32.90 -12.18 6.44
C LEU F 41 -34.25 -12.87 6.62
N GLU F 42 -35.15 -12.36 5.81
CA GLU F 42 -36.54 -12.94 5.73
C GLU F 42 -36.38 -14.43 5.47
N GLY F 43 -35.49 -14.84 4.58
CA GLY F 43 -35.42 -16.23 4.23
C GLY F 43 -34.95 -17.03 5.42
N GLN F 44 -33.99 -16.42 6.09
CA GLN F 44 -33.30 -17.08 7.21
C GLN F 44 -34.34 -17.22 8.27
N LEU F 45 -35.14 -16.19 8.50
CA LEU F 45 -36.08 -16.30 9.60
C LEU F 45 -37.09 -17.41 9.40
N LYS F 46 -37.59 -17.57 8.15
CA LYS F 46 -38.63 -18.62 7.90
C LYS F 46 -38.00 -19.99 8.03
N LEU F 47 -36.77 -20.13 7.54
CA LEU F 47 -36.07 -21.41 7.60
C LEU F 47 -35.95 -21.90 9.04
N LYS F 48 -35.60 -20.96 9.92
CA LYS F 48 -35.15 -21.17 11.30
C LYS F 48 -36.36 -21.22 12.24
N THR F 49 -37.37 -20.35 12.03
CA THR F 49 -38.50 -20.18 12.95
C THR F 49 -39.87 -20.64 12.41
N GLY F 50 -39.94 -20.85 11.08
CA GLY F 50 -41.16 -21.29 10.42
C GLY F 50 -42.01 -20.12 10.03
N LYS F 51 -41.60 -18.88 10.34
CA LYS F 51 -42.44 -17.72 10.03
C LYS F 51 -41.91 -16.91 8.90
N LEU F 52 -42.81 -16.63 7.93
CA LEU F 52 -42.58 -15.71 6.82
C LEU F 52 -43.17 -14.35 7.15
N ILE F 53 -42.30 -13.33 7.31
CA ILE F 53 -42.71 -11.96 7.58
C ILE F 53 -41.84 -10.91 6.90
N SER F 54 -42.48 -9.96 6.20
CA SER F 54 -41.81 -8.90 5.51
C SER F 54 -41.18 -8.02 6.58
N LEU F 55 -39.86 -7.83 6.47
CA LEU F 55 -39.12 -7.23 7.49
C LEU F 55 -39.00 -5.73 7.03
N SER F 56 -38.65 -4.82 7.93
CA SER F 56 -38.64 -3.37 7.67
C SER F 56 -37.41 -2.75 6.88
N ALA F 57 -37.44 -2.78 5.53
CA ALA F 57 -36.48 -1.89 4.77
C ALA F 57 -36.44 -0.43 5.27
N GLN F 58 -37.62 0.15 5.64
CA GLN F 58 -37.65 1.50 6.20
C GLN F 58 -36.69 1.65 7.49
N ASN F 59 -36.67 0.66 8.40
CA ASN F 59 -35.80 0.67 9.57
C ASN F 59 -34.34 0.77 9.18
N LEU F 60 -33.98 0.08 8.09
CA LEU F 60 -32.59 0.11 7.67
C LEU F 60 -32.41 1.46 7.11
N VAL F 61 -33.33 1.90 6.24
CA VAL F 61 -33.17 3.20 5.54
C VAL F 61 -32.82 4.31 6.63
N ASP F 62 -33.66 4.34 7.67
CA ASP F 62 -33.68 5.49 8.59
C ASP F 62 -32.59 5.37 9.60
N CYS F 63 -32.09 4.13 9.84
CA CYS F 63 -31.28 3.89 11.07
C CYS F 63 -29.80 3.60 10.84
N SER F 64 -29.47 3.20 9.61
CA SER F 64 -28.10 2.94 9.25
C SER F 64 -27.42 4.08 8.52
N ASN F 65 -28.07 5.22 8.55
CA ASN F 65 -27.59 6.44 7.84
C ASN F 65 -26.59 7.18 8.77
N GLU F 66 -25.44 6.51 8.97
CA GLU F 66 -24.30 6.95 9.73
C GLU F 66 -22.97 6.53 9.10
N GLU F 67 -21.94 7.31 9.42
CA GLU F 67 -20.71 7.15 8.72
C GLU F 67 -20.09 5.78 9.13
N LYS F 68 -20.43 5.30 10.30
CA LYS F 68 -19.84 4.06 10.73
C LYS F 68 -20.31 2.88 9.83
N TYR F 69 -21.50 3.02 9.19
CA TYR F 69 -22.11 2.01 8.32
C TYR F 69 -21.83 2.34 6.85
N GLY F 70 -21.83 3.63 6.52
CA GLY F 70 -21.63 4.14 5.17
C GLY F 70 -22.88 4.03 4.30
N ASN F 71 -24.01 3.69 4.97
CA ASN F 71 -25.31 3.72 4.30
C ASN F 71 -25.77 5.15 4.19
N LYS F 72 -26.55 5.46 3.16
CA LYS F 72 -27.06 6.78 2.96
C LYS F 72 -28.56 6.87 2.79
N GLY F 73 -29.27 5.85 3.32
CA GLY F 73 -30.71 5.81 3.22
C GLY F 73 -31.26 5.72 1.81
N CYS F 74 -32.02 6.72 1.43
CA CYS F 74 -32.43 6.79 0.07
C CYS F 74 -31.37 7.08 -1.00
N GLY F 75 -30.17 7.37 -0.57
CA GLY F 75 -29.08 7.76 -1.45
C GLY F 75 -28.23 6.49 -1.65
N GLY F 76 -28.71 5.30 -1.31
CA GLY F 76 -27.91 4.07 -1.63
C GLY F 76 -27.17 3.59 -0.34
N GLY F 77 -26.86 2.31 -0.26
CA GLY F 77 -26.15 1.75 0.90
C GLY F 77 -25.78 0.32 0.57
N TYR F 78 -25.48 -0.51 1.58
CA TYR F 78 -24.82 -1.75 1.30
C TYR F 78 -25.49 -2.81 2.16
N MET F 79 -25.89 -3.91 1.48
CA MET F 79 -26.49 -5.01 2.20
C MET F 79 -25.67 -5.49 3.41
N THR F 80 -24.31 -5.47 3.33
CA THR F 80 -23.45 -5.98 4.40
C THR F 80 -23.49 -5.11 5.58
N GLU F 81 -23.48 -3.80 5.30
CA GLU F 81 -23.61 -2.83 6.34
C GLU F 81 -24.98 -2.84 6.98
N ALA F 82 -26.04 -3.17 6.16
CA ALA F 82 -27.42 -3.20 6.73
C ALA F 82 -27.42 -4.38 7.66
N PHE F 83 -26.83 -5.51 7.25
CA PHE F 83 -26.55 -6.60 8.24
C PHE F 83 -25.85 -6.18 9.58
N GLN F 84 -24.71 -5.48 9.44
CA GLN F 84 -24.01 -4.89 10.54
C GLN F 84 -24.86 -4.13 11.50
N TYR F 85 -25.61 -3.18 10.91
CA TYR F 85 -26.61 -2.48 11.71
C TYR F 85 -27.51 -3.49 12.48
N ILE F 86 -28.03 -4.54 11.89
CA ILE F 86 -29.08 -5.32 12.58
C ILE F 86 -28.33 -5.98 13.74
N ILE F 87 -27.09 -6.54 13.45
CA ILE F 87 -26.18 -7.18 14.44
C ILE F 87 -26.02 -6.13 15.56
N ASP F 88 -25.74 -4.86 15.25
CA ASP F 88 -25.23 -3.97 16.31
C ASP F 88 -26.43 -3.58 17.17
N ASN F 89 -27.51 -3.23 16.49
CA ASN F 89 -28.79 -2.87 17.05
C ASN F 89 -29.56 -3.89 17.83
N GLY F 90 -29.14 -5.14 17.70
CA GLY F 90 -29.85 -6.26 18.21
C GLY F 90 -31.21 -6.62 17.63
N GLY F 91 -31.61 -6.05 16.49
CA GLY F 91 -32.86 -6.39 15.89
C GLY F 91 -33.27 -5.52 14.74
N ILE F 92 -34.36 -5.90 14.17
CA ILE F 92 -35.08 -5.17 13.13
C ILE F 92 -36.56 -5.36 13.26
N GLU F 93 -37.38 -4.38 12.92
CA GLU F 93 -38.82 -4.66 13.08
C GLU F 93 -39.34 -5.21 11.79
N ALA F 94 -40.58 -5.68 11.89
CA ALA F 94 -41.38 -5.97 10.80
C ALA F 94 -41.88 -4.76 10.01
N ASP F 95 -42.04 -4.91 8.68
CA ASP F 95 -42.62 -3.93 7.84
C ASP F 95 -43.98 -3.48 8.42
N ALA F 96 -44.77 -4.42 8.98
CA ALA F 96 -46.05 -4.05 9.60
C ALA F 96 -46.08 -2.97 10.73
N SER F 97 -45.10 -2.98 11.63
CA SER F 97 -44.88 -1.99 12.70
C SER F 97 -43.91 -0.82 12.26
N TYR F 98 -43.17 -1.03 11.17
CA TYR F 98 -42.25 0.03 10.71
C TYR F 98 -42.30 0.20 9.17
N PRO F 99 -43.45 0.66 8.63
CA PRO F 99 -43.62 0.54 7.20
C PRO F 99 -42.76 1.53 6.34
N TYR F 100 -42.81 1.15 5.07
CA TYR F 100 -42.01 1.80 4.08
C TYR F 100 -42.70 3.05 3.58
N LYS F 101 -41.95 4.15 3.78
CA LYS F 101 -42.28 5.51 3.37
C LYS F 101 -41.56 5.93 2.06
N ALA F 102 -40.56 5.21 1.62
CA ALA F 102 -39.76 5.67 0.48
C ALA F 102 -39.25 7.09 0.69
N MET F 103 -38.86 7.38 1.91
CA MET F 103 -38.48 8.73 2.33
C MET F 103 -37.44 8.57 3.43
N ASP F 104 -36.33 9.33 3.44
CA ASP F 104 -35.37 9.29 4.56
C ASP F 104 -36.07 9.93 5.76
N GLU F 105 -36.35 9.17 6.82
CA GLU F 105 -36.94 9.70 8.08
C GLU F 105 -36.12 9.48 9.37
N LYS F 106 -36.43 10.27 10.38
CA LYS F 106 -35.79 10.05 11.67
C LYS F 106 -36.07 8.67 12.20
N CYS F 107 -35.01 7.99 12.63
CA CYS F 107 -34.97 6.59 13.07
C CYS F 107 -35.94 6.46 14.23
N HIS F 108 -36.70 5.37 14.29
CA HIS F 108 -37.75 5.20 15.36
C HIS F 108 -37.95 3.69 15.56
N TYR F 109 -36.78 3.05 15.55
CA TYR F 109 -36.58 1.73 16.05
C TYR F 109 -37.02 1.47 17.49
N ASN F 110 -37.92 0.47 17.65
CA ASN F 110 -38.39 -0.03 18.93
C ASN F 110 -38.00 -1.47 19.29
N SER F 111 -37.04 -1.63 20.19
CA SER F 111 -36.62 -2.92 20.59
C SER F 111 -37.79 -3.87 20.94
N LYS F 112 -38.87 -3.31 21.55
CA LYS F 112 -40.03 -4.12 21.97
C LYS F 112 -40.64 -4.81 20.81
N ASN F 113 -40.41 -4.27 19.63
CA ASN F 113 -41.18 -4.74 18.51
C ASN F 113 -40.22 -5.43 17.50
N ARG F 114 -39.02 -5.77 17.92
CA ARG F 114 -38.15 -6.34 16.91
C ARG F 114 -38.81 -7.64 16.43
N ALA F 115 -38.67 -7.94 15.11
CA ALA F 115 -39.28 -9.23 14.56
C ALA F 115 -38.26 -10.24 14.18
N ALA F 116 -36.99 -9.79 14.07
CA ALA F 116 -35.84 -10.55 13.58
C ALA F 116 -34.53 -10.01 14.17
N THR F 117 -33.59 -10.94 14.16
CA THR F 117 -32.21 -10.63 14.59
C THR F 117 -31.25 -11.09 13.56
N CYS F 118 -30.06 -10.53 13.68
CA CYS F 118 -28.90 -11.03 12.94
C CYS F 118 -27.69 -11.22 13.90
N SER F 119 -27.09 -12.42 13.92
CA SER F 119 -25.88 -12.60 14.76
C SER F 119 -24.56 -12.43 13.98
N ARG F 120 -24.62 -12.77 12.70
CA ARG F 120 -23.42 -12.68 11.86
C ARG F 120 -23.80 -12.56 10.35
N TYR F 121 -22.91 -12.17 9.50
CA TYR F 121 -23.15 -12.35 8.08
C TYR F 121 -21.89 -12.96 7.51
N ILE F 122 -22.11 -13.45 6.31
CA ILE F 122 -21.16 -14.23 5.53
C ILE F 122 -21.04 -13.51 4.18
N GLN F 123 -19.81 -13.12 3.77
CA GLN F 123 -19.48 -12.74 2.40
C GLN F 123 -18.89 -13.88 1.63
N LEU F 124 -19.45 -14.08 0.48
CA LEU F 124 -18.87 -15.05 -0.42
C LEU F 124 -17.65 -14.49 -1.19
N PRO F 125 -16.86 -15.45 -1.74
CA PRO F 125 -15.68 -15.00 -2.55
C PRO F 125 -16.05 -14.22 -3.76
N PHE F 126 -15.28 -13.16 -3.99
CA PHE F 126 -15.47 -12.25 -5.07
C PHE F 126 -15.46 -13.00 -6.37
N GLY F 127 -16.53 -12.88 -7.16
CA GLY F 127 -16.48 -13.29 -8.51
C GLY F 127 -16.79 -14.78 -8.63
N ASP F 128 -16.96 -15.50 -7.50
CA ASP F 128 -17.09 -16.97 -7.48
C ASP F 128 -18.49 -17.47 -7.62
N GLU F 129 -18.80 -17.84 -8.84
CA GLU F 129 -20.15 -18.36 -9.07
C GLU F 129 -20.41 -19.77 -8.51
N ASP F 130 -19.38 -20.62 -8.30
CA ASP F 130 -19.63 -21.94 -7.65
C ASP F 130 -20.03 -21.64 -6.16
N ALA F 131 -19.32 -20.68 -5.56
CA ALA F 131 -19.66 -20.36 -4.15
C ALA F 131 -21.07 -19.87 -3.98
N LEU F 132 -21.54 -19.09 -4.98
CA LEU F 132 -22.87 -18.42 -4.81
C LEU F 132 -23.89 -19.59 -4.97
N LYS F 133 -23.59 -20.48 -5.94
CA LYS F 133 -24.37 -21.70 -6.18
C LYS F 133 -24.57 -22.57 -4.91
N GLU F 134 -23.47 -22.76 -4.17
CA GLU F 134 -23.46 -23.54 -2.98
C GLU F 134 -24.26 -22.73 -1.97
N ALA F 135 -24.02 -21.42 -1.82
CA ALA F 135 -24.73 -20.77 -0.72
C ALA F 135 -26.30 -20.78 -0.97
N VAL F 136 -26.64 -20.50 -2.24
CA VAL F 136 -28.02 -20.51 -2.62
C VAL F 136 -28.72 -21.87 -2.39
N ALA F 137 -27.99 -22.93 -2.72
CA ALA F 137 -28.54 -24.32 -2.64
C ALA F 137 -28.70 -24.70 -1.17
N THR F 138 -27.77 -24.26 -0.32
CA THR F 138 -27.73 -24.88 1.00
C THR F 138 -27.95 -23.98 2.18
N LYS F 139 -27.95 -22.65 1.97
CA LYS F 139 -28.15 -21.66 3.01
C LYS F 139 -29.54 -21.01 2.93
N GLY F 140 -29.83 -20.45 1.77
CA GLY F 140 -31.13 -19.77 1.39
C GLY F 140 -30.79 -18.61 0.43
N PRO F 141 -31.69 -17.64 0.25
CA PRO F 141 -31.54 -16.53 -0.63
C PRO F 141 -30.30 -15.83 -0.26
N VAL F 142 -29.66 -15.30 -1.27
CA VAL F 142 -28.46 -14.51 -1.00
C VAL F 142 -28.54 -13.05 -1.52
N SER F 143 -28.17 -11.97 -0.77
CA SER F 143 -28.05 -10.65 -1.28
C SER F 143 -26.82 -10.51 -2.19
N VAL F 144 -27.07 -9.98 -3.38
CA VAL F 144 -25.97 -9.61 -4.35
C VAL F 144 -26.13 -8.22 -4.93
N GLY F 145 -25.06 -7.62 -5.46
CA GLY F 145 -25.08 -6.38 -6.13
C GLY F 145 -24.90 -6.81 -7.64
N ILE F 146 -25.65 -6.14 -8.54
CA ILE F 146 -25.50 -6.23 -10.02
C ILE F 146 -25.51 -4.82 -10.68
N ASP F 147 -24.99 -4.78 -11.92
CA ASP F 147 -25.09 -3.62 -12.80
C ASP F 147 -26.49 -3.68 -13.48
N ALA F 148 -27.37 -2.88 -12.92
CA ALA F 148 -28.78 -2.79 -13.40
C ALA F 148 -29.05 -1.51 -14.20
N SER F 149 -28.02 -1.00 -14.90
CA SER F 149 -28.11 0.36 -15.44
C SER F 149 -28.69 0.45 -16.93
N HIS F 150 -28.71 -0.70 -17.59
CA HIS F 150 -29.02 -0.81 -19.02
C HIS F 150 -30.48 -1.13 -19.27
N SER F 151 -31.06 -0.56 -20.36
CA SER F 151 -32.48 -0.72 -20.67
C SER F 151 -32.90 -2.22 -20.86
N SER F 152 -31.89 -3.03 -21.27
CA SER F 152 -32.10 -4.47 -21.43
C SER F 152 -32.52 -5.11 -20.13
N PHE F 153 -31.97 -4.58 -19.04
CA PHE F 153 -32.40 -5.07 -17.73
C PHE F 153 -33.74 -4.43 -17.41
N PHE F 154 -33.85 -3.09 -17.52
CA PHE F 154 -35.08 -2.39 -17.17
C PHE F 154 -36.33 -3.01 -17.84
N PHE F 155 -36.23 -3.17 -19.14
CA PHE F 155 -37.28 -3.72 -19.94
C PHE F 155 -37.22 -5.23 -20.21
N TYR F 156 -36.44 -6.00 -19.37
CA TYR F 156 -36.47 -7.45 -19.41
C TYR F 156 -37.87 -8.04 -19.35
N LYS F 157 -38.13 -9.13 -20.07
CA LYS F 157 -39.45 -9.73 -20.00
C LYS F 157 -39.36 -11.20 -19.66
N SER F 158 -38.43 -11.88 -20.31
CA SER F 158 -38.39 -13.34 -20.08
C SER F 158 -37.05 -13.85 -20.54
N GLY F 159 -36.77 -15.14 -20.38
CA GLY F 159 -35.60 -15.72 -21.01
C GLY F 159 -34.49 -15.52 -19.99
N VAL F 160 -33.24 -15.68 -20.46
CA VAL F 160 -32.02 -15.38 -19.68
C VAL F 160 -31.34 -14.06 -20.09
N TYR F 161 -31.30 -13.17 -19.15
CA TYR F 161 -30.71 -11.91 -19.40
C TYR F 161 -29.22 -12.04 -19.49
N ASP F 162 -28.69 -11.52 -20.61
CA ASP F 162 -27.33 -11.79 -21.00
C ASP F 162 -26.90 -10.68 -22.02
N ASP F 163 -26.87 -9.42 -21.52
CA ASP F 163 -26.63 -8.25 -22.35
C ASP F 163 -25.09 -8.04 -22.32
N PRO F 164 -24.46 -8.03 -23.50
CA PRO F 164 -22.99 -7.92 -23.60
C PRO F 164 -22.50 -6.60 -23.04
N SER F 165 -23.42 -5.66 -22.95
CA SER F 165 -23.17 -4.36 -22.40
C SER F 165 -23.12 -4.33 -20.90
N CYS F 166 -23.55 -5.39 -20.22
CA CYS F 166 -23.40 -5.37 -18.75
C CYS F 166 -21.91 -5.16 -18.44
N THR F 167 -21.66 -4.58 -17.29
CA THR F 167 -20.31 -4.60 -16.73
C THR F 167 -20.26 -5.09 -15.26
N GLY F 168 -19.06 -5.28 -14.74
CA GLY F 168 -18.87 -5.58 -13.31
C GLY F 168 -19.02 -4.37 -12.35
N ASN F 169 -19.32 -3.19 -12.90
CA ASN F 169 -19.53 -2.00 -12.12
C ASN F 169 -20.92 -2.01 -11.50
N VAL F 170 -21.02 -2.71 -10.37
CA VAL F 170 -22.35 -2.96 -9.81
C VAL F 170 -22.93 -1.67 -9.18
N ASN F 171 -24.28 -1.53 -9.18
CA ASN F 171 -24.93 -0.34 -8.66
C ASN F 171 -26.34 -0.57 -8.13
N HIS F 172 -26.66 -1.84 -7.97
CA HIS F 172 -28.01 -2.21 -7.64
C HIS F 172 -28.06 -3.48 -6.85
N GLY F 173 -28.62 -3.42 -5.63
CA GLY F 173 -28.86 -4.59 -4.73
C GLY F 173 -30.16 -5.28 -4.98
N VAL F 174 -30.03 -6.61 -5.13
CA VAL F 174 -31.08 -7.61 -5.37
C VAL F 174 -30.82 -8.92 -4.61
N LEU F 175 -31.73 -9.89 -4.77
CA LEU F 175 -31.72 -11.09 -3.93
C LEU F 175 -31.72 -12.29 -4.89
N VAL F 176 -30.69 -13.14 -4.81
CA VAL F 176 -30.75 -14.39 -5.48
C VAL F 176 -31.57 -15.37 -4.58
N VAL F 177 -32.65 -15.84 -5.19
CA VAL F 177 -33.64 -16.79 -4.57
C VAL F 177 -33.61 -18.18 -5.21
N GLY F 178 -32.76 -18.36 -6.23
CA GLY F 178 -32.80 -19.58 -7.03
C GLY F 178 -31.67 -19.63 -8.07
N TYR F 179 -31.66 -20.73 -8.79
CA TYR F 179 -30.83 -21.02 -9.95
C TYR F 179 -31.48 -22.22 -10.75
N GLY F 180 -31.13 -22.26 -12.02
CA GLY F 180 -31.74 -23.19 -12.98
C GLY F 180 -30.90 -23.18 -14.26
N THR F 181 -31.42 -23.92 -15.24
CA THR F 181 -30.96 -23.83 -16.62
C THR F 181 -32.22 -23.76 -17.43
N LEU F 182 -32.23 -22.81 -18.34
CA LEU F 182 -33.37 -22.58 -19.18
C LEU F 182 -32.91 -22.82 -20.58
N ASP F 183 -33.43 -23.86 -21.26
CA ASP F 183 -33.12 -24.02 -22.68
C ASP F 183 -31.59 -23.92 -22.91
N GLY F 184 -30.85 -24.64 -22.07
CA GLY F 184 -29.40 -24.76 -22.19
C GLY F 184 -28.58 -23.62 -21.60
N LYS F 185 -29.22 -22.49 -21.29
CA LYS F 185 -28.52 -21.41 -20.63
C LYS F 185 -28.76 -21.45 -19.07
N ASP F 186 -27.68 -21.56 -18.27
CA ASP F 186 -27.71 -21.39 -16.79
C ASP F 186 -28.10 -20.01 -16.35
N TYR F 187 -28.94 -19.90 -15.28
CA TYR F 187 -29.43 -18.62 -14.82
C TYR F 187 -29.34 -18.56 -13.35
N TRP F 188 -29.33 -17.30 -12.83
CA TRP F 188 -29.73 -16.96 -11.47
C TRP F 188 -31.16 -16.39 -11.41
N LEU F 189 -31.97 -16.89 -10.46
CA LEU F 189 -33.33 -16.34 -10.33
C LEU F 189 -33.34 -15.23 -9.30
N VAL F 190 -33.56 -13.99 -9.76
CA VAL F 190 -33.33 -12.82 -8.90
C VAL F 190 -34.63 -12.02 -8.68
N LYS F 191 -34.85 -11.65 -7.43
CA LYS F 191 -35.97 -10.82 -7.00
C LYS F 191 -35.54 -9.45 -6.96
N ASN F 192 -36.29 -8.63 -7.70
CA ASN F 192 -36.06 -7.25 -7.72
C ASN F 192 -36.98 -6.56 -6.76
N SER F 193 -36.80 -5.25 -6.60
CA SER F 193 -37.65 -4.33 -5.77
C SER F 193 -38.28 -3.20 -6.51
N TRP F 194 -38.69 -3.51 -7.72
CA TRP F 194 -39.21 -2.59 -8.68
C TRP F 194 -40.67 -2.84 -8.89
N GLY F 195 -41.24 -3.56 -7.93
CA GLY F 195 -42.62 -4.00 -8.00
C GLY F 195 -42.93 -5.09 -9.07
N LEU F 196 -44.23 -5.39 -9.20
CA LEU F 196 -44.68 -6.55 -9.92
C LEU F 196 -44.67 -6.37 -11.41
N ASN F 197 -44.59 -5.10 -11.85
CA ASN F 197 -44.54 -4.71 -13.27
C ASN F 197 -43.14 -4.75 -13.87
N PHE F 198 -42.17 -5.04 -13.02
CA PHE F 198 -40.88 -5.37 -13.49
C PHE F 198 -40.70 -6.83 -13.92
N GLY F 199 -39.93 -7.04 -14.97
CA GLY F 199 -39.63 -8.33 -15.48
C GLY F 199 -40.62 -9.44 -15.55
N ASP F 200 -40.34 -10.45 -14.75
CA ASP F 200 -41.21 -11.57 -14.65
C ASP F 200 -41.78 -11.72 -13.24
N GLN F 201 -42.96 -11.11 -13.13
CA GLN F 201 -43.62 -10.95 -11.90
C GLN F 201 -42.65 -10.48 -10.79
N GLY F 202 -41.78 -9.62 -11.26
CA GLY F 202 -40.90 -8.89 -10.40
C GLY F 202 -39.53 -9.52 -10.32
N TYR F 203 -39.35 -10.64 -10.95
CA TYR F 203 -38.10 -11.32 -11.06
C TYR F 203 -37.47 -11.22 -12.38
N ILE F 204 -36.16 -11.42 -12.34
CA ILE F 204 -35.44 -11.57 -13.59
C ILE F 204 -34.64 -12.88 -13.56
N ARG F 205 -34.48 -13.61 -14.70
CA ARG F 205 -33.44 -14.65 -14.71
C ARG F 205 -32.17 -14.12 -15.39
N MET F 206 -31.04 -14.28 -14.72
CA MET F 206 -29.81 -13.62 -15.07
C MET F 206 -28.70 -14.66 -15.33
N ALA F 207 -27.84 -14.36 -16.34
CA ALA F 207 -26.78 -15.30 -16.84
C ALA F 207 -25.87 -15.73 -15.70
N ARG F 208 -25.85 -17.06 -15.53
CA ARG F 208 -25.05 -17.79 -14.59
C ARG F 208 -23.90 -18.54 -15.34
N ASN F 209 -22.69 -18.49 -14.77
CA ASN F 209 -21.55 -19.18 -15.37
C ASN F 209 -21.20 -18.43 -16.69
N ASN F 210 -21.33 -17.12 -16.67
CA ASN F 210 -20.94 -16.42 -17.90
C ASN F 210 -19.98 -15.30 -17.50
N LYS F 211 -18.94 -15.79 -16.83
CA LYS F 211 -17.88 -14.98 -16.26
C LYS F 211 -18.37 -13.84 -15.37
N ASN F 212 -19.22 -14.16 -14.39
CA ASN F 212 -19.69 -13.14 -13.45
C ASN F 212 -20.38 -11.92 -14.07
N HIS F 213 -21.38 -12.33 -14.93
CA HIS F 213 -22.11 -11.41 -15.77
C HIS F 213 -22.90 -10.40 -14.88
N CYS F 214 -22.79 -9.11 -15.20
CA CYS F 214 -23.43 -8.04 -14.48
C CYS F 214 -22.80 -7.92 -13.01
N GLY F 215 -21.63 -8.59 -12.82
CA GLY F 215 -21.08 -8.88 -11.49
C GLY F 215 -21.97 -9.46 -10.40
N ILE F 216 -22.93 -10.25 -10.86
CA ILE F 216 -23.77 -10.93 -9.91
C ILE F 216 -23.01 -11.63 -8.71
N ALA F 217 -21.74 -12.13 -8.90
CA ALA F 217 -20.91 -12.85 -7.90
C ALA F 217 -19.88 -11.97 -7.25
N SER F 218 -19.84 -10.66 -7.54
CA SER F 218 -18.77 -9.76 -7.00
C SER F 218 -18.93 -9.38 -5.47
N TYR F 219 -20.17 -9.05 -5.05
CA TYR F 219 -20.56 -8.67 -3.64
C TYR F 219 -21.73 -9.53 -3.09
N CYS F 220 -21.54 -10.85 -2.83
CA CYS F 220 -22.67 -11.64 -2.33
C CYS F 220 -22.56 -11.81 -0.83
N SER F 221 -23.68 -11.64 -0.12
CA SER F 221 -23.64 -11.89 1.30
C SER F 221 -24.99 -12.48 1.80
N TYR F 222 -24.95 -13.17 2.91
CA TYR F 222 -26.25 -13.66 3.51
C TYR F 222 -25.99 -13.64 5.03
N PRO F 223 -27.00 -13.23 5.84
CA PRO F 223 -27.14 -13.17 7.34
C PRO F 223 -27.39 -14.50 8.00
N GLU F 224 -27.05 -14.57 9.30
CA GLU F 224 -27.43 -15.70 10.18
C GLU F 224 -28.23 -15.12 11.39
N ILE F 225 -29.37 -15.73 11.69
CA ILE F 225 -30.25 -15.15 12.67
C ILE F 225 -29.64 -14.93 14.06
N LEU G 8 -5.77 55.45 -37.17
CA LEU G 8 -6.03 54.04 -36.66
C LEU G 8 -7.33 53.94 -35.89
N PRO G 9 -8.32 53.25 -36.45
CA PRO G 9 -9.59 52.90 -35.78
C PRO G 9 -9.36 52.32 -34.37
N ASP G 10 -10.32 52.51 -33.47
CA ASP G 10 -10.37 51.90 -32.13
C ASP G 10 -10.65 50.42 -32.17
N THR G 11 -11.62 50.05 -32.98
CA THR G 11 -11.99 48.66 -33.26
C THR G 11 -11.94 48.34 -34.74
N VAL G 12 -11.59 47.09 -35.01
CA VAL G 12 -11.42 46.61 -36.39
C VAL G 12 -11.85 45.14 -36.46
N ASP G 13 -12.50 44.81 -37.56
CA ASP G 13 -13.05 43.44 -37.69
C ASP G 13 -13.25 43.35 -39.18
N TRP G 14 -12.20 42.84 -39.83
CA TRP G 14 -12.23 42.56 -41.28
C TRP G 14 -13.41 41.73 -41.82
N ARG G 15 -14.12 41.05 -40.91
CA ARG G 15 -15.40 40.36 -41.26
C ARG G 15 -16.46 41.33 -41.73
N GLU G 16 -16.50 42.51 -41.11
CA GLU G 16 -17.47 43.54 -41.45
C GLU G 16 -17.31 44.14 -42.89
N LYS G 17 -16.11 44.02 -43.50
CA LYS G 17 -15.82 44.31 -44.95
C LYS G 17 -15.66 43.10 -45.92
N GLY G 18 -16.21 41.94 -45.55
CA GLY G 18 -16.31 40.87 -46.47
C GLY G 18 -14.95 40.34 -46.82
N CYS G 19 -13.96 40.47 -45.90
CA CYS G 19 -12.55 40.15 -46.29
C CYS G 19 -12.04 38.84 -45.68
N VAL G 20 -12.98 38.05 -45.10
CA VAL G 20 -12.68 36.82 -44.25
C VAL G 20 -13.58 35.58 -44.57
N THR G 21 -12.98 34.51 -45.08
CA THR G 21 -13.76 33.31 -45.49
C THR G 21 -14.23 32.51 -44.22
N GLU G 22 -15.06 31.48 -44.44
CA GLU G 22 -15.45 30.50 -43.42
C GLU G 22 -14.29 30.02 -42.49
N VAL G 23 -14.49 29.83 -41.20
CA VAL G 23 -13.65 29.05 -40.38
C VAL G 23 -13.51 27.66 -40.93
N LYS G 24 -12.24 27.36 -41.12
CA LYS G 24 -11.87 26.04 -41.49
C LYS G 24 -11.48 25.08 -40.29
N TYR G 25 -11.37 23.81 -40.64
CA TYR G 25 -11.12 22.73 -39.70
C TYR G 25 -9.98 21.80 -40.17
N GLN G 26 -8.85 21.99 -39.51
CA GLN G 26 -7.66 21.35 -39.92
C GLN G 26 -7.58 19.90 -39.55
N GLY G 27 -8.46 19.48 -38.63
CA GLY G 27 -8.39 18.08 -38.18
C GLY G 27 -6.96 17.72 -37.65
N SER G 28 -6.60 16.43 -37.85
CA SER G 28 -5.31 15.85 -37.43
C SER G 28 -4.08 16.35 -38.14
N CYS G 29 -4.28 17.13 -39.20
CA CYS G 29 -3.10 17.59 -39.90
C CYS G 29 -2.54 18.95 -39.36
N GLY G 30 -1.21 19.07 -39.05
CA GLY G 30 -0.70 20.32 -38.51
C GLY G 30 -0.46 21.34 -39.63
N ALA G 31 -1.58 21.80 -40.16
CA ALA G 31 -1.72 22.76 -41.26
C ALA G 31 -1.98 24.24 -40.85
N CYS G 32 -1.93 24.57 -39.54
CA CYS G 32 -2.37 25.86 -39.05
C CYS G 32 -1.68 26.90 -39.87
N TRP G 33 -0.38 26.65 -40.15
CA TRP G 33 0.40 27.67 -40.88
C TRP G 33 -0.24 27.98 -42.28
N ALA G 34 -0.68 26.84 -42.85
CA ALA G 34 -1.22 26.80 -44.19
C ALA G 34 -2.59 27.55 -44.20
N PHE G 35 -3.41 27.32 -43.15
CA PHE G 35 -4.58 28.17 -43.06
C PHE G 35 -4.42 29.62 -42.80
N SER G 36 -3.46 29.95 -41.93
CA SER G 36 -3.21 31.34 -41.57
C SER G 36 -2.74 32.04 -42.83
N ALA G 37 -1.89 31.31 -43.61
CA ALA G 37 -1.31 32.03 -44.81
C ALA G 37 -2.41 32.22 -45.78
N VAL G 38 -3.10 31.13 -46.18
CA VAL G 38 -4.25 31.37 -47.09
C VAL G 38 -5.24 32.42 -46.50
N GLY G 39 -5.58 32.49 -45.19
CA GLY G 39 -6.40 33.55 -44.61
C GLY G 39 -5.90 35.00 -44.94
N ALA G 40 -4.57 35.15 -44.78
CA ALA G 40 -3.98 36.47 -45.07
C ALA G 40 -4.18 36.79 -46.57
N LEU G 41 -4.03 35.74 -47.40
CA LEU G 41 -4.09 35.96 -48.87
C LEU G 41 -5.48 36.24 -49.29
N GLU G 42 -6.48 35.50 -48.74
CA GLU G 42 -7.90 35.81 -48.94
C GLU G 42 -8.32 37.24 -48.65
N GLY G 43 -7.69 37.84 -47.62
CA GLY G 43 -8.07 39.25 -47.30
C GLY G 43 -7.60 40.25 -48.34
N GLN G 44 -6.40 39.93 -48.81
CA GLN G 44 -5.66 40.78 -49.79
C GLN G 44 -6.30 40.66 -51.12
N LEU G 45 -6.73 39.44 -51.45
CA LEU G 45 -7.47 39.19 -52.71
C LEU G 45 -8.73 39.92 -52.74
N LYS G 46 -9.53 39.77 -51.71
CA LYS G 46 -10.81 40.46 -51.67
C LYS G 46 -10.54 41.93 -51.73
N LEU G 47 -9.59 42.44 -50.98
CA LEU G 47 -9.38 43.95 -51.07
C LEU G 47 -9.01 44.57 -52.43
N LYS G 48 -8.27 43.76 -53.15
CA LYS G 48 -7.77 44.10 -54.47
C LYS G 48 -8.93 43.89 -55.46
N THR G 49 -9.57 42.72 -55.39
CA THR G 49 -10.35 42.37 -56.58
C THR G 49 -11.84 42.41 -56.44
N GLY G 50 -12.28 42.51 -55.19
CA GLY G 50 -13.70 42.43 -54.79
C GLY G 50 -14.15 40.98 -54.65
N LYS G 51 -13.26 40.02 -54.94
CA LYS G 51 -13.51 38.59 -54.83
C LYS G 51 -13.05 37.89 -53.50
N LEU G 52 -13.98 37.21 -52.80
CA LEU G 52 -13.78 36.47 -51.51
C LEU G 52 -13.88 35.04 -51.88
N ILE G 53 -12.78 34.34 -51.77
CA ILE G 53 -12.72 32.99 -52.17
C ILE G 53 -11.76 32.32 -51.27
N SER G 54 -12.16 31.16 -50.79
CA SER G 54 -11.25 30.37 -49.96
C SER G 54 -10.15 29.79 -50.85
N LEU G 55 -8.91 30.03 -50.39
CA LEU G 55 -7.77 29.52 -51.02
C LEU G 55 -7.21 28.23 -50.42
N SER G 56 -6.45 27.54 -51.27
CA SER G 56 -6.09 26.15 -51.04
C SER G 56 -4.94 25.90 -50.05
N ALA G 57 -5.28 25.73 -48.76
CA ALA G 57 -4.31 25.17 -47.80
C ALA G 57 -3.62 23.89 -48.19
N GLN G 58 -4.38 23.02 -48.87
CA GLN G 58 -3.82 21.80 -49.32
C GLN G 58 -2.66 22.08 -50.31
N ASN G 59 -2.86 23.06 -51.17
CA ASN G 59 -1.80 23.38 -52.12
C ASN G 59 -0.50 23.65 -51.40
N LEU G 60 -0.66 24.43 -50.36
CA LEU G 60 0.51 24.75 -49.53
C LEU G 60 1.16 23.51 -48.94
N VAL G 61 0.28 22.70 -48.31
CA VAL G 61 0.62 21.43 -47.72
C VAL G 61 1.35 20.48 -48.60
N ASP G 62 0.81 20.18 -49.80
CA ASP G 62 1.42 19.29 -50.76
C ASP G 62 2.73 19.77 -51.34
N CYS G 63 2.86 21.10 -51.55
CA CYS G 63 3.74 21.65 -52.61
C CYS G 63 4.94 22.41 -52.13
N SER G 64 4.97 22.67 -50.82
CA SER G 64 5.98 23.51 -50.22
C SER G 64 6.63 22.60 -49.15
N ASN G 65 6.42 21.28 -49.19
CA ASN G 65 7.09 20.27 -48.28
C ASN G 65 8.50 20.03 -48.91
N GLU G 66 9.41 20.99 -48.71
CA GLU G 66 10.84 20.84 -49.05
C GLU G 66 11.86 21.78 -48.40
N GLU G 67 13.05 21.24 -48.18
CA GLU G 67 14.09 21.97 -47.42
C GLU G 67 14.32 23.45 -47.81
N LYS G 68 14.21 23.76 -49.11
CA LYS G 68 14.13 25.16 -49.56
C LYS G 68 13.14 26.05 -48.79
N TYR G 69 12.02 25.49 -48.34
CA TYR G 69 11.06 26.29 -47.55
C TYR G 69 11.03 25.96 -46.09
N GLY G 70 11.49 24.75 -45.78
CA GLY G 70 11.39 24.30 -44.40
C GLY G 70 9.96 24.00 -43.97
N ASN G 71 8.96 24.10 -44.85
CA ASN G 71 7.66 23.61 -44.47
C ASN G 71 7.61 22.12 -44.55
N LYS G 72 6.72 21.56 -43.73
CA LYS G 72 6.61 20.15 -43.52
C LYS G 72 5.18 19.56 -43.71
N GLY G 73 4.31 20.28 -44.48
CA GLY G 73 2.97 19.81 -44.62
C GLY G 73 2.31 19.70 -43.26
N CYS G 74 1.77 18.53 -43.05
CA CYS G 74 1.10 18.22 -41.86
C CYS G 74 2.00 18.14 -40.61
N GLY G 75 3.31 18.21 -40.82
CA GLY G 75 4.27 18.30 -39.71
C GLY G 75 4.50 19.77 -39.21
N GLY G 76 3.85 20.77 -39.82
CA GLY G 76 4.02 22.24 -39.49
C GLY G 76 4.79 22.98 -40.57
N GLY G 77 4.82 24.29 -40.42
CA GLY G 77 5.53 25.13 -41.31
C GLY G 77 5.38 26.57 -40.94
N TYR G 78 5.68 27.43 -41.91
CA TYR G 78 5.65 28.86 -41.67
C TYR G 78 4.83 29.63 -42.60
N MET G 79 4.11 30.64 -42.12
CA MET G 79 3.29 31.39 -43.06
C MET G 79 4.16 32.14 -44.05
N THR G 80 5.22 32.79 -43.56
CA THR G 80 6.18 33.38 -44.53
C THR G 80 6.62 32.51 -45.68
N GLU G 81 6.85 31.24 -45.40
CA GLU G 81 7.37 30.31 -46.43
C GLU G 81 6.29 29.81 -47.37
N ALA G 82 5.10 29.52 -46.83
CA ALA G 82 3.89 29.51 -47.70
C ALA G 82 3.79 30.71 -48.67
N PHE G 83 3.88 32.02 -48.22
CA PHE G 83 3.86 33.20 -49.18
C PHE G 83 5.07 33.07 -50.15
N GLN G 84 6.26 32.78 -49.62
CA GLN G 84 7.39 32.59 -50.59
C GLN G 84 7.10 31.48 -51.66
N TYR G 85 6.44 30.39 -51.28
CA TYR G 85 6.15 29.31 -52.23
C TYR G 85 5.15 29.91 -53.27
N ILE G 86 4.14 30.68 -52.77
CA ILE G 86 3.18 31.34 -53.65
C ILE G 86 3.92 32.15 -54.70
N ILE G 87 4.80 33.03 -54.19
CA ILE G 87 5.64 33.86 -55.08
C ILE G 87 6.46 33.09 -56.09
N ASP G 88 7.20 32.09 -55.58
CA ASP G 88 8.09 31.31 -56.45
C ASP G 88 7.29 30.61 -57.51
N ASN G 89 6.08 30.12 -57.14
CA ASN G 89 5.39 29.13 -57.89
C ASN G 89 4.58 29.86 -58.95
N GLY G 90 4.44 31.12 -58.74
CA GLY G 90 3.46 31.87 -59.57
C GLY G 90 1.99 31.77 -59.35
N GLY G 91 1.58 31.08 -58.28
CA GLY G 91 0.31 31.27 -57.65
C GLY G 91 -0.11 30.14 -56.74
N ILE G 92 -1.43 30.09 -56.55
CA ILE G 92 -2.06 29.16 -55.64
C ILE G 92 -3.53 28.99 -56.12
N GLU G 93 -3.94 27.73 -56.03
CA GLU G 93 -5.30 27.45 -56.41
C GLU G 93 -6.27 27.71 -55.29
N ALA G 94 -7.55 27.92 -55.67
CA ALA G 94 -8.74 27.83 -54.79
C ALA G 94 -8.96 26.47 -54.08
N ASP G 95 -9.47 26.54 -52.84
CA ASP G 95 -9.95 25.36 -52.18
C ASP G 95 -10.83 24.49 -53.11
N ALA G 96 -11.62 25.21 -53.91
CA ALA G 96 -12.69 24.47 -54.60
C ALA G 96 -11.98 23.48 -55.58
N SER G 97 -10.88 23.94 -56.22
CA SER G 97 -10.26 23.05 -57.17
C SER G 97 -9.10 22.21 -56.62
N TYR G 98 -8.64 22.47 -55.39
CA TYR G 98 -7.57 21.75 -54.70
C TYR G 98 -7.96 21.57 -53.22
N PRO G 99 -9.04 20.79 -52.96
CA PRO G 99 -9.60 20.79 -51.64
C PRO G 99 -8.76 20.18 -50.52
N TYR G 100 -9.22 20.35 -49.29
CA TYR G 100 -8.38 20.02 -48.15
C TYR G 100 -8.61 18.60 -47.71
N LYS G 101 -7.54 17.86 -47.42
CA LYS G 101 -7.66 16.41 -47.14
C LYS G 101 -7.09 16.06 -45.83
N ALA G 102 -6.30 16.92 -45.21
CA ALA G 102 -5.73 16.67 -43.86
C ALA G 102 -4.75 15.49 -43.83
N MET G 103 -3.99 15.34 -44.93
CA MET G 103 -2.97 14.31 -45.05
C MET G 103 -1.92 14.93 -45.92
N ASP G 104 -0.72 14.37 -45.93
CA ASP G 104 0.24 14.83 -46.89
C ASP G 104 0.03 14.10 -48.21
N GLU G 105 -0.12 14.85 -49.31
CA GLU G 105 -0.25 14.19 -50.62
C GLU G 105 0.68 14.76 -51.66
N LYS G 106 0.70 14.09 -52.78
CA LYS G 106 1.57 14.46 -53.87
C LYS G 106 1.04 15.77 -54.47
N CYS G 107 1.98 16.70 -54.66
CA CYS G 107 1.65 18.02 -55.17
C CYS G 107 1.06 17.91 -56.54
N HIS G 108 -0.03 18.64 -56.74
CA HIS G 108 -0.73 18.56 -58.02
C HIS G 108 -1.31 19.89 -58.41
N TYR G 109 -0.59 20.98 -58.05
CA TYR G 109 -0.96 22.26 -58.47
C TYR G 109 -1.20 22.26 -59.98
N ASN G 110 -2.35 22.80 -60.38
CA ASN G 110 -2.69 23.12 -61.79
C ASN G 110 -2.85 24.63 -62.03
N SER G 111 -1.91 25.28 -62.72
CA SER G 111 -2.04 26.69 -63.08
C SER G 111 -3.31 27.10 -63.88
N LYS G 112 -4.01 26.13 -64.49
CA LYS G 112 -5.26 26.47 -65.25
C LYS G 112 -6.29 26.99 -64.23
N ASN G 113 -6.04 26.56 -63.01
CA ASN G 113 -6.88 26.83 -61.87
C ASN G 113 -6.26 27.79 -60.86
N ARG G 114 -5.21 28.47 -61.26
CA ARG G 114 -4.69 29.52 -60.33
C ARG G 114 -5.79 30.52 -60.07
N ALA G 115 -6.06 30.69 -58.76
CA ALA G 115 -6.94 31.71 -58.17
C ALA G 115 -6.37 33.01 -57.53
N ALA G 116 -5.08 32.91 -57.20
CA ALA G 116 -4.36 34.06 -56.67
C ALA G 116 -2.86 33.93 -56.78
N THR G 117 -2.36 35.20 -56.73
CA THR G 117 -0.92 35.46 -56.83
C THR G 117 -0.31 36.13 -55.57
N CYS G 118 1.01 36.06 -55.38
CA CYS G 118 1.57 36.85 -54.35
C CYS G 118 2.87 37.49 -54.97
N SER G 119 3.18 38.76 -54.65
CA SER G 119 4.41 39.36 -55.19
C SER G 119 5.48 39.53 -54.15
N ARG G 120 5.07 39.98 -52.96
CA ARG G 120 5.97 39.93 -51.79
C ARG G 120 5.27 39.78 -50.43
N TYR G 121 6.03 39.54 -49.39
CA TYR G 121 5.43 39.49 -48.07
C TYR G 121 6.14 40.35 -47.07
N ILE G 122 5.46 40.76 -46.00
CA ILE G 122 5.99 41.85 -45.11
C ILE G 122 6.02 41.28 -43.75
N GLN G 123 7.16 41.36 -43.13
CA GLN G 123 7.38 40.90 -41.78
C GLN G 123 7.46 42.10 -40.95
N LEU G 124 6.65 42.10 -39.90
CA LEU G 124 6.63 43.07 -38.83
C LEU G 124 7.65 42.90 -37.73
N PRO G 125 7.91 44.05 -37.11
CA PRO G 125 8.92 43.94 -36.07
C PRO G 125 8.54 43.09 -34.85
N PHE G 126 9.39 42.17 -34.52
CA PHE G 126 9.28 41.25 -33.43
C PHE G 126 8.82 41.97 -32.19
N GLY G 127 7.69 41.52 -31.63
CA GLY G 127 7.26 41.96 -30.39
C GLY G 127 6.51 43.28 -30.40
N ASP G 128 6.30 43.84 -31.56
CA ASP G 128 5.77 45.21 -31.61
C ASP G 128 4.23 45.31 -31.83
N GLU G 129 3.50 45.33 -30.74
CA GLU G 129 2.05 45.27 -30.87
C GLU G 129 1.43 46.47 -31.55
N ASP G 130 2.13 47.58 -31.51
CA ASP G 130 1.55 48.80 -32.25
C ASP G 130 1.76 48.62 -33.78
N ALA G 131 2.92 48.06 -34.11
CA ALA G 131 3.24 47.83 -35.53
C ALA G 131 2.20 46.80 -36.03
N LEU G 132 1.89 45.82 -35.19
CA LEU G 132 0.78 44.93 -35.56
C LEU G 132 -0.55 45.61 -35.63
N LYS G 133 -0.88 46.56 -34.71
CA LYS G 133 -2.21 47.17 -34.70
C LYS G 133 -2.32 48.03 -35.99
N GLU G 134 -1.20 48.67 -36.38
CA GLU G 134 -1.21 49.47 -37.58
C GLU G 134 -1.41 48.65 -38.88
N ALA G 135 -0.67 47.53 -39.00
CA ALA G 135 -0.83 46.65 -40.11
C ALA G 135 -2.28 46.15 -40.19
N VAL G 136 -2.84 45.83 -39.02
CA VAL G 136 -4.21 45.36 -39.03
C VAL G 136 -5.22 46.38 -39.52
N ALA G 137 -4.98 47.59 -39.08
CA ALA G 137 -5.89 48.72 -39.29
C ALA G 137 -5.91 49.08 -40.75
N THR G 138 -4.72 49.01 -41.34
CA THR G 138 -4.50 49.65 -42.63
C THR G 138 -4.03 48.71 -43.77
N LYS G 139 -3.65 47.45 -43.53
CA LYS G 139 -3.30 46.54 -44.59
C LYS G 139 -4.44 45.49 -44.72
N GLY G 140 -4.72 44.80 -43.64
CA GLY G 140 -5.79 43.76 -43.61
C GLY G 140 -5.43 42.64 -42.66
N PRO G 141 -6.08 41.44 -42.81
CA PRO G 141 -5.68 40.39 -41.84
C PRO G 141 -4.18 40.14 -41.83
N VAL G 142 -3.61 39.90 -40.66
CA VAL G 142 -2.18 39.58 -40.50
C VAL G 142 -1.92 38.09 -40.02
N SER G 143 -0.99 37.37 -40.64
CA SER G 143 -0.59 36.08 -40.14
C SER G 143 0.21 36.25 -38.92
N VAL G 144 -0.15 35.59 -37.85
CA VAL G 144 0.69 35.54 -36.64
C VAL G 144 0.98 34.23 -35.98
N GLY G 145 2.03 34.14 -35.10
CA GLY G 145 2.30 32.89 -34.42
C GLY G 145 1.89 33.14 -32.95
N ILE G 146 1.25 32.14 -32.27
CA ILE G 146 0.95 32.20 -30.82
C ILE G 146 1.41 30.90 -30.14
N ASP G 147 1.67 31.02 -28.83
CA ASP G 147 1.65 29.91 -27.91
C ASP G 147 0.16 29.61 -27.63
N ALA G 148 -0.29 28.51 -28.32
CA ALA G 148 -1.67 27.95 -28.29
C ALA G 148 -1.67 26.64 -27.50
N SER G 149 -0.74 26.44 -26.57
CA SER G 149 -0.49 25.11 -26.03
C SER G 149 -1.13 24.78 -24.69
N HIS G 150 -1.75 25.80 -24.10
CA HIS G 150 -2.53 25.74 -22.77
C HIS G 150 -4.03 25.39 -22.82
N SER G 151 -4.49 24.60 -21.82
CA SER G 151 -5.91 24.21 -21.92
C SER G 151 -6.77 25.41 -21.84
N SER G 152 -6.35 26.55 -21.25
CA SER G 152 -7.23 27.76 -21.29
C SER G 152 -7.53 28.29 -22.70
N PHE G 153 -6.53 28.06 -23.55
CA PHE G 153 -6.75 28.44 -24.97
C PHE G 153 -7.75 27.46 -25.53
N PHE G 154 -7.44 26.19 -25.25
CA PHE G 154 -8.13 25.06 -25.91
C PHE G 154 -9.55 25.26 -25.52
N PHE G 155 -9.79 25.44 -24.23
CA PHE G 155 -11.20 25.47 -23.85
C PHE G 155 -11.83 26.85 -23.80
N TYR G 156 -11.16 27.83 -24.44
CA TYR G 156 -11.70 29.17 -24.45
C TYR G 156 -13.12 29.29 -24.93
N LYS G 157 -13.96 30.06 -24.23
CA LYS G 157 -15.29 30.30 -24.83
C LYS G 157 -15.59 31.71 -25.16
N SER G 158 -15.23 32.63 -24.26
CA SER G 158 -15.67 33.98 -24.36
C SER G 158 -14.78 34.84 -23.52
N GLY G 159 -14.88 36.13 -23.75
CA GLY G 159 -14.12 37.09 -22.98
C GLY G 159 -12.75 37.34 -23.62
N VAL G 160 -11.85 37.90 -22.81
CA VAL G 160 -10.51 38.25 -23.28
C VAL G 160 -9.57 37.28 -22.64
N TYR G 161 -9.02 36.42 -23.51
CA TYR G 161 -8.08 35.41 -23.10
C TYR G 161 -6.75 35.99 -22.69
N ASP G 162 -6.39 35.70 -21.44
CA ASP G 162 -5.21 36.24 -20.74
C ASP G 162 -4.83 35.25 -19.69
N ASP G 163 -3.95 34.36 -20.11
CA ASP G 163 -3.45 33.32 -19.21
C ASP G 163 -1.99 33.60 -18.82
N PRO G 164 -1.76 33.87 -17.54
CA PRO G 164 -0.41 34.22 -17.07
C PRO G 164 0.58 33.10 -17.38
N SER G 165 0.10 31.87 -17.45
CA SER G 165 0.90 30.73 -17.98
C SER G 165 1.34 30.70 -19.48
N CYS G 166 0.83 31.61 -20.30
CA CYS G 166 1.14 31.59 -21.69
C CYS G 166 2.57 32.09 -21.73
N THR G 167 3.28 31.80 -22.81
CA THR G 167 4.65 32.13 -22.96
C THR G 167 4.82 32.60 -24.40
N GLY G 168 5.98 33.21 -24.74
CA GLY G 168 6.26 33.72 -26.05
C GLY G 168 6.85 32.64 -26.92
N ASN G 169 6.79 31.41 -26.46
CA ASN G 169 7.35 30.34 -27.22
C ASN G 169 6.28 29.83 -28.16
N VAL G 170 6.06 30.53 -29.29
CA VAL G 170 4.97 30.21 -30.20
C VAL G 170 4.99 28.81 -30.83
N ASN G 171 3.81 28.34 -31.15
CA ASN G 171 3.75 27.02 -31.71
C ASN G 171 2.59 26.76 -32.67
N HIS G 172 1.82 27.80 -33.00
CA HIS G 172 0.56 27.73 -33.76
C HIS G 172 0.40 28.97 -34.56
N GLY G 173 0.02 28.81 -35.83
CA GLY G 173 -0.22 29.89 -36.80
C GLY G 173 -1.70 30.22 -36.87
N VAL G 174 -2.13 31.43 -36.64
CA VAL G 174 -3.48 31.99 -36.73
C VAL G 174 -3.60 33.29 -37.51
N LEU G 175 -4.77 33.86 -37.55
CA LEU G 175 -5.03 35.09 -38.25
C LEU G 175 -5.63 36.11 -37.38
N VAL G 176 -4.95 37.27 -37.34
CA VAL G 176 -5.46 38.45 -36.74
C VAL G 176 -6.30 39.14 -37.76
N VAL G 177 -7.59 39.01 -37.43
CA VAL G 177 -8.57 39.60 -38.33
C VAL G 177 -9.18 40.93 -37.79
N GLY G 178 -8.75 41.40 -36.59
CA GLY G 178 -9.38 42.45 -35.76
C GLY G 178 -8.69 42.84 -34.47
N TYR G 179 -9.25 43.87 -33.85
CA TYR G 179 -8.88 44.23 -32.52
C TYR G 179 -9.84 45.25 -32.01
N GLY G 180 -9.86 45.46 -30.73
CA GLY G 180 -10.91 46.34 -30.04
C GLY G 180 -10.56 46.27 -28.54
N THR G 181 -11.53 46.58 -27.68
CA THR G 181 -11.34 46.69 -26.26
C THR G 181 -12.67 46.11 -25.72
N LEU G 182 -12.58 45.23 -24.75
CA LEU G 182 -13.74 44.45 -24.34
C LEU G 182 -13.71 44.47 -22.81
N ASP G 183 -14.76 45.05 -22.22
CA ASP G 183 -14.81 45.35 -20.79
C ASP G 183 -13.49 45.92 -20.25
N GLY G 184 -13.06 46.98 -20.92
CA GLY G 184 -11.81 47.71 -20.68
C GLY G 184 -10.51 46.92 -20.90
N LYS G 185 -10.53 45.76 -21.57
CA LYS G 185 -9.25 44.99 -21.77
C LYS G 185 -9.05 44.97 -23.28
N ASP G 186 -7.89 45.43 -23.78
CA ASP G 186 -7.61 45.41 -25.22
C ASP G 186 -7.39 43.96 -25.66
N TYR G 187 -7.92 43.59 -26.82
CA TYR G 187 -7.82 42.28 -27.36
C TYR G 187 -7.49 42.37 -28.85
N TRP G 188 -6.86 41.33 -29.29
CA TRP G 188 -6.79 40.93 -30.71
C TRP G 188 -7.88 39.92 -31.13
N LEU G 189 -8.42 40.11 -32.27
CA LEU G 189 -9.52 39.25 -32.72
C LEU G 189 -8.83 38.25 -33.64
N VAL G 190 -8.77 36.97 -33.23
CA VAL G 190 -8.08 35.84 -33.89
C VAL G 190 -8.97 34.77 -34.45
N LYS G 191 -8.72 34.46 -35.72
CA LYS G 191 -9.43 33.40 -36.50
C LYS G 191 -8.60 32.20 -36.34
N ASN G 192 -9.08 31.06 -35.91
CA ASN G 192 -8.29 29.93 -35.70
C ASN G 192 -8.71 28.92 -36.79
N SER G 193 -8.15 27.71 -36.83
CA SER G 193 -8.47 26.71 -37.84
C SER G 193 -8.76 25.36 -37.26
N TRP G 194 -9.52 25.44 -36.13
CA TRP G 194 -9.97 24.25 -35.36
C TRP G 194 -11.44 24.01 -35.44
N GLY G 195 -12.06 24.58 -36.42
CA GLY G 195 -13.46 24.30 -36.61
C GLY G 195 -14.20 25.36 -35.86
N LEU G 196 -15.51 25.43 -36.16
CA LEU G 196 -16.40 26.38 -35.53
C LEU G 196 -16.75 26.00 -34.05
N ASN G 197 -16.52 24.74 -33.61
CA ASN G 197 -16.75 24.33 -32.26
C ASN G 197 -15.54 24.62 -31.41
N PHE G 198 -14.54 25.33 -31.95
CA PHE G 198 -13.57 25.91 -31.09
C PHE G 198 -13.97 27.31 -30.67
N GLY G 199 -13.71 27.63 -29.38
CA GLY G 199 -13.83 29.02 -29.07
C GLY G 199 -15.19 29.62 -29.31
N ASP G 200 -15.16 30.81 -29.84
CA ASP G 200 -16.37 31.58 -30.22
C ASP G 200 -16.68 31.49 -31.71
N GLN G 201 -17.39 30.41 -32.13
CA GLN G 201 -17.61 30.18 -33.57
C GLN G 201 -16.27 30.14 -34.27
N GLY G 202 -15.26 29.68 -33.53
CA GLY G 202 -13.96 29.42 -34.21
C GLY G 202 -13.04 30.62 -34.02
N TYR G 203 -13.48 31.59 -33.22
CA TYR G 203 -12.75 32.81 -32.90
C TYR G 203 -12.32 32.80 -31.46
N ILE G 204 -11.24 33.57 -31.23
CA ILE G 204 -10.86 33.84 -29.89
C ILE G 204 -10.38 35.25 -29.78
N ARG G 205 -10.72 35.93 -28.70
CA ARG G 205 -10.22 37.27 -28.39
C ARG G 205 -9.04 37.23 -27.35
N MET G 206 -7.82 37.57 -27.79
CA MET G 206 -6.57 37.35 -27.00
C MET G 206 -6.06 38.71 -26.42
N ALA G 207 -5.51 38.74 -25.24
CA ALA G 207 -5.02 39.98 -24.58
C ALA G 207 -4.13 40.77 -25.55
N ARG G 208 -4.39 42.06 -25.71
CA ARG G 208 -3.57 42.93 -26.59
C ARG G 208 -2.89 43.93 -25.61
N ASN G 209 -1.70 44.46 -25.93
CA ASN G 209 -1.12 45.55 -25.07
C ASN G 209 -0.79 45.01 -23.65
N ASN G 210 -0.78 43.67 -23.55
CA ASN G 210 -0.26 43.07 -22.33
C ASN G 210 1.03 42.25 -22.52
N LYS G 211 2.15 42.93 -22.82
CA LYS G 211 3.50 42.41 -22.77
C LYS G 211 3.65 41.26 -23.81
N ASN G 212 3.00 41.42 -24.99
CA ASN G 212 3.24 40.51 -26.08
C ASN G 212 2.73 39.14 -25.65
N HIS G 213 1.49 39.15 -25.15
CA HIS G 213 0.88 37.95 -24.60
C HIS G 213 0.93 36.85 -25.66
N CYS G 214 1.39 35.73 -25.14
CA CYS G 214 1.39 34.55 -25.99
C CYS G 214 2.20 34.67 -27.27
N GLY G 215 3.16 35.64 -27.18
CA GLY G 215 4.02 35.96 -28.30
C GLY G 215 3.30 36.37 -29.61
N ILE G 216 2.04 36.73 -29.57
CA ILE G 216 1.21 37.08 -30.73
C ILE G 216 1.79 38.10 -31.72
N ALA G 217 2.64 38.99 -31.13
CA ALA G 217 3.38 39.89 -32.05
C ALA G 217 4.82 39.56 -32.39
N SER G 218 5.27 38.42 -31.94
CA SER G 218 6.64 38.01 -32.19
C SER G 218 6.92 37.74 -33.70
N TYR G 219 6.00 37.03 -34.44
CA TYR G 219 6.26 36.43 -35.81
C TYR G 219 5.08 36.77 -36.74
N CYS G 220 4.90 38.06 -37.09
CA CYS G 220 3.76 38.49 -37.90
C CYS G 220 4.19 38.77 -39.30
N SER G 221 3.27 38.58 -40.21
CA SER G 221 3.50 38.81 -41.61
C SER G 221 2.22 38.81 -42.40
N TYR G 222 2.28 39.42 -43.60
CA TYR G 222 1.19 39.51 -44.50
C TYR G 222 1.63 39.74 -45.91
N PRO G 223 0.93 39.08 -46.84
CA PRO G 223 1.25 39.03 -48.27
C PRO G 223 0.91 40.32 -48.99
N GLU G 224 1.60 40.63 -50.12
CA GLU G 224 1.12 41.66 -51.05
C GLU G 224 0.99 41.03 -52.43
N ILE G 225 -0.07 41.40 -53.13
CA ILE G 225 -0.38 40.80 -54.41
C ILE G 225 0.29 41.72 -55.52
N LEU H 8 -34.12 36.12 -24.25
CA LEU H 8 -34.51 34.78 -23.67
C LEU H 8 -35.88 34.75 -22.95
N PRO H 9 -36.84 33.93 -23.47
CA PRO H 9 -38.13 33.66 -22.79
C PRO H 9 -37.97 32.96 -21.43
N ASP H 10 -38.93 33.13 -20.53
CA ASP H 10 -38.85 32.49 -19.18
C ASP H 10 -39.14 31.02 -19.30
N THR H 11 -40.03 30.75 -20.24
CA THR H 11 -40.46 29.38 -20.64
C THR H 11 -40.40 29.07 -22.12
N VAL H 12 -39.99 27.85 -22.45
CA VAL H 12 -39.88 27.35 -23.82
C VAL H 12 -40.36 25.94 -23.75
N ASP H 13 -41.14 25.56 -24.77
CA ASP H 13 -41.52 24.17 -24.99
C ASP H 13 -41.78 23.98 -26.48
N TRP H 14 -40.85 23.25 -27.11
CA TRP H 14 -40.87 23.10 -28.53
C TRP H 14 -42.10 22.35 -29.08
N ARG H 15 -42.70 21.52 -28.25
CA ARG H 15 -43.99 20.87 -28.58
C ARG H 15 -45.06 21.88 -29.07
N GLU H 16 -45.16 23.01 -28.36
CA GLU H 16 -46.01 24.15 -28.74
C GLU H 16 -45.74 24.78 -30.13
N LYS H 17 -44.63 24.39 -30.78
CA LYS H 17 -44.23 24.85 -32.12
C LYS H 17 -44.22 23.72 -33.12
N GLY H 18 -44.83 22.60 -32.75
CA GLY H 18 -44.80 21.36 -33.51
C GLY H 18 -43.44 20.85 -33.90
N CYS H 19 -42.47 21.00 -32.98
CA CYS H 19 -41.06 20.68 -33.27
C CYS H 19 -40.61 19.31 -32.69
N VAL H 20 -41.52 18.50 -32.13
CA VAL H 20 -41.14 17.28 -31.44
C VAL H 20 -42.03 16.18 -31.90
N THR H 21 -41.43 15.10 -32.32
CA THR H 21 -42.23 13.90 -32.67
C THR H 21 -42.77 13.12 -31.46
N GLU H 22 -43.63 12.14 -31.69
CA GLU H 22 -44.06 11.33 -30.55
C GLU H 22 -42.90 10.65 -29.82
N VAL H 23 -43.14 10.41 -28.57
CA VAL H 23 -42.14 9.76 -27.70
C VAL H 23 -41.97 8.34 -28.25
N LYS H 24 -40.76 7.83 -28.18
CA LYS H 24 -40.41 6.52 -28.73
C LYS H 24 -39.99 5.59 -27.55
N TYR H 25 -40.01 4.23 -27.78
CA TYR H 25 -39.82 3.20 -26.83
C TYR H 25 -38.61 2.34 -27.28
N GLN H 26 -37.46 2.53 -26.60
CA GLN H 26 -36.24 1.90 -27.13
C GLN H 26 -36.20 0.43 -26.78
N GLY H 27 -36.86 0.04 -25.70
CA GLY H 27 -37.01 -1.40 -25.31
C GLY H 27 -35.61 -1.79 -24.84
N SER H 28 -35.20 -3.02 -25.20
CA SER H 28 -33.99 -3.59 -24.63
C SER H 28 -32.75 -3.11 -25.37
N CYS H 29 -32.90 -2.41 -26.48
CA CYS H 29 -31.67 -1.88 -27.18
C CYS H 29 -31.14 -0.59 -26.50
N GLY H 30 -29.80 -0.42 -26.26
CA GLY H 30 -29.39 0.89 -25.70
C GLY H 30 -29.20 1.98 -26.73
N ALA H 31 -30.29 2.27 -27.45
CA ALA H 31 -30.36 3.33 -28.47
C ALA H 31 -30.75 4.82 -28.04
N CYS H 32 -30.64 5.16 -26.74
CA CYS H 32 -30.97 6.49 -26.28
C CYS H 32 -30.26 7.50 -27.07
N TRP H 33 -28.96 7.20 -27.37
CA TRP H 33 -28.21 8.23 -28.08
C TRP H 33 -28.65 8.48 -29.54
N ALA H 34 -29.11 7.40 -30.19
CA ALA H 34 -29.77 7.45 -31.48
C ALA H 34 -31.12 8.29 -31.45
N PHE H 35 -31.94 7.97 -30.48
CA PHE H 35 -33.13 8.71 -30.36
C PHE H 35 -32.92 10.13 -30.09
N SER H 36 -31.92 10.46 -29.23
CA SER H 36 -31.67 11.84 -28.81
C SER H 36 -31.32 12.64 -30.12
N ALA H 37 -30.44 11.94 -30.86
CA ALA H 37 -29.81 12.63 -31.96
C ALA H 37 -30.91 12.76 -33.05
N VAL H 38 -31.70 11.68 -33.29
CA VAL H 38 -32.83 11.94 -34.27
C VAL H 38 -33.78 13.05 -33.82
N GLY H 39 -33.96 13.09 -32.50
CA GLY H 39 -34.75 14.08 -31.88
C GLY H 39 -34.36 15.43 -32.29
N ALA H 40 -33.07 15.68 -32.11
CA ALA H 40 -32.55 17.04 -32.24
C ALA H 40 -32.69 17.41 -33.72
N LEU H 41 -32.44 16.43 -34.57
CA LEU H 41 -32.54 16.67 -36.00
C LEU H 41 -33.97 16.91 -36.50
N GLU H 42 -34.93 16.09 -35.97
CA GLU H 42 -36.37 16.28 -36.21
C GLU H 42 -36.75 17.71 -35.96
N GLY H 43 -36.13 18.33 -34.94
CA GLY H 43 -36.50 19.66 -34.55
C GLY H 43 -36.00 20.68 -35.58
N GLN H 44 -34.72 20.48 -36.00
CA GLN H 44 -34.12 21.36 -37.01
C GLN H 44 -34.82 21.26 -38.35
N LEU H 45 -35.17 20.02 -38.75
CA LEU H 45 -36.04 19.76 -39.94
C LEU H 45 -37.41 20.46 -39.91
N LYS H 46 -38.06 20.55 -38.77
CA LYS H 46 -39.33 21.27 -38.79
C LYS H 46 -39.13 22.77 -38.76
N LEU H 47 -38.25 23.25 -37.89
CA LEU H 47 -38.02 24.71 -37.82
C LEU H 47 -37.60 25.18 -39.23
N LYS H 48 -36.68 24.48 -39.85
CA LYS H 48 -36.25 24.91 -41.15
C LYS H 48 -37.37 24.77 -42.22
N THR H 49 -37.88 23.55 -42.38
CA THR H 49 -38.71 23.17 -43.55
C THR H 49 -40.25 23.19 -43.31
N GLY H 50 -40.64 23.18 -42.04
CA GLY H 50 -42.06 23.19 -41.64
C GLY H 50 -42.64 21.80 -41.64
N LYS H 51 -41.77 20.80 -41.86
CA LYS H 51 -42.07 19.36 -41.77
C LYS H 51 -41.57 18.63 -40.51
N LEU H 52 -42.45 17.81 -39.95
CA LEU H 52 -42.26 17.05 -38.71
C LEU H 52 -42.31 15.59 -39.11
N ILE H 53 -41.20 14.90 -39.11
CA ILE H 53 -41.07 13.48 -39.50
C ILE H 53 -40.21 12.72 -38.44
N SER H 54 -40.69 11.61 -37.91
CA SER H 54 -39.91 10.79 -37.03
C SER H 54 -38.78 10.28 -37.88
N LEU H 55 -37.56 10.68 -37.50
CA LEU H 55 -36.38 10.18 -38.20
C LEU H 55 -35.82 8.86 -37.66
N SER H 56 -35.08 8.18 -38.52
CA SER H 56 -34.71 6.82 -38.31
C SER H 56 -33.59 6.47 -37.30
N ALA H 57 -33.98 6.38 -36.02
CA ALA H 57 -33.06 6.02 -34.96
C ALA H 57 -32.24 4.77 -35.32
N GLN H 58 -32.93 3.69 -35.68
CA GLN H 58 -32.40 2.50 -36.39
C GLN H 58 -31.32 2.74 -37.50
N ASN H 59 -31.42 3.86 -38.22
CA ASN H 59 -30.46 4.22 -39.33
C ASN H 59 -29.11 4.35 -38.65
N LEU H 60 -29.15 5.09 -37.55
CA LEU H 60 -27.99 5.37 -36.73
C LEU H 60 -27.52 4.12 -35.98
N VAL H 61 -28.46 3.32 -35.45
CA VAL H 61 -28.02 2.10 -34.78
C VAL H 61 -27.18 1.27 -35.72
N ASP H 62 -27.62 1.12 -36.96
CA ASP H 62 -27.19 0.02 -37.80
C ASP H 62 -25.89 0.32 -38.53
N CYS H 63 -25.67 1.63 -38.72
CA CYS H 63 -24.78 2.23 -39.74
C CYS H 63 -23.64 3.12 -39.23
N SER H 64 -23.62 3.45 -37.92
CA SER H 64 -22.52 4.26 -37.32
C SER H 64 -21.80 3.39 -36.29
N ASN H 65 -22.10 2.10 -36.25
CA ASN H 65 -21.38 1.11 -35.37
C ASN H 65 -19.93 0.80 -35.85
N GLU H 66 -19.05 1.81 -35.98
CA GLU H 66 -17.63 1.58 -36.34
C GLU H 66 -16.65 2.61 -35.70
N GLU H 67 -15.34 2.32 -35.70
CA GLU H 67 -14.42 2.99 -34.76
C GLU H 67 -14.13 4.45 -35.10
N LYS H 68 -14.34 4.80 -36.36
CA LYS H 68 -14.44 6.17 -36.83
C LYS H 68 -15.43 7.00 -36.00
N TYR H 69 -16.50 6.35 -35.54
CA TYR H 69 -17.56 7.06 -34.80
C TYR H 69 -17.54 6.82 -33.30
N GLY H 70 -17.39 5.57 -32.91
CA GLY H 70 -17.25 5.23 -31.52
C GLY H 70 -18.58 4.77 -30.97
N ASN H 71 -19.60 4.75 -31.84
CA ASN H 71 -20.91 4.17 -31.54
C ASN H 71 -20.90 2.66 -31.60
N LYS H 72 -21.83 1.99 -30.90
CA LYS H 72 -21.79 0.56 -30.69
C LYS H 72 -23.17 -0.04 -30.76
N GLY H 73 -24.01 0.68 -31.48
CA GLY H 73 -25.35 0.21 -31.77
C GLY H 73 -26.20 0.20 -30.52
N CYS H 74 -26.67 -1.00 -30.21
CA CYS H 74 -27.48 -1.29 -29.05
C CYS H 74 -26.59 -1.34 -27.80
N GLY H 75 -25.27 -1.39 -27.97
CA GLY H 75 -24.36 -1.26 -26.82
C GLY H 75 -24.09 0.21 -26.51
N GLY H 76 -24.84 1.09 -27.12
CA GLY H 76 -24.84 2.55 -26.80
C GLY H 76 -23.79 3.21 -27.68
N GLY H 77 -23.73 4.53 -27.52
CA GLY H 77 -23.10 5.54 -28.43
C GLY H 77 -23.26 7.00 -28.06
N TYR H 78 -22.92 7.91 -28.99
CA TYR H 78 -22.84 9.37 -28.74
C TYR H 78 -23.61 10.10 -29.81
N MET H 79 -24.37 11.12 -29.39
CA MET H 79 -25.14 11.99 -30.25
C MET H 79 -24.30 12.83 -31.21
N THR H 80 -23.20 13.35 -30.77
CA THR H 80 -22.26 14.07 -31.70
C THR H 80 -21.87 13.29 -32.91
N GLU H 81 -21.52 12.03 -32.72
CA GLU H 81 -21.02 11.24 -33.84
C GLU H 81 -22.11 10.55 -34.63
N ALA H 82 -23.30 10.44 -34.03
CA ALA H 82 -24.51 10.22 -34.88
C ALA H 82 -24.67 11.36 -35.87
N PHE H 83 -24.66 12.58 -35.36
CA PHE H 83 -24.68 13.80 -36.26
C PHE H 83 -23.53 13.71 -37.25
N GLN H 84 -22.36 13.34 -36.77
CA GLN H 84 -21.22 13.18 -37.72
C GLN H 84 -21.57 12.22 -38.84
N TYR H 85 -22.19 11.06 -38.51
CA TYR H 85 -22.63 10.08 -39.51
C TYR H 85 -23.59 10.73 -40.49
N ILE H 86 -24.71 11.31 -40.03
CA ILE H 86 -25.59 12.04 -40.97
C ILE H 86 -24.77 12.94 -41.91
N ILE H 87 -23.91 13.82 -41.37
CA ILE H 87 -23.08 14.68 -42.24
C ILE H 87 -22.32 13.86 -43.28
N ASP H 88 -21.59 12.83 -42.85
CA ASP H 88 -20.69 12.14 -43.79
C ASP H 88 -21.44 11.30 -44.81
N ASN H 89 -22.60 10.83 -44.38
CA ASN H 89 -23.33 9.84 -45.15
C ASN H 89 -24.13 10.68 -46.15
N GLY H 90 -24.19 11.99 -45.95
CA GLY H 90 -25.07 12.80 -46.79
C GLY H 90 -26.55 12.68 -46.52
N GLY H 91 -26.93 11.98 -45.41
CA GLY H 91 -28.30 11.89 -44.98
C GLY H 91 -28.66 10.72 -44.07
N ILE H 92 -29.97 10.54 -43.97
CA ILE H 92 -30.60 9.73 -42.94
C ILE H 92 -32.01 9.53 -43.38
N GLU H 93 -32.46 8.31 -43.26
CA GLU H 93 -33.86 8.09 -43.63
C GLU H 93 -34.80 8.47 -42.50
N ALA H 94 -36.11 8.53 -42.82
CA ALA H 94 -37.30 8.54 -41.94
C ALA H 94 -37.45 7.18 -41.28
N ASP H 95 -38.07 7.17 -40.07
CA ASP H 95 -38.36 5.94 -39.37
C ASP H 95 -39.39 5.16 -40.22
N ALA H 96 -40.21 5.87 -40.99
CA ALA H 96 -41.17 5.10 -41.87
C ALA H 96 -40.53 4.21 -42.92
N SER H 97 -39.40 4.65 -43.49
CA SER H 97 -38.73 3.98 -44.60
C SER H 97 -37.68 3.05 -44.04
N TYR H 98 -37.23 3.34 -42.80
CA TYR H 98 -36.24 2.55 -42.09
C TYR H 98 -36.61 2.31 -40.59
N PRO H 99 -37.58 1.43 -40.28
CA PRO H 99 -38.11 1.27 -38.93
C PRO H 99 -37.18 0.77 -37.78
N TYR H 100 -37.64 1.03 -36.57
CA TYR H 100 -36.92 0.61 -35.39
C TYR H 100 -37.15 -0.86 -34.97
N LYS H 101 -36.08 -1.58 -34.72
CA LYS H 101 -36.08 -3.00 -34.52
C LYS H 101 -35.60 -3.40 -33.12
N ALA H 102 -34.91 -2.49 -32.46
CA ALA H 102 -34.40 -2.71 -31.10
C ALA H 102 -33.42 -3.84 -31.01
N MET H 103 -32.65 -4.00 -32.10
CA MET H 103 -31.62 -4.99 -32.27
C MET H 103 -30.53 -4.45 -33.20
N ASP H 104 -29.36 -5.07 -33.13
CA ASP H 104 -28.23 -4.71 -34.00
C ASP H 104 -28.40 -5.35 -35.40
N GLU H 105 -28.73 -4.55 -36.43
CA GLU H 105 -28.93 -5.08 -37.80
C GLU H 105 -27.86 -4.63 -38.83
N LYS H 106 -27.89 -5.17 -40.05
CA LYS H 106 -26.99 -4.67 -41.09
C LYS H 106 -27.48 -3.37 -41.66
N CYS H 107 -26.59 -2.43 -41.98
CA CYS H 107 -26.99 -1.15 -42.60
C CYS H 107 -27.76 -1.35 -43.89
N HIS H 108 -28.87 -0.61 -44.05
CA HIS H 108 -29.57 -0.58 -45.32
C HIS H 108 -30.14 0.76 -45.64
N TYR H 109 -29.34 1.81 -45.43
CA TYR H 109 -29.69 3.15 -45.79
C TYR H 109 -29.87 3.17 -47.31
N ASN H 110 -31.01 3.70 -47.73
CA ASN H 110 -31.39 3.99 -49.13
C ASN H 110 -31.55 5.48 -49.34
N SER H 111 -30.65 6.01 -50.16
CA SER H 111 -30.55 7.42 -50.32
C SER H 111 -31.79 7.93 -51.06
N LYS H 112 -32.49 7.02 -51.75
CA LYS H 112 -33.68 7.37 -52.53
C LYS H 112 -34.76 7.78 -51.54
N ASN H 113 -34.57 7.33 -50.30
CA ASN H 113 -35.44 7.55 -49.14
C ASN H 113 -34.91 8.61 -48.14
N ARG H 114 -33.84 9.30 -48.49
CA ARG H 114 -33.35 10.34 -47.57
C ARG H 114 -34.43 11.27 -47.06
N ALA H 115 -34.58 11.38 -45.72
CA ALA H 115 -35.58 12.38 -45.17
C ALA H 115 -35.08 13.73 -44.61
N ALA H 116 -33.79 13.77 -44.41
CA ALA H 116 -33.08 14.87 -43.76
C ALA H 116 -31.56 14.73 -43.95
N THR H 117 -30.95 15.91 -43.83
CA THR H 117 -29.52 16.11 -43.94
C THR H 117 -29.08 16.92 -42.75
N CYS H 118 -27.77 16.99 -42.61
CA CYS H 118 -27.09 17.71 -41.56
C CYS H 118 -25.69 18.00 -42.05
N SER H 119 -25.32 19.27 -41.94
CA SER H 119 -24.00 19.73 -42.45
C SER H 119 -22.97 19.89 -41.32
N ARG H 120 -23.44 20.29 -40.13
CA ARG H 120 -22.56 20.51 -38.97
C ARG H 120 -23.35 20.41 -37.68
N TYR H 121 -22.63 20.17 -36.62
CA TYR H 121 -23.25 20.20 -35.34
C TYR H 121 -22.50 21.17 -34.40
N ILE H 122 -23.14 21.56 -33.32
CA ILE H 122 -22.60 22.58 -32.40
C ILE H 122 -22.49 22.09 -30.97
N GLN H 123 -21.28 22.12 -30.41
CA GLN H 123 -21.00 21.65 -29.03
C GLN H 123 -21.01 22.88 -28.15
N LEU H 124 -21.93 22.88 -27.20
CA LEU H 124 -21.99 23.89 -26.13
C LEU H 124 -21.00 23.58 -25.01
N PRO H 125 -20.54 24.66 -24.36
CA PRO H 125 -19.54 24.38 -23.30
C PRO H 125 -20.01 23.46 -22.15
N PHE H 126 -19.10 22.53 -21.80
CA PHE H 126 -19.25 21.62 -20.66
C PHE H 126 -19.77 22.40 -19.44
N GLY H 127 -20.93 22.03 -18.87
CA GLY H 127 -21.27 22.48 -17.60
C GLY H 127 -22.09 23.74 -17.59
N ASP H 128 -22.18 24.45 -18.72
CA ASP H 128 -22.79 25.75 -18.80
C ASP H 128 -24.31 25.71 -19.09
N GLU H 129 -25.06 25.84 -18.04
CA GLU H 129 -26.50 25.80 -18.21
C GLU H 129 -27.05 27.04 -18.93
N ASP H 130 -26.45 28.18 -18.66
CA ASP H 130 -26.80 29.37 -19.41
C ASP H 130 -26.62 29.23 -20.88
N ALA H 131 -25.54 28.57 -21.27
CA ALA H 131 -25.26 28.28 -22.67
C ALA H 131 -26.38 27.37 -23.14
N LEU H 132 -26.88 26.48 -22.26
CA LEU H 132 -27.79 25.48 -22.78
C LEU H 132 -29.12 26.20 -22.87
N LYS H 133 -29.34 27.13 -21.97
CA LYS H 133 -30.60 27.85 -21.98
C LYS H 133 -30.77 28.64 -23.28
N GLU H 134 -29.74 29.40 -23.67
CA GLU H 134 -29.82 30.20 -24.87
C GLU H 134 -30.01 29.29 -26.13
N ALA H 135 -29.25 28.18 -26.26
CA ALA H 135 -29.44 27.25 -27.40
C ALA H 135 -30.91 26.77 -27.44
N VAL H 136 -31.38 26.33 -26.29
CA VAL H 136 -32.77 25.88 -26.28
C VAL H 136 -33.74 26.96 -26.73
N ALA H 137 -33.53 28.16 -26.18
CA ALA H 137 -34.40 29.24 -26.51
C ALA H 137 -34.39 29.59 -27.97
N THR H 138 -33.23 29.52 -28.61
CA THR H 138 -33.08 30.28 -29.84
C THR H 138 -32.60 29.46 -31.07
N LYS H 139 -32.16 28.20 -30.83
CA LYS H 139 -31.92 27.15 -31.85
C LYS H 139 -33.02 26.03 -32.02
N GLY H 140 -33.55 25.57 -30.89
CA GLY H 140 -34.28 24.27 -30.95
C GLY H 140 -33.84 23.26 -29.90
N PRO H 141 -34.42 22.08 -29.99
CA PRO H 141 -34.19 20.96 -29.14
C PRO H 141 -32.71 20.57 -29.11
N VAL H 142 -32.19 20.13 -27.95
CA VAL H 142 -30.69 19.97 -27.89
C VAL H 142 -30.38 18.57 -27.35
N SER H 143 -29.50 17.81 -27.94
CA SER H 143 -29.18 16.49 -27.40
C SER H 143 -28.29 16.74 -26.14
N VAL H 144 -28.62 16.08 -25.04
CA VAL H 144 -27.75 16.14 -23.84
C VAL H 144 -27.50 14.77 -23.22
N GLY H 145 -26.47 14.60 -22.36
CA GLY H 145 -26.21 13.36 -21.65
C GLY H 145 -26.47 13.56 -20.15
N ILE H 146 -27.16 12.64 -19.46
CA ILE H 146 -27.54 12.76 -18.02
C ILE H 146 -27.16 11.46 -17.31
N ASP H 147 -27.03 11.57 -16.02
CA ASP H 147 -26.88 10.45 -15.18
C ASP H 147 -28.33 10.07 -14.93
N ALA H 148 -28.71 9.00 -15.63
CA ALA H 148 -30.10 8.43 -15.47
C ALA H 148 -30.20 7.18 -14.60
N SER H 149 -29.23 6.86 -13.80
CA SER H 149 -29.14 5.56 -13.19
C SER H 149 -29.91 5.36 -11.91
N HIS H 150 -30.52 6.40 -11.36
CA HIS H 150 -31.14 6.26 -10.01
C HIS H 150 -32.74 5.99 -9.99
N SER H 151 -33.21 5.21 -9.02
CA SER H 151 -34.68 4.90 -9.11
C SER H 151 -35.54 6.12 -9.12
N SER H 152 -35.02 7.23 -8.52
CA SER H 152 -35.78 8.45 -8.48
C SER H 152 -36.14 9.02 -9.91
N PHE H 153 -35.19 8.79 -10.83
CA PHE H 153 -35.42 9.07 -12.28
C PHE H 153 -36.39 8.00 -12.87
N PHE H 154 -36.04 6.74 -12.66
CA PHE H 154 -36.87 5.68 -13.30
C PHE H 154 -38.29 5.99 -12.87
N PHE H 155 -38.50 6.34 -11.60
CA PHE H 155 -39.82 6.29 -11.10
C PHE H 155 -40.51 7.68 -10.99
N TYR H 156 -39.81 8.71 -11.51
CA TYR H 156 -40.35 10.02 -11.71
C TYR H 156 -41.72 9.99 -12.32
N LYS H 157 -42.62 10.74 -11.69
CA LYS H 157 -43.96 11.02 -12.31
C LYS H 157 -44.24 12.49 -12.42
N SER H 158 -43.88 13.28 -11.42
CA SER H 158 -44.21 14.70 -11.60
C SER H 158 -43.24 15.55 -10.84
N GLY H 159 -43.39 16.81 -11.11
CA GLY H 159 -42.74 17.87 -10.40
C GLY H 159 -41.39 18.12 -11.00
N VAL H 160 -40.45 18.70 -10.22
CA VAL H 160 -39.10 19.01 -10.82
C VAL H 160 -38.09 18.06 -10.21
N TYR H 161 -37.46 17.18 -10.98
CA TYR H 161 -36.67 16.06 -10.44
C TYR H 161 -35.32 16.63 -9.96
N ASP H 162 -34.93 16.34 -8.70
CA ASP H 162 -33.77 17.00 -8.06
C ASP H 162 -33.36 15.97 -6.99
N ASP H 163 -32.47 15.03 -7.39
CA ASP H 163 -31.95 13.99 -6.52
C ASP H 163 -30.52 14.27 -6.12
N PRO H 164 -30.28 14.35 -4.85
CA PRO H 164 -28.95 14.64 -4.33
C PRO H 164 -28.00 13.48 -4.62
N SER H 165 -28.53 12.30 -4.93
CA SER H 165 -27.63 11.16 -5.24
C SER H 165 -27.17 11.21 -6.68
N CYS H 166 -27.75 12.11 -7.49
CA CYS H 166 -27.41 12.10 -8.92
C CYS H 166 -25.94 12.54 -9.00
N THR H 167 -25.28 12.20 -10.08
CA THR H 167 -23.81 12.53 -10.26
C THR H 167 -23.61 13.10 -11.68
N GLY H 168 -22.38 13.56 -11.92
CA GLY H 168 -21.98 14.06 -13.24
C GLY H 168 -21.56 13.01 -14.23
N ASN H 169 -21.57 11.75 -13.77
CA ASN H 169 -21.19 10.58 -14.53
C ASN H 169 -22.37 10.25 -15.41
N VAL H 170 -22.49 10.94 -16.54
CA VAL H 170 -23.61 10.73 -17.46
C VAL H 170 -23.60 9.26 -18.09
N ASN H 171 -24.76 8.69 -18.39
CA ASN H 171 -24.83 7.33 -18.97
C ASN H 171 -26.02 7.21 -19.94
N HIS H 172 -26.61 8.34 -20.31
CA HIS H 172 -27.99 8.26 -20.97
C HIS H 172 -28.15 9.49 -21.75
N GLY H 173 -28.51 9.33 -23.01
CA GLY H 173 -28.64 10.51 -23.93
C GLY H 173 -30.12 10.72 -24.06
N VAL H 174 -30.53 11.94 -23.87
CA VAL H 174 -31.91 12.44 -23.90
C VAL H 174 -31.97 13.72 -24.69
N LEU H 175 -33.17 14.29 -24.82
CA LEU H 175 -33.47 15.54 -25.55
C LEU H 175 -34.08 16.65 -24.75
N VAL H 176 -33.42 17.82 -24.62
CA VAL H 176 -34.03 18.80 -23.94
C VAL H 176 -34.81 19.54 -25.00
N VAL H 177 -36.10 19.65 -24.72
CA VAL H 177 -37.08 20.34 -25.68
C VAL H 177 -37.70 21.59 -25.07
N GLY H 178 -37.26 21.97 -23.88
CA GLY H 178 -37.80 23.17 -23.33
C GLY H 178 -37.25 23.44 -21.95
N TYR H 179 -37.74 24.50 -21.34
CA TYR H 179 -37.40 24.77 -19.98
C TYR H 179 -38.40 25.78 -19.32
N GLY H 180 -38.32 25.98 -18.02
CA GLY H 180 -39.35 26.78 -17.31
C GLY H 180 -39.05 26.86 -15.82
N THR H 181 -40.06 27.27 -15.06
CA THR H 181 -40.03 27.27 -13.61
C THR H 181 -41.36 26.61 -13.14
N LEU H 182 -41.24 25.69 -12.21
CA LEU H 182 -42.44 25.00 -11.65
C LEU H 182 -42.37 24.99 -10.16
N ASP H 183 -43.42 25.46 -9.48
CA ASP H 183 -43.41 25.62 -8.04
C ASP H 183 -42.13 26.22 -7.50
N GLY H 184 -41.79 27.34 -8.12
CA GLY H 184 -40.54 28.13 -7.93
C GLY H 184 -39.19 27.51 -8.28
N LYS H 185 -39.22 26.35 -8.96
CA LYS H 185 -37.93 25.64 -9.21
C LYS H 185 -37.73 25.61 -10.68
N ASP H 186 -36.58 26.19 -11.21
CA ASP H 186 -36.19 26.03 -12.61
C ASP H 186 -35.98 24.55 -12.98
N TYR H 187 -36.25 24.18 -14.25
CA TYR H 187 -36.27 22.81 -14.80
C TYR H 187 -35.98 22.95 -16.29
N TRP H 188 -35.36 21.86 -16.77
CA TRP H 188 -35.29 21.47 -18.11
C TRP H 188 -36.32 20.43 -18.40
N LEU H 189 -37.09 20.68 -19.45
CA LEU H 189 -38.07 19.74 -20.06
C LEU H 189 -37.38 18.73 -20.98
N VAL H 190 -37.37 17.47 -20.58
CA VAL H 190 -36.60 16.39 -21.23
C VAL H 190 -37.50 15.33 -21.83
N LYS H 191 -37.19 15.03 -23.11
CA LYS H 191 -37.85 13.92 -23.76
C LYS H 191 -36.97 12.70 -23.61
N ASN H 192 -37.48 11.63 -23.03
CA ASN H 192 -36.83 10.40 -22.86
C ASN H 192 -37.29 9.48 -24.01
N SER H 193 -36.68 8.31 -24.12
CA SER H 193 -36.99 7.23 -25.13
C SER H 193 -37.37 5.89 -24.47
N TRP H 194 -38.03 6.04 -23.32
CA TRP H 194 -38.58 4.87 -22.59
C TRP H 194 -40.06 4.73 -22.68
N GLY H 195 -40.63 5.07 -23.80
CA GLY H 195 -42.07 5.03 -23.94
C GLY H 195 -42.84 6.09 -23.29
N LEU H 196 -44.15 6.11 -23.63
CA LEU H 196 -44.98 7.16 -23.06
C LEU H 196 -45.32 6.89 -21.58
N ASN H 197 -45.05 5.69 -21.11
CA ASN H 197 -45.37 5.30 -19.73
C ASN H 197 -44.28 5.52 -18.75
N PHE H 198 -43.19 6.12 -19.26
CA PHE H 198 -42.19 6.64 -18.42
C PHE H 198 -42.57 8.01 -18.07
N GLY H 199 -42.28 8.40 -16.84
CA GLY H 199 -42.52 9.64 -16.37
C GLY H 199 -43.80 10.32 -16.59
N ASP H 200 -43.72 11.55 -17.12
CA ASP H 200 -44.94 12.28 -17.45
C ASP H 200 -45.25 12.17 -18.93
N GLN H 201 -46.11 11.23 -19.33
CA GLN H 201 -46.21 10.93 -20.79
C GLN H 201 -44.87 10.90 -21.62
N GLY H 202 -43.84 10.35 -20.99
CA GLY H 202 -42.56 10.06 -21.65
C GLY H 202 -41.60 11.22 -21.35
N TYR H 203 -42.01 12.24 -20.62
CA TYR H 203 -41.18 13.39 -20.25
C TYR H 203 -40.78 13.41 -18.75
N ILE H 204 -39.68 14.14 -18.46
CA ILE H 204 -39.30 14.40 -17.07
C ILE H 204 -38.76 15.78 -16.98
N ARG H 205 -39.14 16.51 -15.97
CA ARG H 205 -38.69 17.90 -15.73
C ARG H 205 -37.55 17.72 -14.72
N MET H 206 -36.32 18.06 -15.14
CA MET H 206 -35.13 17.90 -14.32
C MET H 206 -34.60 19.30 -13.75
N ALA H 207 -33.99 19.26 -12.59
CA ALA H 207 -33.55 20.47 -11.92
C ALA H 207 -32.56 21.22 -12.90
N ARG H 208 -32.86 22.50 -13.07
CA ARG H 208 -32.07 23.49 -13.79
C ARG H 208 -31.52 24.56 -12.84
N ASN H 209 -30.29 25.03 -13.18
CA ASN H 209 -29.61 26.10 -12.34
C ASN H 209 -29.37 25.64 -10.88
N ASN H 210 -29.22 24.30 -10.78
CA ASN H 210 -28.71 23.64 -9.52
C ASN H 210 -27.41 22.78 -9.78
N LYS H 211 -26.32 23.49 -10.06
CA LYS H 211 -24.98 22.98 -9.98
C LYS H 211 -24.77 21.87 -11.03
N ASN H 212 -25.44 22.05 -12.22
CA ASN H 212 -25.32 21.04 -13.34
C ASN H 212 -25.81 19.68 -12.95
N HIS H 213 -27.03 19.67 -12.40
CA HIS H 213 -27.63 18.47 -11.84
C HIS H 213 -27.60 17.35 -12.82
N CYS H 214 -27.34 16.21 -12.29
CA CYS H 214 -27.16 15.04 -13.12
C CYS H 214 -26.27 15.14 -14.40
N GLY H 215 -25.30 16.08 -14.44
CA GLY H 215 -24.50 16.26 -15.64
C GLY H 215 -25.19 16.90 -16.88
N ILE H 216 -26.41 17.43 -16.73
CA ILE H 216 -27.28 17.90 -17.88
C ILE H 216 -26.60 18.79 -18.88
N ALA H 217 -25.73 19.68 -18.39
CA ALA H 217 -25.10 20.62 -19.30
C ALA H 217 -23.70 20.22 -19.65
N SER H 218 -23.32 18.98 -19.35
CA SER H 218 -21.92 18.58 -19.51
C SER H 218 -21.59 18.35 -20.97
N TYR H 219 -22.45 17.66 -21.69
CA TYR H 219 -22.17 17.12 -22.98
C TYR H 219 -23.39 17.34 -23.87
N CYS H 220 -23.55 18.59 -24.23
CA CYS H 220 -24.73 19.04 -25.07
C CYS H 220 -24.41 19.46 -26.50
N SER H 221 -25.26 19.03 -27.44
CA SER H 221 -25.00 19.27 -28.87
C SER H 221 -26.24 19.39 -29.65
N TYR H 222 -26.22 20.05 -30.82
CA TYR H 222 -27.41 20.14 -31.63
C TYR H 222 -26.92 20.35 -33.04
N PRO H 223 -27.70 19.92 -34.03
CA PRO H 223 -27.33 19.79 -35.40
C PRO H 223 -27.73 21.03 -36.12
N GLU H 224 -27.04 21.21 -37.25
CA GLU H 224 -27.38 22.23 -38.19
C GLU H 224 -27.56 21.66 -39.56
N ILE H 225 -28.77 21.92 -40.10
CA ILE H 225 -29.15 21.71 -41.51
C ILE H 225 -28.76 22.91 -42.39
#